data_2WC4
#
_entry.id   2WC4
#
_cell.length_a   89.872
_cell.length_b   73.287
_cell.length_c   137.979
_cell.angle_alpha   90.00
_cell.angle_beta   94.17
_cell.angle_gamma   90.00
#
_symmetry.space_group_name_H-M   'P 1 21 1'
#
loop_
_entity.id
_entity.type
_entity.pdbx_description
1 polymer 'BETA-GLUCOSIDASE A'
2 non-polymer (3Z,5S,6R,7S,8R,8aS)-3-(octylimino)hexahydro[1,3]thiazolo[3,4-a]pyridine-5,6,7,8-tetrol
3 non-polymer 1,2-ETHANEDIOL
4 non-polymer 'ACETATE ION'
5 non-polymer 'CALCIUM ION'
6 water water
#
_entity_poly.entity_id   1
_entity_poly.type   'polypeptide(L)'
_entity_poly.pdbx_seq_one_letter_code
;MGSSHHHHHHSSGLVPRGSHMASNVKKFPEGFLWGVATASYQIEGSPLADGAGMSIWHTFSHTPGNVKNGDTGDVACDHY
NRWKEDIEIIEKLGVKAYRFSISWPRILPEGTGRVNQKGLDFYNRIIDTLLEKGITPFVTIYHWDLPFALQLKGGWANRE
IADWFAEYSRVLFENFGDRVKNWITLNEPWVVAIVGHLYGVHAPGMRDIYVAFRAVHNLLRAHARAVKVFRETVKDGKIG
IVFNNGYFEPASEKEEDIRAVRFMHQFNNYPLFLNPIYRGDYPELVLEFAREYLPENYKDDMSEIQEKIDFVGLNYYSGH
LVKFDPDAPAKVSFVERDLPKTAMGWEIVPEGIYWILKKVKEEYNPPEVYITENGAAFDDVVSEDGRVHDQNRIDYLKAH
IGQAWKAIQEGVPLKGYFVWSLLDNFEWAEGYSKRFGIVYVDYSTQKRIVKDSGYWYSNVVKNNGLED
;
_entity_poly.pdbx_strand_id   A,B,C,D
#
# COMPACT_ATOMS: atom_id res chain seq x y z
N VAL A 25 -30.60 -37.79 -23.61
CA VAL A 25 -29.75 -38.04 -24.81
C VAL A 25 -29.33 -36.75 -25.49
N LYS A 26 -28.04 -36.66 -25.83
CA LYS A 26 -27.49 -35.49 -26.53
C LYS A 26 -26.74 -35.98 -27.75
N LYS A 27 -27.45 -36.00 -28.88
CA LYS A 27 -26.93 -36.45 -30.15
C LYS A 27 -26.29 -35.30 -30.90
N PHE A 28 -25.18 -35.59 -31.55
CA PHE A 28 -24.44 -34.55 -32.27
C PHE A 28 -24.91 -34.54 -33.71
N PRO A 29 -24.54 -33.48 -34.45
CA PRO A 29 -24.88 -33.41 -35.87
C PRO A 29 -24.36 -34.59 -36.66
N GLU A 30 -25.04 -34.93 -37.75
CA GLU A 30 -24.59 -35.97 -38.62
C GLU A 30 -23.24 -35.56 -39.25
N GLY A 31 -22.26 -36.45 -39.25
CA GLY A 31 -21.00 -36.09 -39.87
C GLY A 31 -20.05 -35.47 -38.84
N PHE A 32 -20.52 -35.29 -37.61
CA PHE A 32 -19.62 -34.73 -36.56
C PHE A 32 -18.35 -35.57 -36.41
N LEU A 33 -17.18 -34.92 -36.30
CA LEU A 33 -15.93 -35.64 -36.24
C LEU A 33 -15.42 -35.83 -34.83
N TRP A 34 -15.37 -37.07 -34.34
CA TRP A 34 -14.82 -37.33 -33.01
C TRP A 34 -13.38 -37.75 -33.16
N GLY A 35 -12.48 -37.06 -32.46
CA GLY A 35 -11.08 -37.37 -32.64
C GLY A 35 -10.31 -37.56 -31.34
N VAL A 36 -9.05 -37.90 -31.49
CA VAL A 36 -8.10 -37.88 -30.38
C VAL A 36 -6.84 -37.19 -30.90
N ALA A 37 -5.99 -36.70 -29.99
CA ALA A 37 -4.89 -35.81 -30.38
C ALA A 37 -3.62 -36.18 -29.65
N THR A 38 -2.53 -36.06 -30.38
CA THR A 38 -1.14 -36.19 -29.88
C THR A 38 -0.24 -35.07 -30.48
N ALA A 39 1.01 -35.01 -30.03
CA ALA A 39 2.05 -34.18 -30.68
C ALA A 39 3.34 -35.01 -30.80
N SER A 40 4.13 -34.72 -31.82
CA SER A 40 5.33 -35.51 -32.17
C SER A 40 6.31 -35.69 -31.00
N TYR A 41 6.79 -34.59 -30.41
CA TYR A 41 7.80 -34.76 -29.35
C TYR A 41 7.21 -35.44 -28.09
N GLN A 42 5.93 -35.27 -27.84
CA GLN A 42 5.35 -35.86 -26.62
C GLN A 42 5.23 -37.39 -26.73
N ILE A 43 5.14 -37.93 -27.94
CA ILE A 43 4.94 -39.38 -28.07
C ILE A 43 5.99 -40.23 -28.83
N GLU A 44 6.75 -39.65 -29.75
CA GLU A 44 7.57 -40.46 -30.66
C GLU A 44 8.78 -41.13 -30.03
N GLY A 45 9.51 -40.38 -29.23
CA GLY A 45 10.87 -40.81 -28.88
C GLY A 45 11.73 -40.86 -30.16
N SER A 46 12.94 -41.44 -30.06
CA SER A 46 13.88 -41.53 -31.19
C SER A 46 14.04 -40.18 -31.91
N PRO A 47 14.28 -39.13 -31.12
CA PRO A 47 14.40 -37.79 -31.71
C PRO A 47 15.49 -37.62 -32.79
N LEU A 48 16.52 -38.47 -32.79
CA LEU A 48 17.69 -38.31 -33.66
C LEU A 48 17.80 -39.43 -34.71
N ALA A 49 16.81 -40.32 -34.72
CA ALA A 49 16.81 -41.45 -35.62
C ALA A 49 16.77 -41.03 -37.08
N ASP A 50 17.39 -41.82 -37.93
CA ASP A 50 17.18 -41.71 -39.37
C ASP A 50 17.45 -40.31 -39.88
N GLY A 51 18.49 -39.68 -39.34
CA GLY A 51 18.99 -38.42 -39.87
C GLY A 51 18.23 -37.17 -39.43
N ALA A 52 17.35 -37.31 -38.45
CA ALA A 52 16.67 -36.11 -37.94
C ALA A 52 17.65 -35.12 -37.29
N GLY A 53 17.33 -33.83 -37.38
CA GLY A 53 18.12 -32.83 -36.69
C GLY A 53 17.58 -32.64 -35.29
N MET A 54 18.36 -32.02 -34.42
CA MET A 54 17.84 -31.82 -33.07
C MET A 54 16.72 -30.79 -33.07
N SER A 55 15.87 -30.87 -32.08
CA SER A 55 14.84 -29.82 -31.88
C SER A 55 15.18 -29.03 -30.64
N ILE A 56 14.47 -27.91 -30.46
CA ILE A 56 14.67 -27.13 -29.23
C ILE A 56 14.13 -27.82 -28.00
N TRP A 57 13.26 -28.82 -28.18
CA TRP A 57 12.82 -29.58 -27.03
C TRP A 57 13.79 -30.67 -26.66
N HIS A 58 14.50 -31.23 -27.64
CA HIS A 58 15.61 -32.13 -27.30
C HIS A 58 16.65 -31.36 -26.49
N THR A 59 17.07 -30.18 -26.94
CA THR A 59 18.13 -29.45 -26.20
C THR A 59 17.65 -28.91 -24.84
N PHE A 60 16.43 -28.40 -24.82
CA PHE A 60 15.79 -27.91 -23.59
C PHE A 60 15.67 -29.00 -22.54
N SER A 61 15.11 -30.17 -22.91
CA SER A 61 14.90 -31.21 -21.91
C SER A 61 16.23 -31.84 -21.54
N HIS A 62 17.25 -31.73 -22.40
CA HIS A 62 18.56 -32.26 -21.99
C HIS A 62 19.36 -31.28 -21.14
N THR A 63 18.74 -30.16 -20.79
CA THR A 63 19.40 -29.20 -19.93
C THR A 63 18.94 -29.40 -18.50
N PRO A 64 19.88 -29.59 -17.58
CA PRO A 64 19.42 -29.82 -16.23
C PRO A 64 18.55 -28.70 -15.70
N GLY A 65 17.52 -29.10 -14.95
CA GLY A 65 16.66 -28.15 -14.23
C GLY A 65 15.42 -27.71 -14.98
N ASN A 66 15.31 -28.05 -16.27
CA ASN A 66 14.17 -27.52 -17.06
C ASN A 66 12.91 -28.40 -17.03
N VAL A 67 13.08 -29.68 -16.77
CA VAL A 67 11.94 -30.60 -16.83
C VAL A 67 11.89 -31.44 -15.55
N LYS A 68 10.73 -31.59 -14.94
CA LYS A 68 10.61 -32.40 -13.72
CA LYS A 68 10.62 -32.41 -13.73
C LYS A 68 11.29 -33.78 -13.86
N ASN A 69 12.02 -34.18 -12.82
CA ASN A 69 12.69 -35.48 -12.80
C ASN A 69 13.77 -35.70 -13.85
N GLY A 70 14.15 -34.65 -14.55
CA GLY A 70 15.08 -34.79 -15.65
C GLY A 70 14.53 -35.60 -16.80
N ASP A 71 13.21 -35.62 -16.94
CA ASP A 71 12.63 -36.35 -18.04
C ASP A 71 12.94 -35.73 -19.41
N THR A 72 13.05 -36.55 -20.44
CA THR A 72 13.25 -36.03 -21.80
C THR A 72 12.30 -36.75 -22.73
N GLY A 73 12.26 -36.31 -23.98
CA GLY A 73 11.46 -37.02 -24.98
C GLY A 73 12.30 -38.07 -25.73
N ASP A 74 13.39 -38.56 -25.12
CA ASP A 74 14.27 -39.50 -25.83
C ASP A 74 13.55 -40.81 -26.24
N VAL A 75 12.65 -41.26 -25.38
CA VAL A 75 11.90 -42.49 -25.65
C VAL A 75 10.39 -42.25 -25.65
N ALA A 76 9.85 -41.55 -24.64
CA ALA A 76 8.45 -41.16 -24.63
C ALA A 76 7.59 -42.42 -24.73
N CYS A 77 6.66 -42.44 -25.67
CA CYS A 77 5.77 -43.61 -25.89
C CYS A 77 6.31 -44.54 -26.97
N ASP A 78 7.52 -44.25 -27.45
CA ASP A 78 8.17 -45.04 -28.49
C ASP A 78 7.21 -45.21 -29.70
N HIS A 79 6.44 -44.18 -29.96
CA HIS A 79 5.49 -44.18 -31.07
C HIS A 79 6.26 -44.23 -32.41
N TYR A 80 7.52 -43.78 -32.43
CA TYR A 80 8.34 -43.92 -33.63
C TYR A 80 8.37 -45.37 -34.10
N ASN A 81 8.42 -46.31 -33.15
CA ASN A 81 8.38 -47.74 -33.50
C ASN A 81 7.02 -48.41 -33.38
N ARG A 82 6.11 -47.82 -32.61
CA ARG A 82 4.83 -48.49 -32.26
C ARG A 82 3.61 -47.83 -32.91
N TRP A 83 3.87 -46.96 -33.88
CA TRP A 83 2.83 -46.18 -34.50
C TRP A 83 1.68 -47.09 -35.00
N LYS A 84 2.02 -48.23 -35.57
CA LYS A 84 0.95 -49.05 -36.18
C LYS A 84 0.00 -49.54 -35.08
N GLU A 85 0.56 -50.05 -33.98
CA GLU A 85 -0.27 -50.49 -32.86
C GLU A 85 -1.14 -49.36 -32.34
N ASP A 86 -0.59 -48.14 -32.30
CA ASP A 86 -1.32 -47.02 -31.70
C ASP A 86 -2.49 -46.62 -32.63
N ILE A 87 -2.25 -46.67 -33.93
CA ILE A 87 -3.31 -46.45 -34.91
C ILE A 87 -4.35 -47.58 -34.84
N GLU A 88 -3.90 -48.80 -34.57
CA GLU A 88 -4.85 -49.89 -34.43
C GLU A 88 -5.76 -49.69 -33.19
N ILE A 89 -5.24 -49.02 -32.15
CA ILE A 89 -6.08 -48.70 -31.01
C ILE A 89 -7.15 -47.67 -31.39
N ILE A 90 -6.78 -46.62 -32.12
CA ILE A 90 -7.73 -45.61 -32.58
C ILE A 90 -8.87 -46.31 -33.34
N GLU A 91 -8.44 -47.19 -34.27
CA GLU A 91 -9.38 -48.01 -35.05
C GLU A 91 -10.29 -48.88 -34.20
N LYS A 92 -9.73 -49.65 -33.26
CA LYS A 92 -10.51 -50.47 -32.36
C LYS A 92 -11.53 -49.65 -31.55
N LEU A 93 -11.15 -48.43 -31.17
CA LEU A 93 -12.05 -47.55 -30.40
C LEU A 93 -13.12 -46.91 -31.27
N GLY A 94 -12.97 -47.04 -32.59
CA GLY A 94 -13.94 -46.47 -33.54
C GLY A 94 -13.78 -44.97 -33.75
N VAL A 95 -12.67 -44.42 -33.25
CA VAL A 95 -12.44 -42.99 -33.35
C VAL A 95 -12.22 -42.60 -34.81
N LYS A 96 -12.84 -41.49 -35.21
CA LYS A 96 -12.86 -41.19 -36.63
C LYS A 96 -11.82 -40.21 -37.14
N ALA A 97 -11.13 -39.47 -36.25
CA ALA A 97 -10.10 -38.54 -36.72
C ALA A 97 -8.94 -38.55 -35.76
N TYR A 98 -7.77 -38.38 -36.32
CA TYR A 98 -6.56 -38.37 -35.49
C TYR A 98 -5.80 -37.08 -35.78
N ARG A 99 -5.66 -36.22 -34.77
CA ARG A 99 -4.84 -34.99 -34.83
C ARG A 99 -3.46 -35.35 -34.30
N PHE A 100 -2.46 -35.23 -35.15
CA PHE A 100 -1.08 -35.49 -34.79
C PHE A 100 -0.19 -34.41 -35.37
N SER A 101 1.03 -34.29 -34.85
CA SER A 101 1.88 -33.25 -35.38
C SER A 101 3.12 -33.85 -36.04
N ILE A 102 3.76 -33.05 -36.89
CA ILE A 102 4.94 -33.49 -37.61
C ILE A 102 6.16 -32.76 -37.06
N SER A 103 7.20 -33.51 -36.80
CA SER A 103 8.47 -32.96 -36.34
C SER A 103 9.22 -32.29 -37.48
N TRP A 104 9.25 -30.94 -37.44
CA TRP A 104 9.96 -30.15 -38.43
C TRP A 104 11.40 -30.68 -38.65
N PRO A 105 12.20 -30.91 -37.57
CA PRO A 105 13.56 -31.35 -37.91
C PRO A 105 13.73 -32.79 -38.38
N ARG A 106 12.68 -33.62 -38.32
CA ARG A 106 12.77 -34.93 -38.97
C ARG A 106 12.70 -34.73 -40.48
N ILE A 107 12.00 -33.68 -40.91
CA ILE A 107 11.74 -33.39 -42.33
C ILE A 107 12.87 -32.55 -42.94
N LEU A 108 13.22 -31.46 -42.24
CA LEU A 108 14.35 -30.63 -42.61
C LEU A 108 15.26 -30.49 -41.39
N PRO A 109 16.29 -31.34 -41.32
CA PRO A 109 17.19 -31.42 -40.18
C PRO A 109 17.90 -30.10 -39.88
N GLU A 110 18.16 -29.27 -40.90
CA GLU A 110 18.73 -27.92 -40.65
C GLU A 110 17.69 -26.80 -40.70
N GLY A 111 16.41 -27.18 -40.69
CA GLY A 111 15.36 -26.15 -40.65
C GLY A 111 14.91 -25.73 -42.03
N THR A 112 15.87 -25.49 -42.92
CA THR A 112 15.55 -25.21 -44.31
C THR A 112 16.54 -26.05 -45.14
N GLY A 113 16.27 -26.15 -46.44
CA GLY A 113 17.20 -26.80 -47.34
C GLY A 113 16.92 -28.26 -47.57
N ARG A 114 17.90 -29.09 -47.27
CA ARG A 114 17.84 -30.52 -47.57
CA ARG A 114 17.79 -30.49 -47.63
C ARG A 114 16.66 -31.24 -46.89
N VAL A 115 15.84 -31.93 -47.68
CA VAL A 115 14.72 -32.71 -47.12
C VAL A 115 15.19 -34.14 -46.76
N ASN A 116 14.85 -34.58 -45.55
CA ASN A 116 15.21 -35.92 -45.07
C ASN A 116 14.09 -36.91 -45.44
N GLN A 117 14.41 -37.75 -46.42
CA GLN A 117 13.42 -38.66 -47.01
C GLN A 117 12.87 -39.63 -45.99
N LYS A 118 13.69 -40.03 -45.03
CA LYS A 118 13.22 -41.01 -44.06
C LYS A 118 12.26 -40.39 -43.08
N GLY A 119 12.35 -39.07 -42.94
CA GLY A 119 11.37 -38.34 -42.14
C GLY A 119 10.02 -38.34 -42.83
N LEU A 120 10.05 -38.11 -44.13
CA LEU A 120 8.83 -38.20 -44.95
C LEU A 120 8.27 -39.63 -44.96
N ASP A 121 9.13 -40.63 -45.01
CA ASP A 121 8.68 -42.02 -44.96
C ASP A 121 7.87 -42.31 -43.69
N PHE A 122 8.41 -41.89 -42.55
CA PHE A 122 7.71 -42.12 -41.28
C PHE A 122 6.28 -41.63 -41.29
N TYR A 123 6.05 -40.39 -41.71
CA TYR A 123 4.69 -39.83 -41.58
C TYR A 123 3.83 -40.35 -42.73
N ASN A 124 4.46 -40.69 -43.84
CA ASN A 124 3.71 -41.30 -44.97
C ASN A 124 3.04 -42.61 -44.57
N ARG A 125 3.78 -43.47 -43.88
CA ARG A 125 3.22 -44.75 -43.41
C ARG A 125 2.08 -44.49 -42.45
N ILE A 126 2.24 -43.51 -41.58
CA ILE A 126 1.15 -43.15 -40.71
C ILE A 126 -0.09 -42.70 -41.49
N ILE A 127 0.10 -41.77 -42.44
CA ILE A 127 -1.01 -41.21 -43.17
C ILE A 127 -1.72 -42.30 -43.96
N ASP A 128 -0.96 -43.11 -44.67
CA ASP A 128 -1.54 -44.19 -45.49
C ASP A 128 -2.32 -45.17 -44.61
N THR A 129 -1.83 -45.45 -43.42
CA THR A 129 -2.48 -46.41 -42.54
C THR A 129 -3.79 -45.85 -42.05
N LEU A 130 -3.79 -44.57 -41.71
CA LEU A 130 -4.98 -43.95 -41.22
C LEU A 130 -6.05 -44.02 -42.30
N LEU A 131 -5.69 -43.63 -43.53
CA LEU A 131 -6.63 -43.67 -44.63
C LEU A 131 -7.17 -45.07 -44.88
N GLU A 132 -6.30 -46.08 -44.84
CA GLU A 132 -6.77 -47.45 -45.04
C GLU A 132 -7.85 -47.83 -44.04
N LYS A 133 -7.73 -47.31 -42.82
CA LYS A 133 -8.65 -47.68 -41.74
C LYS A 133 -9.81 -46.70 -41.56
N GLY A 134 -9.91 -45.73 -42.45
CA GLY A 134 -11.01 -44.77 -42.46
C GLY A 134 -10.94 -43.68 -41.41
N ILE A 135 -9.74 -43.39 -40.93
CA ILE A 135 -9.54 -42.40 -39.87
C ILE A 135 -9.04 -41.14 -40.59
N THR A 136 -9.68 -39.99 -40.33
CA THR A 136 -9.29 -38.74 -41.01
C THR A 136 -8.07 -38.10 -40.32
N PRO A 137 -6.94 -37.89 -41.03
CA PRO A 137 -5.78 -37.16 -40.43
C PRO A 137 -6.06 -35.65 -40.31
N PHE A 138 -5.71 -35.08 -39.15
CA PHE A 138 -5.62 -33.63 -39.01
C PHE A 138 -4.16 -33.42 -38.63
N VAL A 139 -3.39 -32.75 -39.51
CA VAL A 139 -1.99 -32.58 -39.31
C VAL A 139 -1.70 -31.20 -38.72
N THR A 140 -1.06 -31.19 -37.55
CA THR A 140 -0.53 -29.95 -36.97
CA THR A 140 -0.55 -29.94 -37.01
C THR A 140 0.89 -29.77 -37.48
N ILE A 141 1.15 -28.70 -38.22
CA ILE A 141 2.45 -28.44 -38.83
C ILE A 141 3.49 -28.12 -37.74
N TYR A 142 3.09 -27.34 -36.73
CA TYR A 142 4.04 -26.94 -35.70
C TYR A 142 3.47 -27.13 -34.29
N HIS A 143 3.99 -28.14 -33.58
CA HIS A 143 3.60 -28.37 -32.20
C HIS A 143 4.87 -28.36 -31.31
N TRP A 144 5.69 -27.32 -31.54
CA TRP A 144 6.66 -26.75 -30.56
C TRP A 144 8.09 -27.27 -30.72
N ASP A 145 8.29 -28.28 -31.55
CA ASP A 145 9.63 -28.81 -31.77
C ASP A 145 10.40 -28.14 -32.93
N LEU A 146 10.69 -26.84 -32.76
CA LEU A 146 11.45 -26.07 -33.76
C LEU A 146 12.80 -26.71 -33.98
N PRO A 147 13.25 -26.77 -35.23
CA PRO A 147 14.62 -27.26 -35.38
C PRO A 147 15.63 -26.39 -34.62
N PHE A 148 16.55 -27.04 -33.94
CA PHE A 148 17.58 -26.31 -33.17
C PHE A 148 18.40 -25.42 -34.04
N ALA A 149 18.69 -25.87 -35.25
CA ALA A 149 19.43 -25.06 -36.22
C ALA A 149 18.80 -23.68 -36.38
N LEU A 150 17.46 -23.61 -36.36
CA LEU A 150 16.80 -22.32 -36.53
C LEU A 150 16.85 -21.48 -35.27
N GLN A 151 16.89 -22.15 -34.11
CA GLN A 151 16.97 -21.39 -32.83
C GLN A 151 18.33 -20.70 -32.76
N LEU A 152 19.36 -21.32 -33.33
CA LEU A 152 20.69 -20.66 -33.41
C LEU A 152 20.61 -19.31 -34.16
N LYS A 153 19.65 -19.19 -35.08
CA LYS A 153 19.44 -17.96 -35.82
CA LYS A 153 19.44 -17.96 -35.82
C LYS A 153 18.32 -17.11 -35.23
N GLY A 154 17.94 -17.38 -33.98
CA GLY A 154 16.93 -16.54 -33.36
C GLY A 154 15.53 -17.12 -33.22
N GLY A 155 15.29 -18.22 -33.92
CA GLY A 155 14.01 -18.91 -33.89
C GLY A 155 12.85 -17.95 -34.15
N TRP A 156 11.83 -17.94 -33.27
CA TRP A 156 10.65 -17.13 -33.51
C TRP A 156 10.90 -15.64 -33.34
N ALA A 157 12.05 -15.29 -32.76
CA ALA A 157 12.37 -13.89 -32.62
C ALA A 157 12.82 -13.30 -33.97
N ASN A 158 13.18 -14.12 -34.95
CA ASN A 158 13.77 -13.61 -36.21
C ASN A 158 12.68 -13.48 -37.27
N ARG A 159 12.47 -12.30 -37.86
CA ARG A 159 11.50 -12.14 -38.94
C ARG A 159 11.58 -13.17 -40.03
N GLU A 160 12.79 -13.62 -40.38
CA GLU A 160 12.97 -14.59 -41.45
C GLU A 160 12.25 -15.92 -41.19
N ILE A 161 11.83 -16.18 -39.94
CA ILE A 161 11.11 -17.42 -39.69
C ILE A 161 9.82 -17.51 -40.52
N ALA A 162 9.23 -16.39 -40.93
CA ALA A 162 8.05 -16.51 -41.81
C ALA A 162 8.42 -17.25 -43.13
N ASP A 163 9.60 -16.97 -43.67
CA ASP A 163 10.12 -17.69 -44.85
C ASP A 163 10.45 -19.14 -44.54
N TRP A 164 11.17 -19.35 -43.43
CA TRP A 164 11.55 -20.71 -43.07
C TRP A 164 10.29 -21.55 -42.95
N PHE A 165 9.28 -20.99 -42.30
CA PHE A 165 8.10 -21.75 -41.97
C PHE A 165 7.29 -22.02 -43.22
N ALA A 166 7.22 -21.03 -44.10
CA ALA A 166 6.49 -21.21 -45.36
C ALA A 166 7.11 -22.31 -46.17
N GLU A 167 8.43 -22.34 -46.22
CA GLU A 167 9.21 -23.38 -46.93
CA GLU A 167 9.07 -23.38 -47.01
C GLU A 167 8.90 -24.76 -46.40
N TYR A 168 8.99 -24.89 -45.08
CA TYR A 168 8.74 -26.16 -44.43
C TYR A 168 7.31 -26.60 -44.75
N SER A 169 6.37 -25.69 -44.56
CA SER A 169 4.95 -25.98 -44.86
C SER A 169 4.79 -26.45 -46.33
N ARG A 170 5.46 -25.79 -47.25
CA ARG A 170 5.43 -26.23 -48.67
C ARG A 170 5.83 -27.68 -48.86
N VAL A 171 6.97 -28.08 -48.26
CA VAL A 171 7.40 -29.48 -48.28
C VAL A 171 6.28 -30.40 -47.77
N LEU A 172 5.60 -30.05 -46.67
CA LEU A 172 4.56 -30.92 -46.17
C LEU A 172 3.36 -30.97 -47.12
N PHE A 173 2.98 -29.81 -47.66
CA PHE A 173 1.79 -29.74 -48.52
C PHE A 173 2.04 -30.53 -49.81
N GLU A 174 3.25 -30.42 -50.34
CA GLU A 174 3.58 -31.14 -51.60
C GLU A 174 3.63 -32.67 -51.39
N ASN A 175 4.20 -33.09 -50.28
CA ASN A 175 4.37 -34.50 -50.00
C ASN A 175 3.12 -35.19 -49.46
N PHE A 176 2.29 -34.46 -48.71
CA PHE A 176 1.13 -35.09 -48.07
C PHE A 176 -0.25 -34.54 -48.44
N GLY A 177 -0.30 -33.49 -49.25
CA GLY A 177 -1.54 -32.76 -49.47
C GLY A 177 -2.47 -33.50 -50.41
N ASP A 178 -1.94 -34.51 -51.10
CA ASP A 178 -2.77 -35.39 -51.92
CA ASP A 178 -2.73 -35.42 -51.91
C ASP A 178 -3.70 -36.22 -51.04
N ARG A 179 -3.20 -36.62 -49.87
CA ARG A 179 -3.92 -37.49 -48.95
C ARG A 179 -4.47 -36.75 -47.75
N VAL A 180 -3.73 -35.74 -47.25
CA VAL A 180 -4.15 -35.02 -46.07
C VAL A 180 -4.83 -33.72 -46.46
N LYS A 181 -6.07 -33.53 -46.05
CA LYS A 181 -6.87 -32.41 -46.49
C LYS A 181 -7.27 -31.49 -45.35
N ASN A 182 -6.81 -31.76 -44.11
CA ASN A 182 -7.16 -30.95 -42.92
C ASN A 182 -5.89 -30.62 -42.13
N TRP A 183 -5.53 -29.34 -42.13
CA TRP A 183 -4.22 -28.86 -41.68
C TRP A 183 -4.34 -27.77 -40.65
N ILE A 184 -3.40 -27.76 -39.72
CA ILE A 184 -3.31 -26.74 -38.69
C ILE A 184 -1.90 -26.16 -38.74
N THR A 185 -1.79 -24.84 -38.87
CA THR A 185 -0.48 -24.19 -38.95
C THR A 185 0.30 -24.33 -37.66
N LEU A 186 -0.27 -23.73 -36.61
CA LEU A 186 0.35 -23.64 -35.29
C LEU A 186 -0.49 -24.10 -34.12
N ASN A 187 0.14 -24.84 -33.21
CA ASN A 187 -0.52 -25.16 -31.97
C ASN A 187 -0.13 -24.13 -30.97
N GLU A 188 -1.15 -23.37 -30.53
CA GLU A 188 -1.09 -22.49 -29.39
C GLU A 188 0.06 -21.48 -29.46
N PRO A 189 0.00 -20.55 -30.43
CA PRO A 189 1.07 -19.59 -30.55
C PRO A 189 1.27 -18.71 -29.29
N TRP A 190 0.21 -18.48 -28.51
CA TRP A 190 0.34 -17.75 -27.25
C TRP A 190 1.33 -18.48 -26.36
N VAL A 191 1.16 -19.79 -26.26
CA VAL A 191 2.09 -20.57 -25.43
C VAL A 191 3.53 -20.56 -25.98
N VAL A 192 3.70 -20.75 -27.29
CA VAL A 192 5.01 -20.74 -27.91
C VAL A 192 5.72 -19.42 -27.56
N ALA A 193 5.00 -18.31 -27.71
CA ALA A 193 5.59 -17.00 -27.47
C ALA A 193 5.82 -16.71 -25.99
N ILE A 194 4.72 -16.70 -25.22
CA ILE A 194 4.74 -16.24 -23.84
C ILE A 194 5.36 -17.26 -22.89
N VAL A 195 4.93 -18.52 -22.96
CA VAL A 195 5.55 -19.53 -22.07
C VAL A 195 6.99 -19.88 -22.49
N GLY A 196 7.26 -19.89 -23.80
CA GLY A 196 8.59 -20.20 -24.29
C GLY A 196 9.59 -19.03 -24.18
N HIS A 197 9.11 -17.78 -24.28
CA HIS A 197 10.04 -16.66 -24.36
C HIS A 197 9.84 -15.56 -23.32
N LEU A 198 8.79 -15.59 -22.51
CA LEU A 198 8.63 -14.62 -21.42
C LEU A 198 8.72 -15.32 -20.06
N TYR A 199 7.99 -16.40 -19.89
CA TYR A 199 8.07 -17.13 -18.63
C TYR A 199 9.28 -18.05 -18.57
N GLY A 200 9.77 -18.45 -19.73
CA GLY A 200 10.95 -19.30 -19.91
C GLY A 200 10.74 -20.76 -19.44
N VAL A 201 9.49 -21.18 -19.29
CA VAL A 201 9.11 -22.49 -18.72
C VAL A 201 9.15 -23.55 -19.80
N HIS A 202 8.91 -23.15 -21.05
CA HIS A 202 9.10 -23.99 -22.24
C HIS A 202 10.28 -23.60 -23.11
N ALA A 203 10.74 -24.52 -23.96
CA ALA A 203 11.79 -24.22 -24.93
C ALA A 203 11.39 -23.00 -25.78
N PRO A 204 12.33 -22.10 -26.08
CA PRO A 204 13.76 -22.24 -25.78
C PRO A 204 14.17 -21.68 -24.42
N GLY A 205 13.20 -21.37 -23.55
CA GLY A 205 13.44 -21.08 -22.11
C GLY A 205 13.87 -19.63 -21.82
N MET A 206 13.44 -18.71 -22.64
CA MET A 206 13.86 -17.33 -22.54
CA MET A 206 13.87 -17.32 -22.53
C MET A 206 12.92 -16.52 -21.64
N ARG A 207 13.45 -15.46 -21.00
CA ARG A 207 12.62 -14.52 -20.23
C ARG A 207 12.90 -13.08 -20.69
N ASP A 208 12.27 -12.70 -21.81
CA ASP A 208 12.50 -11.34 -22.39
C ASP A 208 11.21 -10.90 -23.07
N ILE A 209 10.55 -9.88 -22.52
CA ILE A 209 9.22 -9.51 -22.97
C ILE A 209 9.23 -8.92 -24.36
N TYR A 210 10.35 -8.35 -24.76
CA TYR A 210 10.45 -7.81 -26.10
C TYR A 210 10.57 -8.95 -27.10
N VAL A 211 11.37 -9.96 -26.78
CA VAL A 211 11.44 -11.14 -27.67
C VAL A 211 10.06 -11.82 -27.73
N ALA A 212 9.36 -11.91 -26.57
CA ALA A 212 8.10 -12.65 -26.53
C ALA A 212 7.10 -12.03 -27.50
N PHE A 213 7.02 -10.70 -27.52
CA PHE A 213 6.06 -10.06 -28.42
C PHE A 213 6.51 -10.06 -29.86
N ARG A 214 7.80 -10.07 -30.13
CA ARG A 214 8.21 -10.30 -31.50
CA ARG A 214 8.28 -10.31 -31.49
C ARG A 214 7.87 -11.71 -31.94
N ALA A 215 7.94 -12.67 -31.01
CA ALA A 215 7.52 -14.05 -31.35
C ALA A 215 6.05 -14.10 -31.75
N VAL A 216 5.19 -13.46 -30.95
CA VAL A 216 3.73 -13.41 -31.20
C VAL A 216 3.54 -12.92 -32.66
N HIS A 217 4.21 -11.83 -33.01
CA HIS A 217 4.04 -11.23 -34.32
C HIS A 217 4.58 -12.10 -35.46
N ASN A 218 5.75 -12.68 -35.25
CA ASN A 218 6.29 -13.57 -36.24
C ASN A 218 5.51 -14.87 -36.41
N LEU A 219 4.91 -15.37 -35.33
CA LEU A 219 4.04 -16.55 -35.44
C LEU A 219 2.87 -16.19 -36.37
N LEU A 220 2.29 -15.00 -36.14
CA LEU A 220 1.17 -14.59 -37.02
C LEU A 220 1.64 -14.50 -38.46
N ARG A 221 2.81 -13.92 -38.68
CA ARG A 221 3.32 -13.80 -40.06
C ARG A 221 3.60 -15.13 -40.70
N ALA A 222 4.20 -16.04 -39.94
CA ALA A 222 4.51 -17.38 -40.45
C ALA A 222 3.22 -18.16 -40.84
N HIS A 223 2.24 -18.10 -39.94
CA HIS A 223 0.95 -18.74 -40.11
C HIS A 223 0.38 -18.25 -41.42
N ALA A 224 0.36 -16.93 -41.62
CA ALA A 224 -0.37 -16.41 -42.78
C ALA A 224 0.36 -16.79 -44.07
N ARG A 225 1.68 -16.86 -44.00
CA ARG A 225 2.46 -17.21 -45.17
CA ARG A 225 2.50 -17.20 -45.15
C ARG A 225 2.28 -18.68 -45.54
N ALA A 226 2.20 -19.55 -44.52
CA ALA A 226 1.88 -20.96 -44.75
C ALA A 226 0.48 -21.11 -45.39
N VAL A 227 -0.48 -20.30 -44.99
CA VAL A 227 -1.85 -20.43 -45.58
C VAL A 227 -1.75 -20.02 -47.04
N LYS A 228 -1.06 -18.91 -47.30
CA LYS A 228 -0.82 -18.48 -48.71
C LYS A 228 -0.20 -19.60 -49.56
N VAL A 229 0.84 -20.26 -49.06
CA VAL A 229 1.42 -21.39 -49.76
C VAL A 229 0.39 -22.53 -49.93
N PHE A 230 -0.43 -22.76 -48.89
CA PHE A 230 -1.45 -23.82 -48.91
C PHE A 230 -2.44 -23.56 -50.06
N ARG A 231 -2.80 -22.29 -50.28
CA ARG A 231 -3.74 -22.01 -51.39
C ARG A 231 -3.14 -22.38 -52.75
N GLU A 232 -1.83 -22.30 -52.87
CA GLU A 232 -1.21 -22.66 -54.13
C GLU A 232 -1.05 -24.14 -54.33
N THR A 233 -1.01 -24.91 -53.24
CA THR A 233 -0.57 -26.30 -53.34
CA THR A 233 -0.57 -26.30 -53.36
C THR A 233 -1.66 -27.35 -53.12
N VAL A 234 -2.55 -27.08 -52.18
CA VAL A 234 -3.60 -28.04 -51.82
C VAL A 234 -4.94 -27.37 -52.06
N LYS A 235 -5.48 -27.54 -53.26
CA LYS A 235 -6.67 -26.75 -53.63
C LYS A 235 -7.97 -27.18 -53.01
N ASP A 236 -8.05 -28.45 -52.58
CA ASP A 236 -9.29 -28.97 -52.05
C ASP A 236 -9.25 -29.24 -50.53
N GLY A 237 -8.37 -28.50 -49.84
CA GLY A 237 -8.10 -28.78 -48.46
C GLY A 237 -8.54 -27.65 -47.59
N LYS A 238 -8.55 -27.91 -46.29
CA LYS A 238 -8.87 -26.88 -45.35
C LYS A 238 -7.71 -26.65 -44.41
N ILE A 239 -7.51 -25.39 -44.04
CA ILE A 239 -6.42 -25.03 -43.11
C ILE A 239 -6.90 -24.12 -41.99
N GLY A 240 -6.34 -24.31 -40.79
CA GLY A 240 -6.77 -23.54 -39.65
C GLY A 240 -5.61 -23.32 -38.69
N ILE A 241 -5.93 -22.92 -37.49
CA ILE A 241 -4.88 -22.60 -36.51
C ILE A 241 -5.51 -22.82 -35.18
N VAL A 242 -4.71 -23.19 -34.18
CA VAL A 242 -5.25 -23.63 -32.90
C VAL A 242 -4.82 -22.70 -31.77
N PHE A 243 -5.76 -22.32 -30.91
CA PHE A 243 -5.49 -21.42 -29.78
C PHE A 243 -5.78 -22.07 -28.44
N ASN A 244 -4.91 -21.83 -27.47
CA ASN A 244 -5.31 -22.12 -26.11
C ASN A 244 -6.33 -21.10 -25.62
N ASN A 245 -7.17 -21.49 -24.66
CA ASN A 245 -8.15 -20.58 -24.08
C ASN A 245 -8.50 -20.95 -22.66
N GLY A 246 -8.68 -19.96 -21.81
CA GLY A 246 -9.29 -20.21 -20.49
C GLY A 246 -10.58 -19.43 -20.35
N TYR A 247 -11.44 -19.86 -19.44
CA TYR A 247 -12.67 -19.15 -19.15
C TYR A 247 -12.42 -18.25 -17.95
N PHE A 248 -12.25 -16.96 -18.22
CA PHE A 248 -11.96 -16.01 -17.15
C PHE A 248 -13.23 -15.39 -16.61
N GLU A 249 -13.35 -15.40 -15.29
CA GLU A 249 -14.52 -14.82 -14.63
C GLU A 249 -14.10 -13.77 -13.60
N PRO A 250 -14.92 -12.73 -13.43
CA PRO A 250 -14.41 -11.68 -12.55
C PRO A 250 -14.64 -12.01 -11.09
N ALA A 251 -13.67 -11.67 -10.23
CA ALA A 251 -13.75 -11.99 -8.82
C ALA A 251 -14.88 -11.25 -8.12
N SER A 252 -15.28 -10.11 -8.69
CA SER A 252 -16.33 -9.27 -8.10
C SER A 252 -16.94 -8.44 -9.19
N GLU A 253 -17.92 -7.62 -8.84
CA GLU A 253 -18.54 -6.76 -9.84
C GLU A 253 -17.85 -5.40 -9.97
N LYS A 254 -16.80 -5.17 -9.18
CA LYS A 254 -16.00 -3.93 -9.33
C LYS A 254 -15.58 -3.80 -10.79
N GLU A 255 -15.62 -2.57 -11.32
CA GLU A 255 -15.28 -2.31 -12.70
C GLU A 255 -13.85 -2.81 -13.03
N GLU A 256 -12.92 -2.71 -12.08
CA GLU A 256 -11.54 -3.11 -12.37
C GLU A 256 -11.37 -4.64 -12.49
N ASP A 257 -12.21 -5.41 -11.81
CA ASP A 257 -12.18 -6.86 -12.00
C ASP A 257 -12.76 -7.23 -13.37
N ILE A 258 -13.79 -6.48 -13.78
CA ILE A 258 -14.42 -6.71 -15.06
C ILE A 258 -13.48 -6.35 -16.22
N ARG A 259 -12.72 -5.26 -16.07
CA ARG A 259 -11.67 -4.89 -17.03
C ARG A 259 -10.52 -5.92 -17.04
N ALA A 260 -10.19 -6.48 -15.87
CA ALA A 260 -9.15 -7.50 -15.78
C ALA A 260 -9.55 -8.71 -16.62
N VAL A 261 -10.81 -9.13 -16.50
CA VAL A 261 -11.28 -10.27 -17.31
C VAL A 261 -11.15 -9.95 -18.80
N ARG A 262 -11.53 -8.72 -19.17
CA ARG A 262 -11.46 -8.36 -20.57
C ARG A 262 -10.03 -8.41 -21.06
N PHE A 263 -9.09 -7.92 -20.24
CA PHE A 263 -7.70 -8.02 -20.58
C PHE A 263 -7.25 -9.48 -20.76
N MET A 264 -7.60 -10.32 -19.78
CA MET A 264 -7.16 -11.72 -19.83
C MET A 264 -7.71 -12.44 -21.05
N HIS A 265 -8.98 -12.18 -21.40
CA HIS A 265 -9.55 -12.77 -22.62
C HIS A 265 -8.80 -12.26 -23.82
N GLN A 266 -8.52 -10.95 -23.91
CA GLN A 266 -7.91 -10.49 -25.16
C GLN A 266 -6.46 -10.93 -25.34
N PHE A 267 -5.75 -11.09 -24.24
CA PHE A 267 -4.37 -11.44 -24.29
C PHE A 267 -4.15 -12.95 -24.34
N ASN A 268 -4.85 -13.68 -23.49
CA ASN A 268 -4.56 -15.11 -23.33
CA ASN A 268 -4.59 -15.11 -23.30
C ASN A 268 -5.41 -16.02 -24.23
N ASN A 269 -6.52 -15.50 -24.72
CA ASN A 269 -7.43 -16.32 -25.55
C ASN A 269 -7.27 -16.01 -27.03
N TYR A 270 -8.13 -16.62 -27.85
CA TYR A 270 -8.10 -16.40 -29.30
C TYR A 270 -8.04 -14.91 -29.79
N PRO A 271 -8.56 -13.93 -29.03
CA PRO A 271 -8.51 -12.65 -29.75
C PRO A 271 -7.13 -12.09 -30.08
N LEU A 272 -6.11 -12.48 -29.33
CA LEU A 272 -4.77 -11.97 -29.63
C LEU A 272 -4.34 -12.26 -31.06
N PHE A 273 -4.78 -13.39 -31.62
CA PHE A 273 -4.46 -13.79 -32.95
C PHE A 273 -5.60 -13.56 -33.95
N LEU A 274 -6.84 -13.67 -33.45
CA LEU A 274 -8.01 -13.57 -34.36
C LEU A 274 -8.35 -12.13 -34.63
N ASN A 275 -8.02 -11.21 -33.72
CA ASN A 275 -8.28 -9.80 -34.04
C ASN A 275 -7.37 -9.39 -35.22
N PRO A 276 -6.07 -9.73 -35.20
CA PRO A 276 -5.29 -9.56 -36.43
C PRO A 276 -5.88 -10.24 -37.66
N ILE A 277 -6.18 -11.54 -37.58
CA ILE A 277 -6.63 -12.32 -38.74
C ILE A 277 -7.93 -11.79 -39.35
N TYR A 278 -8.90 -11.49 -38.48
CA TYR A 278 -10.21 -11.03 -38.98
C TYR A 278 -10.40 -9.51 -39.03
N ARG A 279 -9.78 -8.77 -38.13
CA ARG A 279 -9.94 -7.32 -38.08
C ARG A 279 -8.69 -6.48 -38.44
N GLY A 280 -7.53 -7.10 -38.64
CA GLY A 280 -6.32 -6.39 -39.12
C GLY A 280 -5.49 -5.65 -38.07
N ASP A 281 -5.72 -5.91 -36.78
CA ASP A 281 -4.92 -5.30 -35.71
C ASP A 281 -5.04 -6.11 -34.43
N TYR A 282 -4.11 -5.92 -33.51
CA TYR A 282 -4.22 -6.56 -32.22
C TYR A 282 -5.40 -5.96 -31.42
N PRO A 283 -5.96 -6.72 -30.47
CA PRO A 283 -7.02 -6.20 -29.60
C PRO A 283 -6.61 -4.90 -28.89
N GLU A 284 -7.56 -3.97 -28.73
CA GLU A 284 -7.34 -2.70 -28.04
C GLU A 284 -6.49 -2.84 -26.78
N LEU A 285 -6.88 -3.74 -25.89
CA LEU A 285 -6.21 -3.88 -24.61
C LEU A 285 -4.78 -4.37 -24.76
N VAL A 286 -4.55 -5.20 -25.77
CA VAL A 286 -3.20 -5.71 -26.04
C VAL A 286 -2.30 -4.62 -26.57
N LEU A 287 -2.81 -3.77 -27.44
CA LEU A 287 -2.02 -2.63 -27.91
C LEU A 287 -1.74 -1.68 -26.76
N GLU A 288 -2.75 -1.41 -25.95
CA GLU A 288 -2.60 -0.50 -24.84
C GLU A 288 -1.40 -0.92 -24.00
N PHE A 289 -1.38 -2.21 -23.70
CA PHE A 289 -0.44 -2.85 -22.80
C PHE A 289 0.92 -3.12 -23.41
N ALA A 290 0.94 -3.51 -24.68
CA ALA A 290 2.15 -4.09 -25.25
C ALA A 290 2.75 -3.37 -26.45
N ARG A 291 2.21 -2.22 -26.85
CA ARG A 291 2.78 -1.48 -27.98
CA ARG A 291 2.78 -1.48 -27.99
C ARG A 291 4.30 -1.29 -27.89
N GLU A 292 4.82 -1.15 -26.68
CA GLU A 292 6.26 -0.93 -26.50
C GLU A 292 7.08 -2.09 -27.05
N TYR A 293 6.51 -3.31 -26.96
CA TYR A 293 7.25 -4.55 -27.18
C TYR A 293 7.09 -5.04 -28.60
N LEU A 294 6.04 -4.57 -29.28
CA LEU A 294 5.85 -4.95 -30.67
C LEU A 294 6.80 -4.17 -31.58
N PRO A 295 7.14 -4.73 -32.74
CA PRO A 295 7.96 -3.98 -33.68
C PRO A 295 7.18 -2.72 -34.09
N GLU A 296 7.88 -1.60 -34.28
CA GLU A 296 7.18 -0.31 -34.42
C GLU A 296 6.26 -0.24 -35.66
N ASN A 297 6.68 -0.84 -36.78
CA ASN A 297 5.83 -0.87 -37.98
C ASN A 297 5.13 -2.22 -38.11
N TYR A 298 4.73 -2.81 -36.98
CA TYR A 298 4.05 -4.12 -37.03
C TYR A 298 2.79 -4.05 -37.91
N LYS A 299 2.11 -2.91 -37.93
CA LYS A 299 0.84 -2.88 -38.63
C LYS A 299 0.97 -3.02 -40.13
N ASP A 300 2.18 -2.82 -40.66
CA ASP A 300 2.46 -2.99 -42.08
C ASP A 300 2.28 -4.44 -42.51
N ASP A 301 2.32 -5.36 -41.55
CA ASP A 301 2.18 -6.78 -41.85
C ASP A 301 0.72 -7.22 -41.73
N MET A 302 -0.14 -6.37 -41.19
CA MET A 302 -1.48 -6.82 -40.92
C MET A 302 -2.22 -7.22 -42.20
N SER A 303 -1.98 -6.52 -43.30
CA SER A 303 -2.66 -6.87 -44.52
CA SER A 303 -2.68 -6.88 -44.52
C SER A 303 -2.46 -8.36 -44.86
N GLU A 304 -1.21 -8.81 -44.79
CA GLU A 304 -0.88 -10.18 -45.15
C GLU A 304 -1.34 -11.17 -44.08
N ILE A 305 -1.34 -10.75 -42.82
CA ILE A 305 -1.82 -11.60 -41.72
C ILE A 305 -3.29 -12.01 -41.87
N GLN A 306 -4.04 -11.22 -42.62
CA GLN A 306 -5.46 -11.45 -42.78
C GLN A 306 -5.82 -12.49 -43.83
N GLU A 307 -4.83 -13.20 -44.33
CA GLU A 307 -5.04 -14.34 -45.21
C GLU A 307 -6.18 -15.26 -44.71
N LYS A 308 -7.18 -15.51 -45.56
CA LYS A 308 -8.38 -16.26 -45.13
C LYS A 308 -8.07 -17.68 -44.63
N ILE A 309 -8.63 -18.00 -43.46
CA ILE A 309 -8.53 -19.36 -42.94
C ILE A 309 -9.86 -20.12 -43.02
N ASP A 310 -9.80 -21.46 -43.03
CA ASP A 310 -11.01 -22.28 -43.17
C ASP A 310 -11.71 -22.60 -41.85
N PHE A 311 -10.92 -22.75 -40.77
CA PHE A 311 -11.52 -23.06 -39.47
C PHE A 311 -10.68 -22.53 -38.32
N VAL A 312 -11.28 -22.43 -37.15
CA VAL A 312 -10.51 -22.12 -35.96
C VAL A 312 -10.54 -23.35 -35.07
N GLY A 313 -9.37 -23.72 -34.51
CA GLY A 313 -9.36 -24.78 -33.50
C GLY A 313 -9.20 -24.15 -32.14
N LEU A 314 -10.04 -24.53 -31.19
CA LEU A 314 -9.94 -24.04 -29.82
C LEU A 314 -9.56 -25.19 -28.89
N ASN A 315 -8.50 -25.00 -28.09
CA ASN A 315 -8.18 -25.90 -26.98
C ASN A 315 -8.77 -25.31 -25.71
N TYR A 316 -9.27 -26.15 -24.81
CA TYR A 316 -9.90 -25.66 -23.61
C TYR A 316 -9.72 -26.70 -22.50
N TYR A 317 -9.29 -26.23 -21.32
CA TYR A 317 -9.06 -27.11 -20.16
C TYR A 317 -9.60 -26.57 -18.86
N SER A 318 -9.57 -25.25 -18.66
CA SER A 318 -9.85 -24.77 -17.32
CA SER A 318 -9.71 -24.72 -17.32
C SER A 318 -10.39 -23.36 -17.29
N GLY A 319 -10.95 -23.03 -16.13
CA GLY A 319 -11.53 -21.73 -15.84
C GLY A 319 -10.73 -21.06 -14.74
N HIS A 320 -10.72 -19.73 -14.75
CA HIS A 320 -9.98 -18.96 -13.73
C HIS A 320 -10.77 -17.77 -13.20
N LEU A 321 -10.80 -17.60 -11.88
CA LEU A 321 -11.28 -16.37 -11.26
C LEU A 321 -10.16 -15.33 -11.21
N VAL A 322 -10.46 -14.12 -11.71
CA VAL A 322 -9.49 -13.05 -11.94
CA VAL A 322 -9.43 -13.10 -11.77
C VAL A 322 -9.83 -11.77 -11.15
N LYS A 323 -8.82 -11.09 -10.64
CA LYS A 323 -9.01 -9.78 -10.02
C LYS A 323 -7.94 -8.83 -10.48
N PHE A 324 -8.30 -7.54 -10.56
CA PHE A 324 -7.29 -6.51 -10.66
C PHE A 324 -6.41 -6.59 -9.42
N ASP A 325 -5.10 -6.51 -9.61
CA ASP A 325 -4.12 -6.56 -8.53
C ASP A 325 -2.99 -5.57 -8.83
N PRO A 326 -2.89 -4.47 -8.05
CA PRO A 326 -1.89 -3.41 -8.27
C PRO A 326 -0.45 -3.91 -8.11
N ASP A 327 -0.26 -4.94 -7.28
CA ASP A 327 1.08 -5.51 -7.04
C ASP A 327 1.53 -6.47 -8.15
N ALA A 328 0.60 -7.02 -8.91
CA ALA A 328 0.97 -8.02 -9.90
C ALA A 328 1.50 -7.39 -11.20
N PRO A 329 2.44 -8.06 -11.87
CA PRO A 329 2.74 -7.51 -13.20
C PRO A 329 1.53 -7.82 -14.11
N ALA A 330 1.22 -6.94 -15.04
CA ALA A 330 0.02 -7.13 -15.82
C ALA A 330 -1.17 -6.69 -14.97
N LYS A 331 -0.93 -6.54 -13.68
CA LYS A 331 -1.97 -6.02 -12.78
C LYS A 331 -3.16 -6.97 -12.60
N VAL A 332 -2.94 -8.25 -12.86
CA VAL A 332 -3.99 -9.23 -12.70
CA VAL A 332 -4.00 -9.23 -12.69
C VAL A 332 -3.48 -10.40 -11.88
N SER A 333 -4.32 -10.89 -10.96
CA SER A 333 -4.00 -12.12 -10.24
CA SER A 333 -4.00 -12.12 -10.24
C SER A 333 -5.18 -13.09 -10.31
N PHE A 334 -4.86 -14.38 -10.21
CA PHE A 334 -5.87 -15.45 -10.13
C PHE A 334 -6.29 -15.62 -8.68
N VAL A 335 -7.57 -15.92 -8.47
CA VAL A 335 -8.11 -16.21 -7.14
C VAL A 335 -8.59 -17.66 -7.11
N GLU A 336 -8.05 -18.46 -6.19
CA GLU A 336 -8.43 -19.89 -6.11
C GLU A 336 -9.87 -20.02 -5.62
N ARG A 337 -10.63 -20.93 -6.22
CA ARG A 337 -12.01 -21.16 -5.86
C ARG A 337 -12.18 -22.56 -5.28
N ASP A 338 -13.24 -22.74 -4.49
CA ASP A 338 -13.64 -24.07 -4.01
C ASP A 338 -14.37 -24.75 -5.15
N LEU A 339 -13.61 -25.32 -6.08
CA LEU A 339 -14.16 -26.06 -7.23
CA LEU A 339 -14.18 -26.07 -7.20
C LEU A 339 -13.38 -27.35 -7.37
N PRO A 340 -13.98 -28.36 -8.02
CA PRO A 340 -13.18 -29.57 -8.26
C PRO A 340 -12.02 -29.26 -9.16
N LYS A 341 -10.89 -29.90 -8.90
CA LYS A 341 -9.68 -29.70 -9.69
C LYS A 341 -9.10 -31.00 -10.20
N THR A 342 -8.30 -30.91 -11.27
CA THR A 342 -7.58 -32.04 -11.77
C THR A 342 -6.29 -32.20 -10.99
N ALA A 343 -5.48 -33.17 -11.43
CA ALA A 343 -4.21 -33.44 -10.76
C ALA A 343 -3.22 -32.29 -10.97
N MET A 344 -3.56 -31.36 -11.87
CA MET A 344 -2.72 -30.20 -12.21
C MET A 344 -3.06 -29.06 -11.26
N GLY A 345 -4.16 -29.21 -10.55
CA GLY A 345 -4.71 -28.17 -9.71
C GLY A 345 -5.58 -27.20 -10.51
N TRP A 346 -5.85 -27.53 -11.78
CA TRP A 346 -6.72 -26.68 -12.64
C TRP A 346 -8.18 -26.88 -12.34
N GLU A 347 -8.89 -25.76 -12.16
CA GLU A 347 -10.31 -25.79 -11.80
C GLU A 347 -11.11 -26.38 -12.94
N ILE A 348 -12.05 -27.27 -12.61
CA ILE A 348 -12.90 -27.88 -13.63
C ILE A 348 -14.17 -27.07 -13.82
N VAL A 349 -14.29 -26.44 -14.97
CA VAL A 349 -15.38 -25.50 -15.23
C VAL A 349 -15.89 -25.80 -16.64
N PRO A 350 -16.76 -26.81 -16.76
CA PRO A 350 -17.20 -27.28 -18.07
C PRO A 350 -17.94 -26.20 -18.87
N GLU A 351 -18.68 -25.32 -18.19
CA GLU A 351 -19.43 -24.31 -18.95
C GLU A 351 -18.45 -23.37 -19.64
N GLY A 352 -17.18 -23.39 -19.24
CA GLY A 352 -16.19 -22.62 -19.99
C GLY A 352 -16.05 -22.99 -21.45
N ILE A 353 -16.27 -24.26 -21.79
CA ILE A 353 -16.12 -24.66 -23.19
C ILE A 353 -17.31 -24.16 -24.03
N TYR A 354 -18.48 -24.04 -23.37
CA TYR A 354 -19.68 -23.45 -23.98
C TYR A 354 -19.45 -21.96 -24.18
N TRP A 355 -18.95 -21.28 -23.14
CA TRP A 355 -18.68 -19.84 -23.27
C TRP A 355 -17.67 -19.51 -24.36
N ILE A 356 -16.52 -20.21 -24.40
CA ILE A 356 -15.50 -19.94 -25.40
C ILE A 356 -16.01 -20.21 -26.83
N LEU A 357 -16.84 -21.23 -26.99
CA LEU A 357 -17.45 -21.50 -28.29
C LEU A 357 -18.50 -20.44 -28.69
N LYS A 358 -19.33 -20.02 -27.74
CA LYS A 358 -20.34 -18.97 -28.04
C LYS A 358 -19.61 -17.69 -28.39
N LYS A 359 -18.59 -17.38 -27.58
CA LYS A 359 -17.87 -16.13 -27.80
C LYS A 359 -17.04 -16.06 -29.08
N VAL A 360 -16.44 -17.15 -29.53
CA VAL A 360 -15.67 -17.03 -30.75
C VAL A 360 -16.64 -16.74 -31.90
N LYS A 361 -17.81 -17.40 -31.86
CA LYS A 361 -18.87 -17.09 -32.83
C LYS A 361 -19.32 -15.61 -32.72
N GLU A 362 -19.62 -15.13 -31.52
CA GLU A 362 -20.10 -13.73 -31.40
C GLU A 362 -19.07 -12.71 -31.89
N GLU A 363 -17.80 -12.98 -31.62
CA GLU A 363 -16.74 -12.01 -31.90
C GLU A 363 -16.16 -12.08 -33.31
N TYR A 364 -15.96 -13.28 -33.85
CA TYR A 364 -15.28 -13.41 -35.12
C TYR A 364 -16.02 -14.21 -36.19
N ASN A 365 -17.07 -14.90 -35.77
CA ASN A 365 -17.91 -15.68 -36.68
CA ASN A 365 -17.95 -15.65 -36.69
C ASN A 365 -17.12 -16.50 -37.68
N PRO A 366 -16.20 -17.32 -37.19
CA PRO A 366 -15.43 -18.17 -38.10
C PRO A 366 -16.36 -19.23 -38.75
N PRO A 367 -16.06 -19.65 -39.98
CA PRO A 367 -17.01 -20.50 -40.71
C PRO A 367 -17.16 -21.88 -40.06
N GLU A 368 -16.05 -22.43 -39.57
CA GLU A 368 -16.07 -23.71 -38.85
C GLU A 368 -15.19 -23.59 -37.63
N VAL A 369 -15.56 -24.32 -36.58
CA VAL A 369 -14.77 -24.41 -35.35
C VAL A 369 -14.60 -25.87 -34.96
N TYR A 370 -13.44 -26.21 -34.41
CA TYR A 370 -13.24 -27.52 -33.80
C TYR A 370 -12.76 -27.30 -32.41
N ILE A 371 -13.11 -28.20 -31.48
CA ILE A 371 -12.37 -28.30 -30.22
C ILE A 371 -11.19 -29.24 -30.54
N THR A 372 -9.99 -28.68 -30.59
CA THR A 372 -8.82 -29.42 -31.06
C THR A 372 -8.04 -30.10 -29.88
N GLU A 373 -8.37 -29.70 -28.66
CA GLU A 373 -7.93 -30.36 -27.41
C GLU A 373 -8.91 -30.12 -26.26
N ASN A 374 -9.23 -31.17 -25.50
CA ASN A 374 -9.90 -31.04 -24.21
C ASN A 374 -9.57 -32.33 -23.48
N GLY A 375 -9.26 -32.27 -22.19
CA GLY A 375 -8.81 -33.47 -21.50
C GLY A 375 -8.37 -33.09 -20.11
N ALA A 376 -7.85 -34.05 -19.36
CA ALA A 376 -7.47 -33.82 -17.99
C ALA A 376 -6.43 -34.83 -17.52
N ALA A 377 -5.63 -34.38 -16.56
CA ALA A 377 -4.68 -35.24 -15.89
C ALA A 377 -5.23 -35.58 -14.53
N PHE A 378 -5.19 -36.87 -14.20
CA PHE A 378 -5.63 -37.40 -12.92
C PHE A 378 -4.58 -38.45 -12.47
N ASP A 379 -4.54 -38.72 -11.18
CA ASP A 379 -3.56 -39.66 -10.64
C ASP A 379 -4.08 -41.08 -10.97
N ASP A 380 -3.74 -41.57 -12.16
CA ASP A 380 -4.21 -42.87 -12.66
C ASP A 380 -3.50 -44.05 -11.96
N VAL A 381 -4.28 -45.07 -11.61
CA VAL A 381 -3.73 -46.25 -10.95
C VAL A 381 -4.16 -47.46 -11.79
N VAL A 382 -3.23 -48.38 -12.09
CA VAL A 382 -3.57 -49.67 -12.69
C VAL A 382 -3.98 -50.62 -11.58
N SER A 383 -5.23 -51.08 -11.59
CA SER A 383 -5.70 -51.96 -10.52
C SER A 383 -5.34 -53.41 -10.79
N GLU A 384 -5.66 -54.27 -9.82
CA GLU A 384 -5.31 -55.67 -9.91
C GLU A 384 -5.90 -56.36 -11.12
N ASP A 385 -7.00 -55.81 -11.65
CA ASP A 385 -7.61 -56.36 -12.86
C ASP A 385 -6.90 -55.93 -14.14
N GLY A 386 -5.82 -55.16 -14.02
CA GLY A 386 -5.09 -54.69 -15.20
C GLY A 386 -5.85 -53.62 -15.94
N ARG A 387 -6.73 -52.93 -15.22
CA ARG A 387 -7.49 -51.83 -15.82
CA ARG A 387 -7.51 -51.85 -15.81
C ARG A 387 -7.26 -50.52 -15.09
N VAL A 388 -7.70 -49.43 -15.71
CA VAL A 388 -7.54 -48.08 -15.11
CA VAL A 388 -7.55 -48.10 -15.08
C VAL A 388 -8.92 -47.44 -14.93
N HIS A 389 -9.39 -47.34 -13.68
CA HIS A 389 -10.79 -46.96 -13.47
C HIS A 389 -11.01 -45.49 -13.31
N ASP A 390 -10.76 -44.75 -14.37
CA ASP A 390 -10.67 -43.31 -14.27
C ASP A 390 -12.05 -42.62 -14.41
N GLN A 391 -12.94 -42.85 -13.43
CA GLN A 391 -14.27 -42.21 -13.45
C GLN A 391 -14.07 -40.70 -13.44
N ASN A 392 -13.03 -40.24 -12.75
CA ASN A 392 -12.78 -38.77 -12.70
C ASN A 392 -12.61 -38.18 -14.09
N ARG A 393 -11.87 -38.86 -14.94
CA ARG A 393 -11.69 -38.37 -16.31
C ARG A 393 -12.94 -38.49 -17.19
N ILE A 394 -13.68 -39.58 -17.01
CA ILE A 394 -14.98 -39.70 -17.66
C ILE A 394 -15.87 -38.53 -17.28
N ASP A 395 -15.94 -38.24 -15.99
CA ASP A 395 -16.84 -37.17 -15.55
C ASP A 395 -16.39 -35.86 -16.19
N TYR A 396 -15.08 -35.68 -16.31
CA TYR A 396 -14.54 -34.44 -16.91
C TYR A 396 -14.97 -34.33 -18.39
N LEU A 397 -14.66 -35.37 -19.14
CA LEU A 397 -14.97 -35.35 -20.58
C LEU A 397 -16.46 -35.23 -20.83
N LYS A 398 -17.26 -35.90 -19.99
CA LYS A 398 -18.72 -35.97 -20.18
C LYS A 398 -19.26 -34.56 -20.07
N ALA A 399 -18.87 -33.86 -19.00
CA ALA A 399 -19.39 -32.52 -18.71
C ALA A 399 -19.04 -31.54 -19.82
N HIS A 400 -17.81 -31.61 -20.32
CA HIS A 400 -17.38 -30.72 -21.41
C HIS A 400 -18.07 -31.05 -22.74
N ILE A 401 -18.25 -32.33 -23.01
CA ILE A 401 -18.91 -32.71 -24.25
C ILE A 401 -20.38 -32.26 -24.30
N GLY A 402 -21.04 -32.32 -23.15
CA GLY A 402 -22.41 -31.85 -22.97
C GLY A 402 -22.49 -30.35 -23.22
N GLN A 403 -21.50 -29.61 -22.74
CA GLN A 403 -21.51 -28.15 -22.91
C GLN A 403 -21.23 -27.80 -24.36
N ALA A 404 -20.40 -28.58 -25.03
CA ALA A 404 -20.13 -28.35 -26.43
C ALA A 404 -21.39 -28.62 -27.23
N TRP A 405 -22.11 -29.67 -26.83
CA TRP A 405 -23.38 -29.98 -27.51
C TRP A 405 -24.35 -28.80 -27.38
N LYS A 406 -24.37 -28.19 -26.20
CA LYS A 406 -25.21 -27.03 -25.98
C LYS A 406 -24.82 -25.86 -26.93
N ALA A 407 -23.52 -25.64 -27.09
CA ALA A 407 -23.06 -24.59 -28.01
C ALA A 407 -23.61 -24.85 -29.41
N ILE A 408 -23.62 -26.12 -29.81
CA ILE A 408 -24.11 -26.47 -31.13
C ILE A 408 -25.61 -26.18 -31.28
N GLN A 409 -26.35 -26.48 -30.22
CA GLN A 409 -27.82 -26.24 -30.29
C GLN A 409 -28.05 -24.75 -30.50
N GLU A 410 -27.17 -23.92 -29.94
CA GLU A 410 -27.31 -22.47 -30.08
C GLU A 410 -26.59 -21.91 -31.30
N GLY A 411 -26.22 -22.78 -32.22
CA GLY A 411 -25.77 -22.33 -33.53
C GLY A 411 -24.30 -22.12 -33.78
N VAL A 412 -23.44 -22.56 -32.85
CA VAL A 412 -21.98 -22.56 -33.11
C VAL A 412 -21.63 -23.65 -34.12
N PRO A 413 -20.88 -23.31 -35.19
CA PRO A 413 -20.52 -24.26 -36.24
C PRO A 413 -19.36 -25.18 -35.83
N LEU A 414 -19.55 -25.85 -34.69
CA LEU A 414 -18.58 -26.82 -34.15
C LEU A 414 -18.68 -28.10 -34.97
N LYS A 415 -17.59 -28.41 -35.64
CA LYS A 415 -17.50 -29.53 -36.56
C LYS A 415 -16.86 -30.80 -35.98
N GLY A 416 -16.14 -30.71 -34.87
CA GLY A 416 -15.52 -31.92 -34.34
C GLY A 416 -14.93 -31.65 -32.98
N TYR A 417 -14.53 -32.71 -32.30
CA TYR A 417 -14.04 -32.59 -30.93
C TYR A 417 -12.96 -33.62 -30.76
N PHE A 418 -11.82 -33.17 -30.23
CA PHE A 418 -10.65 -34.06 -30.11
C PHE A 418 -10.24 -34.13 -28.66
N VAL A 419 -10.23 -35.35 -28.14
CA VAL A 419 -9.69 -35.53 -26.80
C VAL A 419 -8.16 -35.44 -26.74
N TRP A 420 -7.66 -34.65 -25.79
CA TRP A 420 -6.21 -34.66 -25.50
C TRP A 420 -6.09 -35.59 -24.28
N SER A 421 -5.42 -36.75 -24.38
CA SER A 421 -4.71 -37.24 -25.56
C SER A 421 -5.06 -38.71 -25.75
N LEU A 422 -4.76 -39.26 -26.92
CA LEU A 422 -4.87 -40.72 -27.07
C LEU A 422 -4.01 -41.42 -26.01
N LEU A 423 -2.76 -40.96 -25.84
CA LEU A 423 -1.80 -41.65 -24.95
C LEU A 423 -1.32 -40.78 -23.81
N ASP A 424 -1.06 -41.39 -22.64
CA ASP A 424 -0.21 -40.70 -21.65
C ASP A 424 1.08 -40.37 -22.36
N ASN A 425 1.68 -39.21 -22.06
CA ASN A 425 2.85 -38.85 -22.82
C ASN A 425 3.76 -37.87 -22.07
N PHE A 426 4.77 -37.37 -22.75
CA PHE A 426 5.69 -36.39 -22.13
C PHE A 426 5.00 -35.05 -22.00
N GLU A 427 4.62 -34.65 -20.79
CA GLU A 427 3.86 -33.40 -20.59
C GLU A 427 4.82 -32.22 -20.39
N TRP A 428 5.70 -32.01 -21.38
CA TRP A 428 6.54 -30.80 -21.41
C TRP A 428 7.28 -30.64 -20.10
N ALA A 429 7.17 -29.49 -19.43
CA ALA A 429 8.04 -29.27 -18.24
C ALA A 429 7.63 -30.15 -17.11
N GLU A 430 6.43 -30.76 -17.21
CA GLU A 430 6.00 -31.71 -16.16
C GLU A 430 6.60 -33.11 -16.41
N GLY A 431 7.18 -33.32 -17.60
CA GLY A 431 7.68 -34.65 -17.98
C GLY A 431 6.58 -35.71 -17.93
N TYR A 432 6.92 -36.95 -17.54
CA TYR A 432 5.94 -38.04 -17.56
C TYR A 432 5.03 -38.09 -16.33
N SER A 433 5.19 -37.15 -15.41
CA SER A 433 4.49 -37.15 -14.16
C SER A 433 2.99 -36.87 -14.30
N LYS A 434 2.59 -36.33 -15.44
CA LYS A 434 1.20 -35.93 -15.63
C LYS A 434 0.61 -36.70 -16.79
N ARG A 435 -0.43 -37.50 -16.52
CA ARG A 435 -0.99 -38.42 -17.51
C ARG A 435 -2.32 -37.91 -18.04
N PHE A 436 -2.39 -37.61 -19.36
CA PHE A 436 -3.61 -37.05 -19.97
C PHE A 436 -4.34 -38.06 -20.84
N GLY A 437 -3.78 -39.25 -20.98
CA GLY A 437 -4.30 -40.21 -21.97
C GLY A 437 -5.67 -40.80 -21.67
N ILE A 438 -6.33 -41.27 -22.73
CA ILE A 438 -7.47 -42.17 -22.51
C ILE A 438 -6.95 -43.59 -22.67
N VAL A 439 -5.65 -43.69 -22.97
CA VAL A 439 -4.89 -44.95 -22.98
C VAL A 439 -3.66 -44.76 -22.09
N TYR A 440 -3.54 -45.61 -21.05
CA TYR A 440 -2.41 -45.59 -20.10
C TYR A 440 -1.17 -46.21 -20.76
N VAL A 441 0.01 -45.64 -20.47
CA VAL A 441 1.22 -46.22 -20.99
C VAL A 441 2.15 -46.60 -19.84
N ASP A 442 2.50 -47.88 -19.74
CA ASP A 442 3.50 -48.33 -18.78
C ASP A 442 4.84 -48.13 -19.45
N TYR A 443 5.56 -47.08 -19.04
CA TYR A 443 6.80 -46.69 -19.72
C TYR A 443 7.90 -47.76 -19.65
N SER A 444 7.85 -48.60 -18.63
CA SER A 444 8.87 -49.68 -18.52
C SER A 444 8.77 -50.71 -19.64
N THR A 445 7.54 -51.08 -19.95
CA THR A 445 7.33 -52.09 -20.98
C THR A 445 6.79 -51.50 -22.27
N GLN A 446 6.37 -50.23 -22.21
CA GLN A 446 5.62 -49.59 -23.32
C GLN A 446 4.23 -50.23 -23.58
N LYS A 447 3.76 -51.10 -22.68
CA LYS A 447 2.40 -51.66 -22.83
C LYS A 447 1.36 -50.56 -22.82
N ARG A 448 0.37 -50.68 -23.70
CA ARG A 448 -0.75 -49.76 -23.71
C ARG A 448 -1.89 -50.44 -22.97
N ILE A 449 -2.60 -49.70 -22.11
CA ILE A 449 -3.79 -50.20 -21.40
C ILE A 449 -4.93 -49.19 -21.63
N VAL A 450 -5.95 -49.57 -22.38
CA VAL A 450 -7.05 -48.63 -22.63
C VAL A 450 -7.72 -48.32 -21.31
N LYS A 451 -7.86 -47.03 -20.99
CA LYS A 451 -8.50 -46.63 -19.71
C LYS A 451 -10.01 -46.70 -19.81
N ASP A 452 -10.72 -46.65 -18.66
CA ASP A 452 -12.19 -46.69 -18.72
C ASP A 452 -12.71 -45.52 -19.53
N SER A 453 -12.03 -44.36 -19.41
CA SER A 453 -12.39 -43.20 -20.27
C SER A 453 -12.25 -43.48 -21.76
N GLY A 454 -11.29 -44.33 -22.10
CA GLY A 454 -11.11 -44.77 -23.47
C GLY A 454 -12.33 -45.57 -23.95
N TYR A 455 -12.70 -46.59 -23.17
CA TYR A 455 -13.93 -47.34 -23.52
C TYR A 455 -15.18 -46.45 -23.53
N TRP A 456 -15.27 -45.54 -22.58
CA TRP A 456 -16.44 -44.64 -22.50
C TRP A 456 -16.53 -43.77 -23.77
N TYR A 457 -15.39 -43.20 -24.15
CA TYR A 457 -15.37 -42.36 -25.34
C TYR A 457 -15.71 -43.13 -26.61
N SER A 458 -15.25 -44.37 -26.70
CA SER A 458 -15.59 -45.25 -27.82
C SER A 458 -17.08 -45.34 -27.99
N ASN A 459 -17.79 -45.50 -26.86
CA ASN A 459 -19.24 -45.53 -26.85
C ASN A 459 -19.83 -44.19 -27.25
N VAL A 460 -19.21 -43.09 -26.80
CA VAL A 460 -19.70 -41.75 -27.22
C VAL A 460 -19.68 -41.63 -28.75
N VAL A 461 -18.59 -42.12 -29.35
CA VAL A 461 -18.39 -42.04 -30.80
C VAL A 461 -19.40 -42.96 -31.48
N LYS A 462 -19.55 -44.17 -30.97
CA LYS A 462 -20.54 -45.10 -31.54
C LYS A 462 -21.95 -44.49 -31.51
N ASN A 463 -22.31 -43.86 -30.41
CA ASN A 463 -23.64 -43.27 -30.26
C ASN A 463 -23.74 -41.91 -30.93
N ASN A 464 -22.61 -41.43 -31.45
CA ASN A 464 -22.54 -40.03 -31.87
C ASN A 464 -23.06 -39.04 -30.81
N GLY A 465 -22.66 -39.21 -29.56
CA GLY A 465 -23.15 -38.33 -28.50
C GLY A 465 -23.32 -39.00 -27.15
N LEU A 466 -24.02 -38.32 -26.25
CA LEU A 466 -24.17 -38.81 -24.88
C LEU A 466 -25.54 -39.50 -24.67
N GLU A 467 -25.53 -40.65 -24.00
CA GLU A 467 -26.79 -41.39 -23.75
C GLU A 467 -27.20 -41.33 -22.27
N VAL B 25 -62.68 -2.68 18.77
CA VAL B 25 -61.54 -2.89 17.86
C VAL B 25 -61.12 -1.59 17.17
N LYS B 26 -59.85 -1.56 16.76
CA LYS B 26 -59.31 -0.41 16.10
C LYS B 26 -58.54 -0.92 14.89
N LYS B 27 -59.16 -0.84 13.72
CA LYS B 27 -58.56 -1.32 12.49
C LYS B 27 -57.92 -0.12 11.80
N PHE B 28 -56.68 -0.27 11.37
CA PHE B 28 -55.97 0.81 10.69
C PHE B 28 -56.37 0.86 9.22
N PRO B 29 -55.92 1.90 8.50
CA PRO B 29 -56.26 2.02 7.08
C PRO B 29 -55.68 0.94 6.20
N GLU B 30 -56.41 0.55 5.17
CA GLU B 30 -55.85 -0.39 4.22
C GLU B 30 -54.48 0.18 3.81
N GLY B 31 -53.46 -0.67 3.79
CA GLY B 31 -52.15 -0.28 3.32
C GLY B 31 -51.23 0.30 4.40
N PHE B 32 -51.75 0.44 5.61
CA PHE B 32 -50.95 0.95 6.72
C PHE B 32 -49.68 0.11 6.84
N LEU B 33 -48.55 0.77 7.15
CA LEU B 33 -47.26 0.09 7.17
C LEU B 33 -46.80 -0.15 8.59
N TRP B 34 -46.64 -1.42 8.96
CA TRP B 34 -46.21 -1.82 10.31
C TRP B 34 -44.75 -2.23 10.26
N GLY B 35 -43.92 -1.57 11.08
CA GLY B 35 -42.48 -1.79 10.98
C GLY B 35 -41.80 -2.02 12.31
N VAL B 36 -40.52 -2.35 12.23
CA VAL B 36 -39.65 -2.30 13.39
C VAL B 36 -38.40 -1.54 12.94
N ALA B 37 -37.65 -1.04 13.92
CA ALA B 37 -36.56 -0.12 13.66
C ALA B 37 -35.27 -0.54 14.44
N THR B 38 -34.13 -0.33 13.78
CA THR B 38 -32.83 -0.40 14.44
C THR B 38 -31.90 0.72 13.95
N ALA B 39 -30.69 0.78 14.49
CA ALA B 39 -29.65 1.67 13.99
C ALA B 39 -28.31 0.94 13.96
N SER B 40 -27.48 1.27 12.96
CA SER B 40 -26.25 0.53 12.66
C SER B 40 -25.33 0.33 13.86
N TYR B 41 -24.94 1.41 14.54
CA TYR B 41 -23.96 1.27 15.60
C TYR B 41 -24.57 0.47 16.79
N GLN B 42 -25.90 0.49 16.91
CA GLN B 42 -26.51 -0.09 18.09
C GLN B 42 -26.55 -1.61 17.94
N ILE B 43 -26.56 -2.08 16.70
CA ILE B 43 -26.72 -3.53 16.52
C ILE B 43 -25.57 -4.28 15.83
N GLU B 44 -24.75 -3.58 15.03
CA GLU B 44 -23.90 -4.35 14.10
C GLU B 44 -22.72 -5.02 14.73
N GLY B 45 -22.02 -4.30 15.61
CA GLY B 45 -20.70 -4.76 16.00
C GLY B 45 -19.74 -4.70 14.82
N SER B 46 -18.53 -5.21 15.04
CA SER B 46 -17.51 -5.22 14.01
C SER B 46 -17.35 -3.86 13.35
N PRO B 47 -17.16 -2.81 14.16
CA PRO B 47 -17.10 -1.47 13.61
C PRO B 47 -15.92 -1.22 12.66
N LEU B 48 -14.85 -2.01 12.77
CA LEU B 48 -13.67 -1.78 11.94
C LEU B 48 -13.45 -2.87 10.91
N ALA B 49 -14.46 -3.72 10.72
CA ALA B 49 -14.34 -4.88 9.85
C ALA B 49 -14.27 -4.40 8.40
N ASP B 50 -13.49 -5.13 7.59
CA ASP B 50 -13.60 -5.00 6.15
C ASP B 50 -13.41 -3.56 5.67
N GLY B 51 -12.42 -2.87 6.25
CA GLY B 51 -11.97 -1.61 5.69
C GLY B 51 -12.70 -0.38 6.25
N ALA B 52 -13.67 -0.60 7.13
CA ALA B 52 -14.44 0.52 7.71
C ALA B 52 -13.56 1.54 8.46
N GLY B 53 -13.90 2.81 8.36
CA GLY B 53 -13.22 3.84 9.11
C GLY B 53 -13.85 3.90 10.51
N MET B 54 -13.12 4.46 11.48
CA MET B 54 -13.76 4.67 12.80
C MET B 54 -14.92 5.65 12.72
N SER B 55 -15.90 5.49 13.60
CA SER B 55 -16.96 6.50 13.77
C SER B 55 -16.72 7.25 15.08
N ILE B 56 -17.44 8.34 15.28
CA ILE B 56 -17.35 9.06 16.54
C ILE B 56 -17.96 8.31 17.71
N TRP B 57 -18.80 7.31 17.42
CA TRP B 57 -19.28 6.50 18.54
C TRP B 57 -18.30 5.42 18.96
N HIS B 58 -17.51 4.92 18.03
CA HIS B 58 -16.37 4.09 18.40
C HIS B 58 -15.44 4.84 19.34
N THR B 59 -15.02 6.05 18.95
CA THR B 59 -14.02 6.78 19.77
C THR B 59 -14.66 7.27 21.07
N PHE B 60 -15.91 7.73 21.00
CA PHE B 60 -16.63 8.19 22.20
C PHE B 60 -16.81 7.06 23.20
N SER B 61 -17.26 5.90 22.76
CA SER B 61 -17.49 4.79 23.73
C SER B 61 -16.18 4.13 24.17
N HIS B 62 -15.11 4.28 23.38
CA HIS B 62 -13.83 3.79 23.86
C HIS B 62 -13.14 4.79 24.75
N THR B 63 -13.84 5.87 25.11
CA THR B 63 -13.32 6.85 26.08
C THR B 63 -13.90 6.59 27.48
N PRO B 64 -13.03 6.37 28.48
CA PRO B 64 -13.55 5.99 29.79
C PRO B 64 -14.44 7.06 30.34
N GLY B 65 -15.55 6.61 30.92
CA GLY B 65 -16.48 7.48 31.60
C GLY B 65 -17.64 7.95 30.77
N ASN B 66 -17.62 7.70 29.48
CA ASN B 66 -18.69 8.19 28.62
C ASN B 66 -19.93 7.27 28.51
N VAL B 67 -19.77 5.97 28.73
CA VAL B 67 -20.90 5.02 28.55
C VAL B 67 -20.98 4.13 29.78
N LYS B 68 -22.19 3.86 30.25
CA LYS B 68 -22.34 3.05 31.48
C LYS B 68 -21.59 1.71 31.37
N ASN B 69 -20.89 1.37 32.44
CA ASN B 69 -20.15 0.12 32.52
C ASN B 69 -19.04 -0.02 31.49
N GLY B 70 -18.72 1.05 30.78
CA GLY B 70 -17.65 0.93 29.81
C GLY B 70 -18.07 0.15 28.58
N ASP B 71 -19.37 0.08 28.36
CA ASP B 71 -19.88 -0.62 27.19
C ASP B 71 -19.49 0.09 25.89
N THR B 72 -19.34 -0.67 24.81
CA THR B 72 -19.08 -0.12 23.49
C THR B 72 -19.89 -0.89 22.46
N GLY B 73 -19.83 -0.43 21.20
CA GLY B 73 -20.47 -1.12 20.08
C GLY B 73 -19.55 -2.12 19.38
N ASP B 74 -18.48 -2.53 20.04
CA ASP B 74 -17.54 -3.49 19.42
C ASP B 74 -18.21 -4.76 18.92
N VAL B 75 -19.12 -5.31 19.74
CA VAL B 75 -19.83 -6.51 19.37
C VAL B 75 -21.35 -6.27 19.21
N ALA B 76 -21.97 -5.62 20.20
CA ALA B 76 -23.41 -5.32 20.13
C ALA B 76 -24.20 -6.61 19.91
N CYS B 77 -25.06 -6.65 18.90
CA CYS B 77 -25.90 -7.82 18.61
C CYS B 77 -25.23 -8.71 17.56
N ASP B 78 -24.00 -8.34 17.17
CA ASP B 78 -23.30 -9.05 16.13
C ASP B 78 -24.11 -9.13 14.83
N HIS B 79 -24.92 -8.10 14.54
CA HIS B 79 -25.77 -8.11 13.37
C HIS B 79 -24.95 -8.08 12.06
N TYR B 80 -23.73 -7.58 12.15
CA TYR B 80 -22.84 -7.64 10.99
C TYR B 80 -22.71 -9.07 10.47
N ASN B 81 -22.72 -10.05 11.37
CA ASN B 81 -22.64 -11.46 10.98
C ASN B 81 -23.98 -12.18 10.98
N ARG B 82 -24.92 -11.67 11.75
CA ARG B 82 -26.18 -12.35 12.04
C ARG B 82 -27.41 -11.73 11.35
N TRP B 83 -27.17 -10.76 10.45
CA TRP B 83 -28.24 -10.08 9.73
C TRP B 83 -29.30 -10.99 9.08
N LYS B 84 -28.90 -12.12 8.52
CA LYS B 84 -29.86 -13.01 7.84
C LYS B 84 -30.87 -13.56 8.84
N GLU B 85 -30.38 -13.96 10.02
CA GLU B 85 -31.26 -14.47 11.07
C GLU B 85 -32.20 -13.40 11.51
N ASP B 86 -31.68 -12.19 11.71
CA ASP B 86 -32.54 -11.12 12.15
C ASP B 86 -33.61 -10.80 11.15
N ILE B 87 -33.29 -10.80 9.86
CA ILE B 87 -34.33 -10.54 8.89
C ILE B 87 -35.35 -11.70 8.90
N GLU B 88 -34.85 -12.92 9.09
CA GLU B 88 -35.78 -14.06 9.11
C GLU B 88 -36.78 -13.93 10.28
N ILE B 89 -36.34 -13.30 11.36
CA ILE B 89 -37.30 -13.04 12.45
C ILE B 89 -38.34 -12.01 12.06
N ILE B 90 -37.91 -10.91 11.46
CA ILE B 90 -38.89 -9.96 10.95
C ILE B 90 -39.92 -10.71 10.07
N GLU B 91 -39.42 -11.51 9.13
CA GLU B 91 -40.26 -12.31 8.22
C GLU B 91 -41.24 -13.26 8.95
N LYS B 92 -40.71 -13.98 9.93
CA LYS B 92 -41.51 -14.90 10.78
C LYS B 92 -42.66 -14.18 11.51
N LEU B 93 -42.43 -12.95 11.96
CA LEU B 93 -43.45 -12.19 12.69
CA LEU B 93 -43.45 -12.18 12.68
C LEU B 93 -44.46 -11.52 11.76
N GLY B 94 -44.19 -11.57 10.46
CA GLY B 94 -45.09 -10.97 9.48
C GLY B 94 -44.95 -9.47 9.39
N VAL B 95 -43.89 -8.92 10.00
CA VAL B 95 -43.72 -7.48 10.02
C VAL B 95 -43.37 -6.98 8.63
N LYS B 96 -43.90 -5.85 8.18
CA LYS B 96 -43.87 -5.48 6.77
CA LYS B 96 -43.71 -5.61 6.77
C LYS B 96 -42.80 -4.46 6.37
N ALA B 97 -42.29 -3.72 7.34
CA ALA B 97 -41.28 -2.70 7.04
C ALA B 97 -40.13 -2.82 8.03
N TYR B 98 -38.92 -2.59 7.55
CA TYR B 98 -37.73 -2.62 8.40
C TYR B 98 -36.98 -1.30 8.22
N ARG B 99 -36.96 -0.50 9.30
CA ARG B 99 -36.20 0.74 9.32
C ARG B 99 -34.83 0.46 9.94
N PHE B 100 -33.79 0.64 9.14
CA PHE B 100 -32.44 0.45 9.61
C PHE B 100 -31.54 1.60 9.13
N SER B 101 -30.40 1.81 9.77
CA SER B 101 -29.51 2.85 9.31
C SER B 101 -28.23 2.33 8.68
N ILE B 102 -27.59 3.18 7.88
CA ILE B 102 -26.33 2.84 7.22
C ILE B 102 -25.16 3.56 7.92
N SER B 103 -24.09 2.81 8.20
CA SER B 103 -22.88 3.35 8.83
C SER B 103 -22.08 4.09 7.78
N TRP B 104 -22.05 5.42 7.90
CA TRP B 104 -21.31 6.24 6.93
C TRP B 104 -19.86 5.78 6.77
N PRO B 105 -19.12 5.53 7.88
CA PRO B 105 -17.72 5.17 7.70
C PRO B 105 -17.51 3.76 7.19
N ARG B 106 -18.57 2.93 7.13
CA ARG B 106 -18.43 1.69 6.37
C ARG B 106 -18.42 1.94 4.89
N ILE B 107 -19.12 2.99 4.46
CA ILE B 107 -19.23 3.31 3.04
C ILE B 107 -18.06 4.16 2.57
N LEU B 108 -17.79 5.20 3.35
CA LEU B 108 -16.70 6.11 3.07
C LEU B 108 -15.86 6.23 4.33
N PRO B 109 -14.81 5.40 4.41
CA PRO B 109 -14.00 5.31 5.62
C PRO B 109 -13.38 6.64 6.02
N GLU B 110 -13.08 7.52 5.06
CA GLU B 110 -12.57 8.87 5.42
C GLU B 110 -13.62 9.95 5.35
N GLY B 111 -14.89 9.58 5.18
CA GLY B 111 -15.98 10.54 5.18
C GLY B 111 -16.32 11.01 3.78
N THR B 112 -15.28 11.30 3.02
CA THR B 112 -15.39 11.59 1.58
C THR B 112 -14.35 10.78 0.81
N GLY B 113 -14.36 10.88 -0.53
CA GLY B 113 -13.38 10.16 -1.32
C GLY B 113 -13.74 8.72 -1.66
N ARG B 114 -12.79 7.83 -1.42
CA ARG B 114 -12.90 6.46 -1.89
C ARG B 114 -14.03 5.69 -1.22
N VAL B 115 -14.88 5.05 -2.02
CA VAL B 115 -15.97 4.22 -1.53
C VAL B 115 -15.46 2.84 -1.17
N ASN B 116 -15.90 2.31 -0.03
CA ASN B 116 -15.51 0.99 0.46
C ASN B 116 -16.42 -0.05 -0.15
N GLN B 117 -15.94 -0.82 -1.10
CA GLN B 117 -16.81 -1.80 -1.75
C GLN B 117 -17.47 -2.77 -0.75
N LYS B 118 -16.72 -3.19 0.27
CA LYS B 118 -17.25 -4.18 1.18
C LYS B 118 -18.34 -3.60 2.06
N GLY B 119 -18.37 -2.27 2.21
CA GLY B 119 -19.52 -1.64 2.88
C GLY B 119 -20.80 -1.68 2.07
N LEU B 120 -20.71 -1.35 0.77
CA LEU B 120 -21.80 -1.50 -0.16
C LEU B 120 -22.29 -2.96 -0.14
N ASP B 121 -21.36 -3.90 -0.28
CA ASP B 121 -21.78 -5.33 -0.27
C ASP B 121 -22.66 -5.69 0.96
N PHE B 122 -22.20 -5.31 2.15
CA PHE B 122 -22.94 -5.59 3.39
C PHE B 122 -24.37 -5.12 3.29
N TYR B 123 -24.59 -3.86 2.93
CA TYR B 123 -25.96 -3.37 2.93
C TYR B 123 -26.76 -3.90 1.74
N ASN B 124 -26.08 -4.18 0.61
CA ASN B 124 -26.75 -4.78 -0.55
C ASN B 124 -27.41 -6.12 -0.24
N ARG B 125 -26.73 -6.96 0.54
CA ARG B 125 -27.26 -8.26 0.94
CA ARG B 125 -27.27 -8.25 0.92
C ARG B 125 -28.50 -8.07 1.81
N ILE B 126 -28.42 -7.13 2.76
CA ILE B 126 -29.59 -6.82 3.57
C ILE B 126 -30.77 -6.41 2.72
N ILE B 127 -30.53 -5.47 1.81
CA ILE B 127 -31.62 -4.93 1.00
C ILE B 127 -32.22 -6.02 0.08
N ASP B 128 -31.35 -6.77 -0.60
CA ASP B 128 -31.83 -7.83 -1.50
C ASP B 128 -32.66 -8.87 -0.71
N THR B 129 -32.15 -9.28 0.43
CA THR B 129 -32.85 -10.26 1.28
C THR B 129 -34.18 -9.73 1.80
N LEU B 130 -34.22 -8.49 2.27
CA LEU B 130 -35.50 -7.88 2.63
C LEU B 130 -36.53 -7.92 1.47
N LEU B 131 -36.10 -7.55 0.26
CA LEU B 131 -37.04 -7.49 -0.85
C LEU B 131 -37.53 -8.89 -1.21
N GLU B 132 -36.62 -9.87 -1.26
CA GLU B 132 -37.06 -11.21 -1.64
C GLU B 132 -38.06 -11.81 -0.67
N LYS B 133 -38.10 -11.30 0.56
CA LYS B 133 -39.01 -11.78 1.59
C LYS B 133 -40.18 -10.83 1.77
N GLY B 134 -40.24 -9.81 0.92
CA GLY B 134 -41.39 -8.91 0.90
C GLY B 134 -41.47 -7.91 2.06
N ILE B 135 -40.32 -7.45 2.53
CA ILE B 135 -40.31 -6.51 3.64
C ILE B 135 -39.84 -5.19 3.08
N THR B 136 -40.51 -4.09 3.41
CA THR B 136 -40.17 -2.78 2.79
C THR B 136 -39.05 -2.10 3.58
N PRO B 137 -37.89 -1.88 2.95
CA PRO B 137 -36.79 -1.18 3.63
C PRO B 137 -37.04 0.33 3.75
N PHE B 138 -36.74 0.88 4.93
CA PHE B 138 -36.78 2.33 5.15
C PHE B 138 -35.36 2.63 5.64
N VAL B 139 -34.59 3.37 4.84
CA VAL B 139 -33.20 3.59 5.20
C VAL B 139 -32.95 4.94 5.84
N THR B 140 -32.43 4.94 7.07
CA THR B 140 -31.90 6.14 7.71
C THR B 140 -30.45 6.34 7.26
N ILE B 141 -30.20 7.43 6.53
CA ILE B 141 -28.86 7.74 6.03
C ILE B 141 -27.90 8.04 7.20
N TYR B 142 -28.40 8.80 8.18
CA TYR B 142 -27.58 9.18 9.33
C TYR B 142 -28.27 8.94 10.69
N HIS B 143 -27.76 7.95 11.43
CA HIS B 143 -28.24 7.66 12.79
C HIS B 143 -27.02 7.71 13.74
N TRP B 144 -26.24 8.79 13.60
CA TRP B 144 -25.30 9.27 14.64
C TRP B 144 -23.83 8.86 14.53
N ASP B 145 -23.54 7.90 13.65
CA ASP B 145 -22.17 7.34 13.57
C ASP B 145 -21.33 8.02 12.47
N LEU B 146 -21.08 9.31 12.70
CA LEU B 146 -20.27 10.15 11.82
C LEU B 146 -18.86 9.54 11.69
N PRO B 147 -18.30 9.52 10.47
CA PRO B 147 -16.89 9.15 10.33
C PRO B 147 -16.01 10.04 11.24
N PHE B 148 -15.12 9.39 11.99
CA PHE B 148 -14.22 10.12 12.89
C PHE B 148 -13.40 11.09 12.08
N ALA B 149 -13.06 10.69 10.84
CA ALA B 149 -12.20 11.54 10.03
C ALA B 149 -12.82 12.93 9.83
N LEU B 150 -14.15 12.96 9.79
CA LEU B 150 -14.90 14.20 9.55
C LEU B 150 -14.96 15.01 10.85
N GLN B 151 -14.99 14.31 11.98
CA GLN B 151 -15.03 15.01 13.29
C GLN B 151 -13.70 15.74 13.54
N LEU B 152 -12.59 15.15 13.07
CA LEU B 152 -11.29 15.85 13.12
C LEU B 152 -11.29 17.18 12.35
N LYS B 153 -12.19 17.29 11.38
CA LYS B 153 -12.36 18.53 10.63
C LYS B 153 -13.56 19.35 11.11
N GLY B 154 -14.04 19.01 12.31
CA GLY B 154 -15.09 19.82 12.96
C GLY B 154 -16.46 19.17 12.90
N GLY B 155 -16.61 18.12 12.12
CA GLY B 155 -17.91 17.43 12.06
C GLY B 155 -19.09 18.38 11.77
N TRP B 156 -20.17 18.26 12.56
CA TRP B 156 -21.40 19.04 12.31
C TRP B 156 -21.22 20.54 12.53
N ALA B 157 -20.10 20.91 13.14
CA ALA B 157 -19.80 22.32 13.38
C ALA B 157 -19.30 23.03 12.13
N ASN B 158 -18.87 22.25 11.15
CA ASN B 158 -18.23 22.77 9.94
C ASN B 158 -19.24 22.93 8.81
N ARG B 159 -19.43 24.14 8.27
CA ARG B 159 -20.42 24.31 7.19
C ARG B 159 -20.19 23.35 6.03
N GLU B 160 -18.95 22.87 5.87
CA GLU B 160 -18.63 22.04 4.69
C GLU B 160 -19.34 20.68 4.81
N ILE B 161 -19.86 20.36 5.99
CA ILE B 161 -20.56 19.06 6.15
C ILE B 161 -21.80 18.97 5.24
N ALA B 162 -22.42 20.08 4.87
CA ALA B 162 -23.54 19.93 3.92
C ALA B 162 -23.01 19.25 2.64
N ASP B 163 -21.82 19.63 2.18
CA ASP B 163 -21.23 18.99 0.99
C ASP B 163 -20.88 17.56 1.29
N TRP B 164 -20.24 17.32 2.43
CA TRP B 164 -19.81 15.96 2.71
C TRP B 164 -21.02 15.04 2.74
N PHE B 165 -22.08 15.54 3.38
CA PHE B 165 -23.28 14.74 3.55
C PHE B 165 -23.99 14.50 2.21
N ALA B 166 -24.00 15.53 1.38
CA ALA B 166 -24.58 15.44 0.03
C ALA B 166 -23.85 14.36 -0.75
N GLU B 167 -22.52 14.35 -0.68
CA GLU B 167 -21.68 13.38 -1.41
CA GLU B 167 -21.80 13.37 -1.48
C GLU B 167 -21.96 11.97 -0.91
N TYR B 168 -22.05 11.82 0.41
CA TYR B 168 -22.34 10.53 1.02
C TYR B 168 -23.74 10.07 0.54
N SER B 169 -24.73 10.96 0.60
CA SER B 169 -26.06 10.60 0.19
C SER B 169 -26.09 10.10 -1.25
N ARG B 170 -25.40 10.81 -2.11
CA ARG B 170 -25.37 10.44 -3.55
C ARG B 170 -24.86 9.01 -3.71
N VAL B 171 -23.79 8.67 -2.99
CA VAL B 171 -23.28 7.30 -3.09
C VAL B 171 -24.38 6.29 -2.71
N LEU B 172 -25.14 6.57 -1.65
CA LEU B 172 -26.20 5.64 -1.27
C LEU B 172 -27.34 5.58 -2.29
N PHE B 173 -27.82 6.75 -2.73
CA PHE B 173 -28.90 6.77 -3.71
C PHE B 173 -28.52 6.02 -4.99
N GLU B 174 -27.31 6.27 -5.48
CA GLU B 174 -26.85 5.64 -6.73
C GLU B 174 -26.64 4.14 -6.61
N ASN B 175 -26.22 3.67 -5.43
CA ASN B 175 -26.01 2.24 -5.25
C ASN B 175 -27.25 1.48 -4.79
N PHE B 176 -28.14 2.13 -4.03
CA PHE B 176 -29.24 1.43 -3.37
C PHE B 176 -30.62 1.90 -3.79
N GLY B 177 -30.71 3.01 -4.53
CA GLY B 177 -32.00 3.64 -4.79
C GLY B 177 -32.77 2.92 -5.89
N ASP B 178 -32.11 1.97 -6.54
CA ASP B 178 -32.83 1.09 -7.47
C ASP B 178 -33.74 0.13 -6.69
N ARG B 179 -33.42 -0.13 -5.43
CA ARG B 179 -34.21 -1.10 -4.65
C ARG B 179 -34.87 -0.44 -3.45
N VAL B 180 -34.22 0.56 -2.87
CA VAL B 180 -34.76 1.27 -1.71
C VAL B 180 -35.46 2.55 -2.19
N LYS B 181 -36.73 2.70 -1.87
CA LYS B 181 -37.58 3.83 -2.27
C LYS B 181 -38.10 4.68 -1.11
N ASN B 182 -37.67 4.36 0.12
CA ASN B 182 -38.14 5.09 1.32
C ASN B 182 -36.90 5.46 2.13
N TRP B 183 -36.63 6.76 2.24
CA TRP B 183 -35.38 7.25 2.80
C TRP B 183 -35.60 8.30 3.87
N ILE B 184 -34.69 8.33 4.86
CA ILE B 184 -34.75 9.34 5.94
C ILE B 184 -33.34 9.95 5.99
N THR B 185 -33.24 11.27 5.88
CA THR B 185 -31.90 11.86 5.89
C THR B 185 -31.24 11.75 7.25
N LEU B 186 -31.92 12.24 8.27
CA LEU B 186 -31.31 12.36 9.59
C LEU B 186 -32.22 11.79 10.63
N ASN B 187 -31.65 11.04 11.56
CA ASN B 187 -32.38 10.69 12.77
C ASN B 187 -32.15 11.70 13.88
N GLU B 188 -33.21 12.43 14.27
CA GLU B 188 -33.23 13.22 15.51
C GLU B 188 -32.14 14.29 15.57
N PRO B 189 -32.15 15.23 14.62
CA PRO B 189 -31.06 16.19 14.59
C PRO B 189 -31.00 17.05 15.86
N TRP B 190 -32.14 17.21 16.56
CA TRP B 190 -32.06 17.89 17.86
C TRP B 190 -31.11 17.14 18.79
N VAL B 191 -31.20 15.81 18.77
CA VAL B 191 -30.30 15.03 19.64
C VAL B 191 -28.85 15.13 19.23
N VAL B 192 -28.59 14.95 17.94
CA VAL B 192 -27.25 15.06 17.39
C VAL B 192 -26.63 16.40 17.82
N ALA B 193 -27.39 17.48 17.66
CA ALA B 193 -26.82 18.80 17.92
C ALA B 193 -26.70 19.05 19.41
N ILE B 194 -27.81 18.94 20.12
CA ILE B 194 -27.88 19.40 21.50
C ILE B 194 -27.30 18.38 22.48
N VAL B 195 -27.70 17.12 22.38
CA VAL B 195 -27.13 16.14 23.32
C VAL B 195 -25.70 15.87 22.97
N GLY B 196 -25.34 15.93 21.67
CA GLY B 196 -23.95 15.70 21.29
C GLY B 196 -22.97 16.88 21.46
N HIS B 197 -23.47 18.11 21.41
CA HIS B 197 -22.59 19.27 21.40
C HIS B 197 -22.88 20.31 22.47
N LEU B 198 -24.02 20.22 23.18
CA LEU B 198 -24.31 21.13 24.31
C LEU B 198 -24.25 20.38 25.64
N TYR B 199 -24.92 19.23 25.71
CA TYR B 199 -24.90 18.42 26.95
C TYR B 199 -23.66 17.54 27.03
N GLY B 200 -23.07 17.19 25.88
CA GLY B 200 -21.88 16.40 25.83
C GLY B 200 -22.08 14.94 26.26
N VAL B 201 -23.33 14.48 26.25
CA VAL B 201 -23.70 13.15 26.75
C VAL B 201 -23.61 12.11 25.64
N HIS B 202 -23.75 12.57 24.39
CA HIS B 202 -23.51 11.75 23.20
C HIS B 202 -22.30 12.24 22.43
N ALA B 203 -21.76 11.37 21.59
CA ALA B 203 -20.63 11.75 20.74
C ALA B 203 -21.04 12.98 19.89
N PRO B 204 -20.13 13.90 19.66
CA PRO B 204 -18.68 13.86 19.99
C PRO B 204 -18.35 14.37 21.38
N GLY B 205 -19.38 14.57 22.21
CA GLY B 205 -19.14 14.79 23.63
C GLY B 205 -18.70 16.21 23.96
N MET B 206 -19.29 17.18 23.29
CA MET B 206 -18.91 18.56 23.48
CA MET B 206 -18.92 18.58 23.46
C MET B 206 -19.95 19.33 24.30
N ARG B 207 -19.52 20.43 24.95
CA ARG B 207 -20.43 21.30 25.68
C ARG B 207 -20.18 22.79 25.27
N ASP B 208 -20.72 23.22 24.15
CA ASP B 208 -20.47 24.56 23.61
C ASP B 208 -21.76 24.95 22.87
N ILE B 209 -22.47 25.93 23.42
CA ILE B 209 -23.78 26.27 22.91
C ILE B 209 -23.73 26.91 21.54
N TYR B 210 -22.61 27.59 21.22
CA TYR B 210 -22.43 28.18 19.90
C TYR B 210 -22.18 27.06 18.89
N VAL B 211 -21.36 26.06 19.26
CA VAL B 211 -21.19 24.91 18.38
C VAL B 211 -22.51 24.18 18.20
N ALA B 212 -23.28 24.06 19.27
CA ALA B 212 -24.51 23.30 19.23
C ALA B 212 -25.49 23.91 18.21
N PHE B 213 -25.58 25.22 18.20
CA PHE B 213 -26.55 25.83 17.26
C PHE B 213 -26.04 25.89 15.85
N ARG B 214 -24.73 25.93 15.68
CA ARG B 214 -24.19 25.77 14.35
C ARG B 214 -24.46 24.35 13.88
N ALA B 215 -24.43 23.37 14.80
CA ALA B 215 -24.80 22.01 14.35
C ALA B 215 -26.28 21.92 13.92
N VAL B 216 -27.19 22.55 14.67
CA VAL B 216 -28.61 22.56 14.26
C VAL B 216 -28.69 23.04 12.84
N HIS B 217 -28.00 24.13 12.58
CA HIS B 217 -28.14 24.78 11.26
C HIS B 217 -27.48 23.97 10.15
N ASN B 218 -26.32 23.41 10.43
CA ASN B 218 -25.67 22.58 9.45
C ASN B 218 -26.40 21.29 9.18
N LEU B 219 -27.07 20.74 10.20
CA LEU B 219 -27.93 19.58 10.03
C LEU B 219 -29.02 19.89 9.02
N LEU B 220 -29.69 21.02 9.20
CA LEU B 220 -30.72 21.42 8.21
C LEU B 220 -30.15 21.59 6.80
N ARG B 221 -29.04 22.33 6.71
CA ARG B 221 -28.39 22.52 5.40
C ARG B 221 -28.03 21.19 4.75
N ALA B 222 -27.46 20.27 5.52
CA ALA B 222 -27.10 18.96 4.99
C ALA B 222 -28.32 18.15 4.50
N HIS B 223 -29.33 18.07 5.35
CA HIS B 223 -30.62 17.43 5.02
C HIS B 223 -31.12 17.94 3.67
N ALA B 224 -31.17 19.27 3.51
CA ALA B 224 -31.83 19.84 2.31
C ALA B 224 -31.00 19.52 1.09
N ARG B 225 -29.69 19.56 1.25
CA ARG B 225 -28.78 19.27 0.16
CA ARG B 225 -28.74 19.26 0.19
C ARG B 225 -28.91 17.79 -0.25
N ALA B 226 -29.10 16.90 0.71
CA ALA B 226 -29.36 15.49 0.37
C ALA B 226 -30.71 15.31 -0.35
N VAL B 227 -31.75 16.04 0.08
CA VAL B 227 -33.04 15.93 -0.62
C VAL B 227 -32.90 16.40 -2.07
N LYS B 228 -32.17 17.49 -2.27
CA LYS B 228 -31.94 18.02 -3.63
C LYS B 228 -31.29 16.94 -4.47
N VAL B 229 -30.28 16.27 -3.92
CA VAL B 229 -29.57 15.19 -4.62
C VAL B 229 -30.49 14.00 -4.91
N PHE B 230 -31.39 13.74 -3.98
CA PHE B 230 -32.35 12.66 -4.09
C PHE B 230 -33.25 12.88 -5.30
N ARG B 231 -33.65 14.14 -5.54
CA ARG B 231 -34.56 14.40 -6.65
C ARG B 231 -33.89 14.16 -8.01
N GLU B 232 -32.56 14.23 -8.07
CA GLU B 232 -31.87 13.95 -9.29
C GLU B 232 -31.63 12.46 -9.50
N THR B 233 -31.73 11.66 -8.45
CA THR B 233 -31.28 10.28 -8.52
CA THR B 233 -31.27 10.28 -8.52
C THR B 233 -32.41 9.27 -8.36
N VAL B 234 -33.27 9.48 -7.36
CA VAL B 234 -34.32 8.53 -7.08
C VAL B 234 -35.68 9.14 -7.39
N LYS B 235 -36.03 9.10 -8.67
CA LYS B 235 -37.21 9.79 -9.21
C LYS B 235 -38.57 9.30 -8.72
N ASP B 236 -38.65 8.02 -8.36
CA ASP B 236 -39.87 7.47 -7.80
C ASP B 236 -39.76 7.16 -6.30
N GLY B 237 -38.89 7.84 -5.57
CA GLY B 237 -38.68 7.51 -4.16
C GLY B 237 -39.37 8.54 -3.29
N LYS B 238 -39.45 8.27 -2.00
CA LYS B 238 -39.94 9.23 -1.03
C LYS B 238 -38.82 9.47 -0.01
N ILE B 239 -38.67 10.72 0.41
CA ILE B 239 -37.64 11.04 1.38
C ILE B 239 -38.18 11.95 2.46
N GLY B 240 -37.69 11.76 3.68
CA GLY B 240 -38.17 12.50 4.82
C GLY B 240 -37.04 12.65 5.82
N ILE B 241 -37.44 13.03 7.02
CA ILE B 241 -36.53 13.35 8.14
C ILE B 241 -37.26 13.04 9.45
N VAL B 242 -36.50 12.64 10.47
CA VAL B 242 -37.10 12.14 11.69
C VAL B 242 -36.76 13.02 12.88
N PHE B 243 -37.74 13.32 13.73
CA PHE B 243 -37.57 14.19 14.90
C PHE B 243 -37.99 13.49 16.19
N ASN B 244 -37.23 13.72 17.28
CA ASN B 244 -37.68 13.38 18.59
C ASN B 244 -38.77 14.34 19.03
N ASN B 245 -39.64 13.88 19.92
CA ASN B 245 -40.71 14.74 20.48
C ASN B 245 -41.09 14.28 21.86
N GLY B 246 -41.38 15.23 22.72
CA GLY B 246 -41.97 14.88 24.00
C GLY B 246 -43.28 15.63 24.15
N TYR B 247 -44.17 15.11 24.97
CA TYR B 247 -45.45 15.76 25.20
C TYR B 247 -45.32 16.59 26.46
N PHE B 248 -45.07 17.89 26.29
CA PHE B 248 -44.93 18.81 27.42
C PHE B 248 -46.27 19.37 27.84
N GLU B 249 -46.52 19.33 29.13
CA GLU B 249 -47.76 19.85 29.70
C GLU B 249 -47.37 20.80 30.81
N PRO B 250 -48.21 21.82 31.05
CA PRO B 250 -47.88 22.89 31.98
C PRO B 250 -48.11 22.48 33.43
N ALA B 251 -47.21 22.84 34.34
CA ALA B 251 -47.35 22.48 35.76
C ALA B 251 -48.48 23.25 36.47
N SER B 252 -48.82 24.43 35.95
CA SER B 252 -49.97 25.21 36.43
C SER B 252 -50.53 26.01 35.26
N GLU B 253 -51.57 26.81 35.50
CA GLU B 253 -52.12 27.64 34.42
C GLU B 253 -51.47 29.03 34.41
N LYS B 254 -50.55 29.26 35.35
CA LYS B 254 -49.71 30.46 35.34
C LYS B 254 -49.17 30.69 33.92
N GLU B 255 -49.15 31.94 33.46
CA GLU B 255 -48.74 32.23 32.08
C GLU B 255 -47.31 31.76 31.78
N GLU B 256 -46.41 31.91 32.74
CA GLU B 256 -45.02 31.50 32.53
C GLU B 256 -44.84 29.97 32.38
N ASP B 257 -45.70 29.17 33.02
CA ASP B 257 -45.60 27.73 32.85
C ASP B 257 -46.12 27.37 31.45
N ILE B 258 -47.20 28.01 31.02
CA ILE B 258 -47.70 27.78 29.68
C ILE B 258 -46.67 28.21 28.63
N ARG B 259 -45.95 29.29 28.94
CA ARG B 259 -44.91 29.78 28.07
C ARG B 259 -43.73 28.78 28.07
N ALA B 260 -43.43 28.18 29.23
CA ALA B 260 -42.36 27.18 29.29
C ALA B 260 -42.66 26.01 28.34
N VAL B 261 -43.92 25.63 28.30
CA VAL B 261 -44.35 24.56 27.39
C VAL B 261 -44.15 24.97 25.95
N ARG B 262 -44.55 26.19 25.60
CA ARG B 262 -44.36 26.62 24.22
C ARG B 262 -42.90 26.54 23.84
N PHE B 263 -42.03 26.98 24.74
CA PHE B 263 -40.63 26.97 24.44
C PHE B 263 -40.11 25.56 24.29
N MET B 264 -40.48 24.70 25.24
CA MET B 264 -40.09 23.30 25.18
C MET B 264 -40.54 22.65 23.87
N HIS B 265 -41.78 22.89 23.48
CA HIS B 265 -42.25 22.40 22.18
C HIS B 265 -41.44 22.98 21.01
N GLN B 266 -41.18 24.30 21.05
CA GLN B 266 -40.56 24.90 19.87
C GLN B 266 -39.12 24.45 19.69
N PHE B 267 -38.46 24.21 20.81
CA PHE B 267 -37.03 23.89 20.80
C PHE B 267 -36.76 22.39 20.73
N ASN B 268 -37.51 21.60 21.50
CA ASN B 268 -37.26 20.15 21.65
CA ASN B 268 -37.20 20.15 21.58
C ASN B 268 -37.99 19.27 20.62
N ASN B 269 -39.04 19.81 20.05
CA ASN B 269 -39.86 19.01 19.18
C ASN B 269 -39.67 19.40 17.72
N TYR B 270 -40.47 18.82 16.84
CA TYR B 270 -40.32 19.08 15.41
C TYR B 270 -40.24 20.58 14.98
N PRO B 271 -40.89 21.51 15.72
CA PRO B 271 -40.86 22.85 15.12
C PRO B 271 -39.46 23.46 14.87
N LEU B 272 -38.46 23.11 15.69
CA LEU B 272 -37.12 23.67 15.49
C LEU B 272 -36.66 23.48 14.06
N PHE B 273 -37.07 22.36 13.48
CA PHE B 273 -36.67 22.03 12.14
C PHE B 273 -37.74 22.21 11.09
N LEU B 274 -39.00 22.01 11.46
CA LEU B 274 -40.05 22.16 10.47
C LEU B 274 -40.42 23.61 10.29
N ASN B 275 -40.11 24.49 11.24
CA ASN B 275 -40.37 25.91 10.94
C ASN B 275 -39.44 26.34 9.80
N PRO B 276 -38.14 25.97 9.87
CA PRO B 276 -37.26 26.26 8.73
C PRO B 276 -37.77 25.61 7.42
N ILE B 277 -38.09 24.33 7.47
CA ILE B 277 -38.42 23.62 6.27
C ILE B 277 -39.71 24.13 5.60
N TYR B 278 -40.74 24.42 6.40
CA TYR B 278 -42.06 24.81 5.85
C TYR B 278 -42.29 26.32 5.83
N ARG B 279 -41.57 27.06 6.66
CA ARG B 279 -41.84 28.51 6.76
C ARG B 279 -40.61 29.42 6.52
N GLY B 280 -39.41 28.84 6.51
CA GLY B 280 -38.19 29.55 6.12
C GLY B 280 -37.56 30.34 7.25
N ASP B 281 -37.85 29.94 8.48
CA ASP B 281 -37.12 30.54 9.59
C ASP B 281 -37.30 29.66 10.81
N TYR B 282 -36.53 29.92 11.86
CA TYR B 282 -36.67 29.21 13.11
C TYR B 282 -37.90 29.72 13.85
N PRO B 283 -38.44 28.90 14.76
CA PRO B 283 -39.63 29.28 15.53
C PRO B 283 -39.32 30.52 16.34
N GLU B 284 -40.34 31.34 16.61
CA GLU B 284 -40.17 32.61 17.35
C GLU B 284 -39.43 32.50 18.72
N LEU B 285 -39.81 31.55 19.57
CA LEU B 285 -39.16 31.42 20.87
C LEU B 285 -37.72 30.96 20.77
N VAL B 286 -37.42 30.17 19.75
CA VAL B 286 -36.05 29.71 19.52
C VAL B 286 -35.18 30.89 19.11
N LEU B 287 -35.67 31.69 18.17
CA LEU B 287 -35.00 32.91 17.77
C LEU B 287 -34.82 33.86 18.94
N GLU B 288 -35.81 33.93 19.81
CA GLU B 288 -35.73 34.88 20.91
C GLU B 288 -34.59 34.50 21.85
N PHE B 289 -34.45 33.22 22.13
CA PHE B 289 -33.44 32.77 23.07
C PHE B 289 -32.08 32.41 22.43
N ALA B 290 -32.05 32.13 21.12
CA ALA B 290 -30.83 31.57 20.50
C ALA B 290 -30.25 32.37 19.33
N ARG B 291 -30.81 33.54 19.00
CA ARG B 291 -30.22 34.29 17.88
C ARG B 291 -28.73 34.52 18.10
N GLU B 292 -28.29 34.65 19.35
CA GLU B 292 -26.90 34.95 19.60
C GLU B 292 -25.99 33.84 19.10
N TYR B 293 -26.49 32.61 19.14
CA TYR B 293 -25.65 31.45 18.87
C TYR B 293 -25.71 31.00 17.42
N LEU B 294 -26.77 31.40 16.72
CA LEU B 294 -26.83 31.10 15.29
C LEU B 294 -25.83 31.92 14.45
N PRO B 295 -25.40 31.38 13.28
CA PRO B 295 -24.61 32.27 12.43
C PRO B 295 -25.46 33.52 12.11
N GLU B 296 -24.85 34.68 11.92
CA GLU B 296 -25.65 35.91 11.78
C GLU B 296 -26.40 35.96 10.44
N ASN B 297 -25.78 35.44 9.37
CA ASN B 297 -26.45 35.37 8.06
C ASN B 297 -27.14 34.02 7.85
N TYR B 298 -27.57 33.39 8.93
CA TYR B 298 -28.16 32.05 8.83
C TYR B 298 -29.33 32.07 7.86
N LYS B 299 -30.05 33.19 7.80
CA LYS B 299 -31.28 33.21 7.02
C LYS B 299 -30.99 33.07 5.52
N ASP B 300 -29.77 33.40 5.11
CA ASP B 300 -29.40 33.27 3.72
C ASP B 300 -29.57 31.81 3.27
N ASP B 301 -29.53 30.89 4.23
CA ASP B 301 -29.60 29.46 3.89
C ASP B 301 -31.04 28.95 3.87
N MET B 302 -31.96 29.77 4.33
CA MET B 302 -33.31 29.29 4.49
C MET B 302 -34.00 28.94 3.16
N SER B 303 -33.68 29.65 2.07
CA SER B 303 -34.31 29.33 0.80
C SER B 303 -34.04 27.85 0.42
N GLU B 304 -32.78 27.45 0.54
CA GLU B 304 -32.39 26.09 0.20
C GLU B 304 -32.95 25.08 1.20
N ILE B 305 -32.98 25.47 2.47
CA ILE B 305 -33.52 24.63 3.51
C ILE B 305 -34.98 24.20 3.23
N GLN B 306 -35.72 24.99 2.47
CA GLN B 306 -37.13 24.66 2.32
C GLN B 306 -37.44 23.64 1.24
N GLU B 307 -36.37 23.02 0.69
CA GLU B 307 -36.44 21.90 -0.24
C GLU B 307 -37.54 20.92 0.17
N LYS B 308 -38.45 20.61 -0.78
CA LYS B 308 -39.66 19.89 -0.46
C LYS B 308 -39.41 18.48 0.05
N ILE B 309 -40.05 18.13 1.16
CA ILE B 309 -39.94 16.76 1.65
C ILE B 309 -41.25 15.97 1.45
N ASP B 310 -41.13 14.65 1.34
CA ASP B 310 -42.33 13.79 1.15
C ASP B 310 -43.10 13.36 2.40
N PHE B 311 -42.43 13.30 3.56
CA PHE B 311 -43.08 12.87 4.80
C PHE B 311 -42.26 13.31 5.97
N VAL B 312 -42.92 13.39 7.12
CA VAL B 312 -42.24 13.66 8.37
C VAL B 312 -42.25 12.38 9.20
N GLY B 313 -41.11 12.06 9.83
CA GLY B 313 -41.13 10.98 10.80
C GLY B 313 -41.04 11.55 12.19
N LEU B 314 -41.91 11.04 13.05
CA LEU B 314 -41.94 11.44 14.44
C LEU B 314 -41.62 10.25 15.35
N ASN B 315 -40.69 10.47 16.28
CA ASN B 315 -40.37 9.50 17.32
C ASN B 315 -41.03 10.06 18.54
N TYR B 316 -41.60 9.18 19.36
CA TYR B 316 -42.27 9.59 20.58
C TYR B 316 -42.13 8.50 21.62
N TYR B 317 -41.67 8.89 22.81
CA TYR B 317 -41.56 7.94 23.94
C TYR B 317 -42.20 8.41 25.27
N SER B 318 -42.21 9.70 25.54
CA SER B 318 -42.59 10.13 26.88
CA SER B 318 -42.43 10.19 26.90
C SER B 318 -43.22 11.50 26.96
N GLY B 319 -43.89 11.74 28.09
CA GLY B 319 -44.51 13.05 28.37
C GLY B 319 -43.81 13.64 29.58
N HIS B 320 -43.84 14.97 29.67
CA HIS B 320 -43.09 15.69 30.71
C HIS B 320 -43.89 16.88 31.22
N LEU B 321 -44.00 17.03 32.53
CA LEU B 321 -44.63 18.20 33.09
C LEU B 321 -43.57 19.28 33.33
N VAL B 322 -43.85 20.52 32.93
CA VAL B 322 -42.83 21.55 32.99
C VAL B 322 -43.29 22.82 33.67
N LYS B 323 -42.35 23.48 34.35
CA LYS B 323 -42.64 24.75 34.98
C LYS B 323 -41.58 25.78 34.61
N PHE B 324 -41.96 27.05 34.66
CA PHE B 324 -40.97 28.13 34.59
C PHE B 324 -40.14 28.05 35.85
N ASP B 325 -38.81 28.10 35.69
CA ASP B 325 -37.91 28.02 36.82
C ASP B 325 -36.81 29.06 36.69
N PRO B 326 -36.82 30.09 37.55
CA PRO B 326 -35.86 31.18 37.35
C PRO B 326 -34.41 30.73 37.54
N ASP B 327 -34.19 29.56 38.12
CA ASP B 327 -32.83 29.12 38.44
C ASP B 327 -32.22 28.17 37.43
N ALA B 328 -33.05 27.49 36.64
CA ALA B 328 -32.53 26.56 35.64
C ALA B 328 -32.08 27.32 34.41
N PRO B 329 -31.19 26.71 33.62
CA PRO B 329 -30.79 27.31 32.36
C PRO B 329 -31.92 27.17 31.34
N ALA B 330 -32.35 28.27 30.77
CA ALA B 330 -33.44 28.26 29.82
C ALA B 330 -34.71 28.52 30.60
N LYS B 331 -34.56 28.62 31.92
CA LYS B 331 -35.66 28.91 32.84
C LYS B 331 -36.81 27.91 32.79
N VAL B 332 -36.49 26.64 32.55
CA VAL B 332 -37.48 25.57 32.52
C VAL B 332 -36.99 24.35 33.32
N SER B 333 -37.81 23.83 34.21
CA SER B 333 -37.48 22.56 34.84
C SER B 333 -38.63 21.56 34.68
N PHE B 334 -38.30 20.28 34.77
CA PHE B 334 -39.30 19.23 34.70
C PHE B 334 -39.75 18.93 36.11
N VAL B 335 -41.01 18.62 36.29
CA VAL B 335 -41.53 18.26 37.59
C VAL B 335 -41.99 16.80 37.53
N GLU B 336 -41.48 16.00 38.45
CA GLU B 336 -41.81 14.61 38.49
C GLU B 336 -43.29 14.41 38.82
N ARG B 337 -43.94 13.55 38.06
CA ARG B 337 -45.33 13.17 38.36
C ARG B 337 -45.40 11.74 38.89
N ASP B 338 -46.42 11.45 39.71
CA ASP B 338 -46.63 10.06 40.16
C ASP B 338 -47.39 9.27 39.10
N LEU B 339 -46.69 8.93 38.02
CA LEU B 339 -47.27 8.21 36.90
C LEU B 339 -46.42 6.96 36.66
N PRO B 340 -46.98 5.98 35.94
CA PRO B 340 -46.18 4.81 35.62
C PRO B 340 -44.95 5.16 34.78
N LYS B 341 -43.81 4.56 35.12
CA LYS B 341 -42.54 4.84 34.43
C LYS B 341 -41.93 3.59 33.82
N THR B 342 -41.09 3.75 32.79
CA THR B 342 -40.40 2.63 32.20
C THR B 342 -39.08 2.47 32.96
N ALA B 343 -38.22 1.56 32.50
CA ALA B 343 -36.91 1.35 33.17
C ALA B 343 -35.97 2.55 33.03
N MET B 344 -36.32 3.51 32.16
CA MET B 344 -35.54 4.77 32.01
C MET B 344 -35.98 5.82 33.00
N GLY B 345 -37.05 5.52 33.74
CA GLY B 345 -37.65 6.53 34.62
C GLY B 345 -38.57 7.49 33.87
N TRP B 346 -38.83 7.23 32.59
CA TRP B 346 -39.68 8.11 31.80
C TRP B 346 -41.16 7.82 32.09
N GLU B 347 -41.93 8.88 32.28
CA GLU B 347 -43.37 8.75 32.46
C GLU B 347 -44.10 8.28 31.21
N ILE B 348 -44.96 7.29 31.39
CA ILE B 348 -45.70 6.72 30.27
C ILE B 348 -47.00 7.53 30.07
N VAL B 349 -47.06 8.30 28.99
CA VAL B 349 -48.22 9.15 28.66
C VAL B 349 -48.64 8.93 27.22
N PRO B 350 -49.46 7.90 26.97
CA PRO B 350 -49.79 7.49 25.63
C PRO B 350 -50.54 8.58 24.83
N GLU B 351 -51.33 9.41 25.51
CA GLU B 351 -52.05 10.46 24.77
C GLU B 351 -51.06 11.43 24.15
N GLY B 352 -49.81 11.43 24.62
CA GLY B 352 -48.82 12.30 24.02
C GLY B 352 -48.59 12.02 22.55
N ILE B 353 -48.77 10.78 22.12
CA ILE B 353 -48.51 10.44 20.71
C ILE B 353 -49.66 10.94 19.84
N TYR B 354 -50.84 10.94 20.45
CA TYR B 354 -52.00 11.56 19.82
C TYR B 354 -51.79 13.09 19.73
N TRP B 355 -51.34 13.72 20.81
CA TRP B 355 -51.12 15.17 20.81
C TRP B 355 -50.11 15.60 19.72
N ILE B 356 -48.99 14.90 19.63
CA ILE B 356 -47.95 15.31 18.70
C ILE B 356 -48.40 15.13 17.24
N LEU B 357 -49.21 14.08 17.01
CA LEU B 357 -49.71 13.84 15.65
C LEU B 357 -50.71 14.90 15.23
N LYS B 358 -51.59 15.28 16.16
CA LYS B 358 -52.58 16.34 15.89
C LYS B 358 -51.85 17.66 15.67
N LYS B 359 -50.93 17.99 16.58
CA LYS B 359 -50.19 19.25 16.50
C LYS B 359 -49.38 19.38 15.23
N VAL B 360 -48.79 18.31 14.72
CA VAL B 360 -47.93 18.46 13.56
C VAL B 360 -48.79 18.78 12.33
N LYS B 361 -49.95 18.12 12.24
CA LYS B 361 -50.95 18.44 11.20
C LYS B 361 -51.40 19.88 11.30
N GLU B 362 -51.76 20.28 12.51
CA GLU B 362 -52.26 21.62 12.78
C GLU B 362 -51.23 22.71 12.45
N GLU B 363 -49.97 22.46 12.81
CA GLU B 363 -48.92 23.45 12.62
C GLU B 363 -48.29 23.45 11.22
N TYR B 364 -48.07 22.29 10.63
CA TYR B 364 -47.36 22.24 9.36
C TYR B 364 -48.06 21.47 8.26
N ASN B 365 -49.07 20.70 8.64
CA ASN B 365 -49.82 19.90 7.65
C ASN B 365 -48.94 19.18 6.65
N PRO B 366 -47.94 18.39 7.11
CA PRO B 366 -47.17 17.58 6.18
C PRO B 366 -48.08 16.57 5.47
N PRO B 367 -47.76 16.22 4.21
CA PRO B 367 -48.62 15.34 3.41
C PRO B 367 -48.71 13.93 3.98
N GLU B 368 -47.63 13.46 4.62
CA GLU B 368 -47.61 12.14 5.24
C GLU B 368 -46.82 12.24 6.52
N VAL B 369 -47.19 11.42 7.50
CA VAL B 369 -46.45 11.28 8.76
C VAL B 369 -46.22 9.81 9.05
N TYR B 370 -45.07 9.47 9.64
CA TYR B 370 -44.88 8.10 10.13
C TYR B 370 -44.47 8.23 11.58
N ILE B 371 -44.89 7.28 12.41
CA ILE B 371 -44.27 7.16 13.72
C ILE B 371 -43.05 6.28 13.45
N THR B 372 -41.87 6.88 13.48
CA THR B 372 -40.66 6.20 13.07
C THR B 372 -39.99 5.49 14.25
N GLU B 373 -40.37 5.86 15.47
CA GLU B 373 -39.99 5.10 16.68
C GLU B 373 -41.01 5.25 17.77
N ASN B 374 -41.36 4.16 18.44
CA ASN B 374 -42.09 4.21 19.70
C ASN B 374 -41.76 2.89 20.40
N GLY B 375 -41.46 2.93 21.69
CA GLY B 375 -41.17 1.70 22.43
C GLY B 375 -40.79 2.00 23.85
N ALA B 376 -40.31 1.00 24.57
CA ALA B 376 -40.01 1.19 25.98
C ALA B 376 -38.95 0.22 26.48
N ALA B 377 -38.15 0.70 27.44
CA ALA B 377 -37.20 -0.17 28.14
C ALA B 377 -37.82 -0.69 29.42
N PHE B 378 -37.71 -2.00 29.63
CA PHE B 378 -38.23 -2.65 30.82
C PHE B 378 -37.22 -3.68 31.31
N ASP B 379 -37.24 -3.96 32.61
CA ASP B 379 -36.31 -4.91 33.21
C ASP B 379 -36.62 -6.34 32.74
N ASP B 380 -36.33 -6.66 31.48
CA ASP B 380 -36.71 -7.97 30.94
C ASP B 380 -35.93 -9.11 31.58
N VAL B 381 -36.63 -10.19 31.89
CA VAL B 381 -35.99 -11.38 32.42
C VAL B 381 -36.45 -12.55 31.59
N VAL B 382 -35.52 -13.46 31.34
CA VAL B 382 -35.83 -14.73 30.70
C VAL B 382 -36.20 -15.67 31.81
N SER B 383 -37.45 -16.14 31.82
CA SER B 383 -37.91 -17.05 32.86
CA SER B 383 -37.88 -17.05 32.87
C SER B 383 -37.42 -18.48 32.58
N GLU B 384 -37.62 -19.40 33.52
CA GLU B 384 -37.12 -20.77 33.35
C GLU B 384 -37.69 -21.48 32.14
N ASP B 385 -38.83 -21.00 31.64
CA ASP B 385 -39.44 -21.55 30.41
C ASP B 385 -38.77 -21.07 29.13
N GLY B 386 -37.71 -20.27 29.26
CA GLY B 386 -36.97 -19.77 28.10
C GLY B 386 -37.66 -18.62 27.40
N ARG B 387 -38.64 -18.02 28.06
CA ARG B 387 -39.48 -17.02 27.39
C ARG B 387 -39.27 -15.71 28.10
N VAL B 388 -39.73 -14.63 27.46
CA VAL B 388 -39.67 -13.30 28.06
C VAL B 388 -41.08 -12.72 28.12
N HIS B 389 -41.60 -12.66 29.35
CA HIS B 389 -43.00 -12.27 29.62
C HIS B 389 -43.19 -10.77 29.91
N ASP B 390 -43.04 -9.96 28.87
CA ASP B 390 -43.01 -8.50 28.98
C ASP B 390 -44.38 -7.87 28.74
N GLN B 391 -45.34 -8.26 29.58
CA GLN B 391 -46.65 -7.67 29.54
C GLN B 391 -46.56 -6.16 29.68
N ASN B 392 -45.57 -5.67 30.44
CA ASN B 392 -45.42 -4.23 30.63
C ASN B 392 -45.22 -3.50 29.31
N ARG B 393 -44.44 -4.12 28.41
CA ARG B 393 -44.11 -3.53 27.13
C ARG B 393 -45.28 -3.75 26.17
N ILE B 394 -45.98 -4.87 26.30
CA ILE B 394 -47.21 -5.00 25.50
C ILE B 394 -48.19 -3.88 25.82
N ASP B 395 -48.38 -3.59 27.11
CA ASP B 395 -49.33 -2.57 27.57
C ASP B 395 -48.91 -1.19 27.05
N TYR B 396 -47.62 -0.91 27.12
CA TYR B 396 -47.10 0.33 26.57
C TYR B 396 -47.37 0.44 25.07
N LEU B 397 -47.05 -0.60 24.32
CA LEU B 397 -47.21 -0.47 22.88
C LEU B 397 -48.70 -0.34 22.52
N LYS B 398 -49.51 -1.25 23.04
CA LYS B 398 -50.96 -1.23 22.81
C LYS B 398 -51.56 0.17 23.07
N ALA B 399 -51.23 0.79 24.21
CA ALA B 399 -51.81 2.10 24.53
C ALA B 399 -51.41 3.20 23.54
N HIS B 400 -50.17 3.14 23.04
CA HIS B 400 -49.70 4.12 22.06
C HIS B 400 -50.28 3.85 20.67
N ILE B 401 -50.35 2.58 20.29
CA ILE B 401 -50.96 2.23 19.04
C ILE B 401 -52.42 2.69 19.01
N GLY B 402 -53.11 2.57 20.14
CA GLY B 402 -54.50 3.04 20.22
C GLY B 402 -54.62 4.54 19.97
N GLN B 403 -53.72 5.31 20.57
CA GLN B 403 -53.79 6.76 20.43
C GLN B 403 -53.47 7.19 19.02
N ALA B 404 -52.57 6.47 18.37
CA ALA B 404 -52.24 6.74 16.97
C ALA B 404 -53.45 6.52 16.10
N TRP B 405 -54.21 5.47 16.44
CA TRP B 405 -55.41 5.12 15.69
C TRP B 405 -56.41 6.26 15.82
N LYS B 406 -56.58 6.75 17.05
CA LYS B 406 -57.44 7.91 17.28
C LYS B 406 -57.05 9.14 16.44
N ALA B 407 -55.75 9.45 16.35
CA ALA B 407 -55.30 10.55 15.51
C ALA B 407 -55.70 10.33 14.05
N ILE B 408 -55.57 9.07 13.59
CA ILE B 408 -55.92 8.72 12.23
C ILE B 408 -57.41 9.00 12.04
N GLN B 409 -58.20 8.68 13.06
CA GLN B 409 -59.65 8.81 12.90
C GLN B 409 -59.99 10.28 12.72
N GLU B 410 -59.17 11.16 13.30
CA GLU B 410 -59.39 12.59 13.19
C GLU B 410 -58.62 13.30 12.09
N GLY B 411 -58.13 12.56 11.11
CA GLY B 411 -57.61 13.19 9.91
C GLY B 411 -56.11 13.24 9.71
N VAL B 412 -55.33 12.77 10.69
CA VAL B 412 -53.90 12.85 10.53
C VAL B 412 -53.47 11.79 9.51
N PRO B 413 -52.68 12.18 8.49
CA PRO B 413 -52.23 11.24 7.43
C PRO B 413 -51.07 10.37 7.89
N LEU B 414 -51.30 9.62 8.95
CA LEU B 414 -50.32 8.68 9.50
C LEU B 414 -50.30 7.44 8.62
N LYS B 415 -49.16 7.15 8.00
CA LYS B 415 -49.05 6.11 7.01
C LYS B 415 -48.41 4.83 7.55
N GLY B 416 -47.78 4.90 8.74
CA GLY B 416 -47.11 3.73 9.28
C GLY B 416 -46.59 3.94 10.70
N TYR B 417 -46.19 2.86 11.34
CA TYR B 417 -45.78 2.89 12.72
C TYR B 417 -44.63 1.90 12.88
N PHE B 418 -43.52 2.36 13.46
CA PHE B 418 -42.38 1.47 13.65
C PHE B 418 -42.09 1.34 15.11
N VAL B 419 -42.01 0.10 15.59
CA VAL B 419 -41.55 -0.15 16.96
C VAL B 419 -40.05 -0.04 17.11
N TRP B 420 -39.63 0.73 18.08
CA TRP B 420 -38.23 0.67 18.53
C TRP B 420 -38.17 -0.27 19.73
N SER B 421 -37.47 -1.41 19.64
CA SER B 421 -36.64 -1.82 18.50
C SER B 421 -36.92 -3.30 18.18
N LEU B 422 -36.47 -3.76 17.02
CA LEU B 422 -36.51 -5.19 16.76
C LEU B 422 -35.77 -5.94 17.87
N LEU B 423 -34.60 -5.43 18.23
CA LEU B 423 -33.65 -6.14 19.11
C LEU B 423 -33.25 -5.28 20.30
N ASP B 424 -33.06 -5.91 21.47
CA ASP B 424 -32.26 -5.25 22.49
C ASP B 424 -30.92 -4.88 21.88
N ASN B 425 -30.37 -3.72 22.24
CA ASN B 425 -29.14 -3.28 21.57
C ASN B 425 -28.36 -2.31 22.43
N PHE B 426 -27.32 -1.72 21.84
CA PHE B 426 -26.47 -0.74 22.56
C PHE B 426 -27.23 0.58 22.68
N GLU B 427 -27.74 0.90 23.87
CA GLU B 427 -28.58 2.07 24.10
C GLU B 427 -27.68 3.28 24.42
N TRP B 428 -26.75 3.61 23.50
CA TRP B 428 -25.95 4.86 23.61
C TRP B 428 -25.30 4.99 24.99
N ALA B 429 -25.49 6.11 25.68
CA ALA B 429 -24.72 6.32 26.92
C ALA B 429 -25.15 5.35 28.02
N GLU B 430 -26.23 4.61 27.80
CA GLU B 430 -26.72 3.62 28.79
C GLU B 430 -26.13 2.27 28.54
N GLY B 431 -25.47 2.08 27.40
CA GLY B 431 -24.86 0.81 27.10
C GLY B 431 -25.95 -0.25 26.97
N TYR B 432 -25.61 -1.48 27.29
CA TYR B 432 -26.57 -2.57 27.15
C TYR B 432 -27.56 -2.73 28.29
N SER B 433 -27.43 -1.88 29.31
CA SER B 433 -28.29 -1.90 30.48
C SER B 433 -29.79 -1.63 30.23
N LYS B 434 -30.14 -1.15 29.04
CA LYS B 434 -31.53 -0.81 28.75
C LYS B 434 -31.95 -1.59 27.52
N ARG B 435 -32.99 -2.41 27.71
CA ARG B 435 -33.49 -3.29 26.66
C ARG B 435 -34.79 -2.78 26.05
N PHE B 436 -34.77 -2.45 24.76
CA PHE B 436 -35.95 -1.86 24.08
C PHE B 436 -36.53 -2.83 23.07
N GLY B 437 -35.91 -4.01 22.91
CA GLY B 437 -36.32 -4.93 21.85
C GLY B 437 -37.69 -5.58 22.05
N ILE B 438 -38.26 -6.04 20.94
CA ILE B 438 -39.35 -6.99 21.04
C ILE B 438 -38.75 -8.37 20.87
N VAL B 439 -37.44 -8.43 20.62
CA VAL B 439 -36.69 -9.68 20.64
C VAL B 439 -35.57 -9.50 21.63
N TYR B 440 -35.43 -10.43 22.56
CA TYR B 440 -34.40 -10.38 23.59
C TYR B 440 -33.12 -10.88 22.98
N VAL B 441 -32.02 -10.24 23.32
CA VAL B 441 -30.70 -10.73 22.93
C VAL B 441 -29.90 -11.09 24.17
N ASP B 442 -29.50 -12.36 24.26
CA ASP B 442 -28.63 -12.80 25.32
C ASP B 442 -27.19 -12.53 24.83
N TYR B 443 -26.54 -11.52 25.38
CA TYR B 443 -25.21 -11.15 24.84
C TYR B 443 -24.11 -12.13 25.18
N SER B 444 -24.39 -13.01 26.12
CA SER B 444 -23.43 -14.07 26.44
C SER B 444 -23.37 -15.14 25.33
N THR B 445 -24.41 -15.27 24.51
CA THR B 445 -24.43 -16.29 23.46
C THR B 445 -24.89 -15.75 22.11
N GLN B 446 -25.39 -14.51 22.10
CA GLN B 446 -26.02 -13.93 20.91
C GLN B 446 -27.38 -14.58 20.53
N LYS B 447 -27.85 -15.53 21.35
CA LYS B 447 -29.16 -16.08 21.12
C LYS B 447 -30.23 -14.98 21.07
N ARG B 448 -31.11 -15.08 20.09
CA ARG B 448 -32.30 -14.23 20.06
C ARG B 448 -33.50 -15.00 20.62
N ILE B 449 -34.29 -14.34 21.47
CA ILE B 449 -35.50 -14.93 22.02
C ILE B 449 -36.65 -13.94 21.79
N VAL B 450 -37.59 -14.28 20.91
CA VAL B 450 -38.74 -13.41 20.70
C VAL B 450 -39.50 -13.17 22.00
N LYS B 451 -39.69 -11.91 22.38
CA LYS B 451 -40.43 -11.61 23.63
C LYS B 451 -41.94 -11.78 23.39
N ASP B 452 -42.73 -11.76 24.46
CA ASP B 452 -44.15 -11.88 24.27
C ASP B 452 -44.64 -10.68 23.48
N SER B 453 -44.01 -9.51 23.66
CA SER B 453 -44.43 -8.32 22.87
C SER B 453 -44.24 -8.54 21.37
N GLY B 454 -43.25 -9.34 21.00
CA GLY B 454 -43.00 -9.67 19.58
C GLY B 454 -44.12 -10.51 18.99
N TYR B 455 -44.48 -11.58 19.68
CA TYR B 455 -45.66 -12.37 19.29
C TYR B 455 -46.95 -11.53 19.23
N TRP B 456 -47.14 -10.67 20.24
CA TRP B 456 -48.31 -9.80 20.27
C TRP B 456 -48.29 -8.86 19.06
N TYR B 457 -47.16 -8.21 18.85
CA TYR B 457 -47.05 -7.29 17.72
C TYR B 457 -47.31 -8.03 16.39
N SER B 458 -46.80 -9.28 16.29
CA SER B 458 -47.06 -10.10 15.10
C SER B 458 -48.58 -10.16 14.83
N ASN B 459 -49.36 -10.32 15.90
CA ASN B 459 -50.81 -10.36 15.77
CA ASN B 459 -50.81 -10.37 15.80
C ASN B 459 -51.38 -9.03 15.33
N VAL B 460 -50.89 -7.94 15.92
CA VAL B 460 -51.31 -6.59 15.51
C VAL B 460 -51.10 -6.42 14.01
N VAL B 461 -49.92 -6.77 13.52
CA VAL B 461 -49.68 -6.66 12.09
C VAL B 461 -50.73 -7.49 11.35
N LYS B 462 -50.90 -8.75 11.73
CA LYS B 462 -51.88 -9.65 11.05
C LYS B 462 -53.29 -9.08 10.99
N ASN B 463 -53.81 -8.63 12.13
CA ASN B 463 -55.15 -8.05 12.17
C ASN B 463 -55.23 -6.60 11.68
N ASN B 464 -54.08 -6.05 11.26
CA ASN B 464 -53.98 -4.64 10.88
C ASN B 464 -54.62 -3.70 11.88
N GLY B 465 -54.43 -3.97 13.17
CA GLY B 465 -54.95 -3.14 14.24
C GLY B 465 -55.02 -3.88 15.56
N LEU B 466 -55.72 -3.31 16.53
CA LEU B 466 -55.93 -3.97 17.82
C LEU B 466 -57.30 -4.62 17.93
N GLU B 467 -57.33 -5.74 18.66
CA GLU B 467 -58.56 -6.36 19.15
C GLU B 467 -58.66 -6.06 20.65
N VAL C 25 56.63 -3.42 4.35
CA VAL C 25 56.32 -2.73 3.04
C VAL C 25 56.43 -3.59 1.76
N LYS C 26 55.43 -3.43 0.90
CA LYS C 26 55.40 -4.20 -0.30
C LYS C 26 55.35 -3.25 -1.46
N LYS C 27 56.49 -3.04 -2.10
CA LYS C 27 56.60 -2.11 -3.21
C LYS C 27 56.40 -2.84 -4.55
N PHE C 28 55.61 -2.29 -5.44
CA PHE C 28 55.38 -2.89 -6.73
C PHE C 28 56.44 -2.49 -7.75
N PRO C 29 56.49 -3.17 -8.89
CA PRO C 29 57.49 -2.78 -9.90
C PRO C 29 57.27 -1.38 -10.44
N GLU C 30 58.36 -0.73 -10.87
CA GLU C 30 58.26 0.59 -11.44
C GLU C 30 57.26 0.58 -12.58
N GLY C 31 56.35 1.55 -12.56
CA GLY C 31 55.38 1.75 -13.64
C GLY C 31 54.20 0.78 -13.64
N PHE C 32 54.08 0.01 -12.56
CA PHE C 32 52.91 -0.84 -12.36
C PHE C 32 51.64 -0.01 -12.51
N LEU C 33 50.63 -0.54 -13.22
CA LEU C 33 49.43 0.20 -13.54
CA LEU C 33 49.43 0.26 -13.52
C LEU C 33 48.30 -0.04 -12.54
N TRP C 34 48.07 0.88 -11.61
CA TRP C 34 46.95 0.85 -10.66
C TRP C 34 45.72 1.51 -11.32
N GLY C 35 44.64 0.74 -11.38
CA GLY C 35 43.46 1.19 -12.09
C GLY C 35 42.16 1.06 -11.28
N VAL C 36 41.08 1.55 -11.87
CA VAL C 36 39.71 1.26 -11.40
C VAL C 36 38.91 0.87 -12.64
N ALA C 37 37.81 0.16 -12.43
CA ALA C 37 37.03 -0.38 -13.54
C ALA C 37 35.51 -0.13 -13.41
N THR C 38 34.87 0.01 -14.56
CA THR C 38 33.41 0.07 -14.64
C THR C 38 32.98 -0.61 -15.93
N ALA C 39 31.66 -0.66 -16.15
CA ALA C 39 31.10 -1.18 -17.40
C ALA C 39 29.95 -0.29 -17.81
N SER C 40 29.73 -0.18 -19.12
CA SER C 40 28.78 0.79 -19.65
C SER C 40 27.35 0.70 -19.06
N TYR C 41 26.73 -0.47 -19.12
CA TYR C 41 25.32 -0.55 -18.74
C TYR C 41 25.20 -0.36 -17.23
N GLN C 42 26.26 -0.62 -16.48
CA GLN C 42 26.18 -0.54 -15.02
C GLN C 42 26.22 0.87 -14.52
N ILE C 43 26.76 1.79 -15.31
CA ILE C 43 26.91 3.16 -14.80
C ILE C 43 26.23 4.25 -15.60
N GLU C 44 25.94 3.99 -16.87
CA GLU C 44 25.73 5.14 -17.78
C GLU C 44 24.33 5.72 -17.63
N GLY C 45 23.34 4.84 -17.60
CA GLY C 45 21.94 5.35 -17.71
C GLY C 45 21.71 5.79 -19.14
N SER C 46 20.54 6.34 -19.41
CA SER C 46 20.27 6.88 -20.74
C SER C 46 20.53 5.91 -21.86
N PRO C 47 20.01 4.66 -21.73
CA PRO C 47 20.27 3.61 -22.72
C PRO C 47 19.84 3.92 -24.14
N LEU C 48 18.83 4.77 -24.29
CA LEU C 48 18.34 5.09 -25.62
C LEU C 48 18.59 6.53 -26.01
N ALA C 49 19.47 7.22 -25.30
CA ALA C 49 19.81 8.60 -25.68
C ALA C 49 20.51 8.67 -27.03
N ASP C 50 20.27 9.77 -27.75
CA ASP C 50 21.09 10.11 -28.92
C ASP C 50 21.08 9.01 -29.95
N GLY C 51 19.90 8.44 -30.10
CA GLY C 51 19.67 7.44 -31.16
C GLY C 51 20.18 6.04 -30.90
N ALA C 52 20.63 5.78 -29.66
CA ALA C 52 21.19 4.46 -29.40
C ALA C 52 20.11 3.38 -29.60
N GLY C 53 20.56 2.19 -29.96
CA GLY C 53 19.65 1.03 -30.10
C GLY C 53 19.50 0.35 -28.77
N MET C 54 18.46 -0.46 -28.61
CA MET C 54 18.24 -1.18 -27.37
C MET C 54 19.33 -2.23 -27.22
N SER C 55 19.75 -2.49 -25.99
CA SER C 55 20.55 -3.64 -25.70
C SER C 55 19.73 -4.80 -25.12
N ILE C 56 20.33 -5.97 -25.06
CA ILE C 56 19.67 -7.10 -24.36
C ILE C 56 19.53 -6.89 -22.84
N TRP C 57 20.34 -6.01 -22.23
CA TRP C 57 20.16 -5.66 -20.82
C TRP C 57 18.99 -4.70 -20.61
N HIS C 58 18.76 -3.84 -21.59
CA HIS C 58 17.57 -3.00 -21.57
C HIS C 58 16.34 -3.89 -21.61
N THR C 59 16.32 -4.82 -22.52
CA THR C 59 15.10 -5.63 -22.68
C THR C 59 14.92 -6.63 -21.53
N PHE C 60 16.04 -7.20 -21.06
CA PHE C 60 16.02 -8.15 -19.93
C PHE C 60 15.58 -7.45 -18.65
N SER C 61 16.11 -6.26 -18.35
CA SER C 61 15.78 -5.65 -17.11
C SER C 61 14.37 -5.01 -17.10
N HIS C 62 13.86 -4.73 -18.30
CA HIS C 62 12.50 -4.26 -18.49
C HIS C 62 11.49 -5.45 -18.56
N THR C 63 11.99 -6.67 -18.34
CA THR C 63 11.09 -7.81 -18.19
C THR C 63 10.86 -8.07 -16.69
N PRO C 64 9.59 -8.11 -16.23
CA PRO C 64 9.36 -8.39 -14.80
C PRO C 64 9.95 -9.70 -14.35
N GLY C 65 10.54 -9.67 -13.16
CA GLY C 65 11.05 -10.87 -12.56
C GLY C 65 12.50 -11.21 -12.80
N ASN C 66 13.20 -10.47 -13.63
CA ASN C 66 14.59 -10.80 -13.91
C ASN C 66 15.62 -10.14 -13.02
N VAL C 67 15.27 -9.00 -12.44
CA VAL C 67 16.26 -8.25 -11.67
C VAL C 67 15.64 -7.90 -10.35
N LYS C 68 16.41 -7.99 -9.28
CA LYS C 68 15.93 -7.68 -7.95
C LYS C 68 15.29 -6.31 -7.88
N ASN C 69 14.15 -6.20 -7.17
CA ASN C 69 13.47 -4.93 -6.99
C ASN C 69 12.96 -4.27 -8.27
N GLY C 70 12.96 -4.99 -9.40
CA GLY C 70 12.59 -4.40 -10.70
C GLY C 70 13.53 -3.29 -11.10
N ASP C 71 14.79 -3.39 -10.68
CA ASP C 71 15.76 -2.37 -11.00
C ASP C 71 16.13 -2.50 -12.49
N THR C 72 16.43 -1.37 -13.14
CA THR C 72 16.94 -1.32 -14.51
C THR C 72 18.16 -0.42 -14.62
N GLY C 73 18.88 -0.49 -15.76
CA GLY C 73 19.94 0.51 -16.01
C GLY C 73 19.45 1.81 -16.62
N ASP C 74 18.16 2.14 -16.51
CA ASP C 74 17.73 3.39 -17.18
C ASP C 74 18.45 4.64 -16.66
N VAL C 75 18.70 4.71 -15.35
CA VAL C 75 19.38 5.87 -14.79
C VAL C 75 20.78 5.47 -14.30
N ALA C 76 20.87 4.38 -13.52
CA ALA C 76 22.16 3.93 -12.98
C ALA C 76 22.85 5.11 -12.27
N CYS C 77 24.14 5.33 -12.54
CA CYS C 77 24.91 6.46 -11.98
C CYS C 77 24.81 7.71 -12.82
N ASP C 78 23.96 7.70 -13.85
CA ASP C 78 23.83 8.86 -14.74
C ASP C 78 25.21 9.34 -15.26
N HIS C 79 26.14 8.41 -15.46
CA HIS C 79 27.45 8.71 -15.98
C HIS C 79 27.35 9.26 -17.41
N TYR C 80 26.29 8.92 -18.12
CA TYR C 80 26.11 9.50 -19.45
C TYR C 80 26.23 11.02 -19.41
N ASN C 81 25.71 11.58 -18.30
CA ASN C 81 25.78 13.02 -18.09
C ASN C 81 26.90 13.48 -17.17
N ARG C 82 27.30 12.64 -16.22
CA ARG C 82 28.21 12.98 -15.15
C ARG C 82 29.64 12.46 -15.37
N TRP C 83 29.92 11.98 -16.59
CA TRP C 83 31.24 11.38 -16.91
C TRP C 83 32.44 12.28 -16.53
N LYS C 84 32.30 13.60 -16.71
CA LYS C 84 33.42 14.48 -16.42
C LYS C 84 33.74 14.50 -14.95
N GLU C 85 32.71 14.63 -14.10
CA GLU C 85 32.89 14.58 -12.68
C GLU C 85 33.55 13.26 -12.24
N ASP C 86 33.08 12.14 -12.81
CA ASP C 86 33.65 10.84 -12.46
C ASP C 86 35.12 10.71 -12.84
N ILE C 87 35.48 11.18 -14.03
CA ILE C 87 36.88 11.14 -14.42
C ILE C 87 37.70 12.09 -13.51
N GLU C 88 37.09 13.20 -13.10
CA GLU C 88 37.78 14.12 -12.18
C GLU C 88 38.02 13.43 -10.83
N ILE C 89 37.17 12.45 -10.47
CA ILE C 89 37.43 11.72 -9.23
C ILE C 89 38.68 10.82 -9.42
N ILE C 90 38.80 10.11 -10.55
CA ILE C 90 39.98 9.31 -10.86
C ILE C 90 41.25 10.18 -10.81
N GLU C 91 41.17 11.38 -11.38
CA GLU C 91 42.29 12.32 -11.34
C GLU C 91 42.61 12.69 -9.88
N LYS C 92 41.59 13.06 -9.12
CA LYS C 92 41.85 13.54 -7.76
C LYS C 92 42.51 12.48 -6.90
N LEU C 93 42.12 11.24 -7.09
CA LEU C 93 42.71 10.11 -6.34
C LEU C 93 44.08 9.67 -6.90
N GLY C 94 44.45 10.16 -8.08
CA GLY C 94 45.79 9.85 -8.65
C GLY C 94 45.88 8.48 -9.26
N VAL C 95 44.73 7.96 -9.66
CA VAL C 95 44.66 6.62 -10.19
C VAL C 95 45.19 6.64 -11.64
N LYS C 96 45.96 5.63 -11.98
CA LYS C 96 46.76 5.67 -13.23
C LYS C 96 46.06 5.17 -14.47
N ALA C 97 45.05 4.31 -14.28
CA ALA C 97 44.34 3.71 -15.43
C ALA C 97 42.85 3.56 -15.15
N TYR C 98 42.07 3.55 -16.23
CA TYR C 98 40.61 3.44 -16.15
C TYR C 98 40.19 2.40 -17.17
N ARG C 99 39.72 1.27 -16.67
CA ARG C 99 39.07 0.27 -17.51
C ARG C 99 37.58 0.56 -17.58
N PHE C 100 37.06 0.70 -18.81
CA PHE C 100 35.62 0.99 -18.96
C PHE C 100 35.18 0.28 -20.21
N SER C 101 33.88 0.20 -20.44
CA SER C 101 33.43 -0.54 -21.64
C SER C 101 32.66 0.38 -22.54
N ILE C 102 32.56 -0.03 -23.79
CA ILE C 102 31.74 0.68 -24.78
C ILE C 102 30.44 -0.06 -25.04
N SER C 103 29.33 0.68 -25.10
CA SER C 103 28.02 0.09 -25.38
C SER C 103 27.86 -0.08 -26.88
N TRP C 104 27.83 -1.34 -27.32
CA TRP C 104 27.79 -1.65 -28.75
C TRP C 104 26.60 -0.98 -29.46
N PRO C 105 25.36 -1.04 -28.87
CA PRO C 105 24.25 -0.40 -29.58
C PRO C 105 24.25 1.13 -29.53
N ARG C 106 25.09 1.76 -28.73
CA ARG C 106 25.30 3.22 -28.89
C ARG C 106 26.04 3.52 -30.18
N ILE C 107 26.92 2.59 -30.56
CA ILE C 107 27.78 2.80 -31.71
C ILE C 107 27.09 2.32 -32.97
N LEU C 108 26.45 1.14 -32.87
CA LEU C 108 25.73 0.59 -34.02
C LEU C 108 24.31 0.18 -33.56
N PRO C 109 23.34 1.09 -33.71
CA PRO C 109 22.06 0.83 -33.08
C PRO C 109 21.43 -0.44 -33.57
N GLU C 110 21.67 -0.80 -34.85
CA GLU C 110 21.14 -2.04 -35.42
CA GLU C 110 21.12 -2.05 -35.37
C GLU C 110 22.12 -3.19 -35.32
N GLY C 111 23.22 -3.01 -34.58
CA GLY C 111 24.18 -4.08 -34.40
C GLY C 111 25.27 -4.06 -35.47
N THR C 112 24.86 -3.87 -36.73
CA THR C 112 25.83 -3.67 -37.82
C THR C 112 25.29 -2.54 -38.68
N GLY C 113 26.09 -2.12 -39.65
CA GLY C 113 25.62 -1.12 -40.61
C GLY C 113 25.87 0.31 -40.17
N ARG C 114 24.80 1.07 -40.00
CA ARG C 114 24.91 2.50 -39.76
C ARG C 114 25.57 2.85 -38.44
N VAL C 115 26.62 3.68 -38.50
CA VAL C 115 27.33 4.10 -37.29
C VAL C 115 26.70 5.36 -36.72
N ASN C 116 26.50 5.37 -35.41
CA ASN C 116 25.84 6.48 -34.75
C ASN C 116 26.95 7.42 -34.29
N GLN C 117 27.06 8.57 -34.97
CA GLN C 117 28.09 9.57 -34.63
C GLN C 117 28.04 10.03 -33.19
N LYS C 118 26.82 10.25 -32.66
CA LYS C 118 26.67 10.71 -31.28
C LYS C 118 27.23 9.70 -30.29
N GLY C 119 27.18 8.41 -30.65
CA GLY C 119 27.78 7.39 -29.74
C GLY C 119 29.31 7.47 -29.80
N LEU C 120 29.88 7.63 -31.00
CA LEU C 120 31.31 7.96 -31.10
C LEU C 120 31.68 9.17 -30.28
N ASP C 121 30.87 10.23 -30.34
CA ASP C 121 31.19 11.48 -29.64
C ASP C 121 31.29 11.27 -28.13
N PHE C 122 30.37 10.47 -27.57
CA PHE C 122 30.28 10.31 -26.14
C PHE C 122 31.58 9.69 -25.67
N TYR C 123 32.02 8.66 -26.38
CA TYR C 123 33.25 7.97 -25.93
C TYR C 123 34.55 8.68 -26.30
N ASN C 124 34.52 9.40 -27.41
CA ASN C 124 35.66 10.27 -27.74
C ASN C 124 35.90 11.30 -26.64
N ARG C 125 34.83 11.88 -26.10
CA ARG C 125 34.97 12.90 -25.02
C ARG C 125 35.63 12.26 -23.78
N ILE C 126 35.25 11.01 -23.49
CA ILE C 126 35.84 10.35 -22.34
C ILE C 126 37.31 10.00 -22.59
N ILE C 127 37.57 9.44 -23.75
CA ILE C 127 38.94 9.06 -24.14
C ILE C 127 39.83 10.31 -24.10
N ASP C 128 39.40 11.39 -24.74
CA ASP C 128 40.25 12.59 -24.78
C ASP C 128 40.52 13.13 -23.37
N THR C 129 39.47 13.15 -22.53
CA THR C 129 39.59 13.66 -21.20
C THR C 129 40.57 12.83 -20.37
N LEU C 130 40.48 11.51 -20.52
CA LEU C 130 41.38 10.65 -19.75
C LEU C 130 42.81 10.97 -20.16
N LEU C 131 43.04 11.09 -21.47
CA LEU C 131 44.43 11.30 -21.89
C LEU C 131 44.91 12.69 -21.44
N GLU C 132 44.03 13.69 -21.52
CA GLU C 132 44.40 15.03 -21.05
C GLU C 132 44.87 14.96 -19.60
N LYS C 133 44.31 13.99 -18.86
CA LYS C 133 44.54 13.87 -17.41
C LYS C 133 45.64 12.86 -17.11
N GLY C 134 46.26 12.32 -18.15
CA GLY C 134 47.35 11.37 -17.92
C GLY C 134 46.88 10.04 -17.36
N ILE C 135 45.61 9.71 -17.61
CA ILE C 135 45.04 8.37 -17.18
C ILE C 135 44.99 7.44 -18.38
N THR C 136 45.49 6.21 -18.24
CA THR C 136 45.59 5.31 -19.42
C THR C 136 44.26 4.57 -19.57
N PRO C 137 43.63 4.66 -20.72
CA PRO C 137 42.36 3.98 -20.88
C PRO C 137 42.56 2.53 -21.30
N PHE C 138 41.79 1.65 -20.66
CA PHE C 138 41.71 0.26 -21.07
C PHE C 138 40.26 0.07 -21.48
N VAL C 139 40.02 -0.18 -22.75
CA VAL C 139 38.65 -0.28 -23.23
C VAL C 139 38.23 -1.74 -23.41
N THR C 140 37.15 -2.09 -22.71
CA THR C 140 36.48 -3.38 -22.91
C THR C 140 35.47 -3.22 -24.03
N ILE C 141 35.70 -3.93 -25.11
CA ILE C 141 34.84 -3.84 -26.30
C ILE C 141 33.44 -4.36 -25.99
N TYR C 142 33.36 -5.47 -25.23
CA TYR C 142 32.09 -6.12 -24.91
C TYR C 142 31.97 -6.47 -23.43
N HIS C 143 31.11 -5.74 -22.71
CA HIS C 143 30.83 -6.05 -21.32
C HIS C 143 29.30 -6.21 -21.17
N TRP C 144 28.73 -6.97 -22.11
CA TRP C 144 27.47 -7.76 -21.95
C TRP C 144 26.24 -7.14 -22.57
N ASP C 145 26.37 -5.91 -23.04
CA ASP C 145 25.17 -5.20 -23.53
C ASP C 145 25.08 -5.38 -25.08
N LEU C 146 24.84 -6.62 -25.47
CA LEU C 146 24.62 -6.91 -26.91
C LEU C 146 23.46 -6.10 -27.48
N PRO C 147 23.61 -5.58 -28.72
CA PRO C 147 22.44 -4.93 -29.32
C PRO C 147 21.26 -5.92 -29.46
N PHE C 148 20.07 -5.47 -29.12
CA PHE C 148 18.91 -6.35 -29.15
C PHE C 148 18.64 -6.81 -30.58
N ALA C 149 18.90 -5.92 -31.54
CA ALA C 149 18.79 -6.27 -32.94
C ALA C 149 19.55 -7.56 -33.33
N LEU C 150 20.71 -7.78 -32.73
CA LEU C 150 21.44 -9.03 -32.99
C LEU C 150 20.92 -10.23 -32.21
N GLN C 151 20.40 -10.00 -31.00
CA GLN C 151 19.70 -11.08 -30.30
C GLN C 151 18.51 -11.67 -31.09
N LEU C 152 17.80 -10.84 -31.86
CA LEU C 152 16.69 -11.33 -32.63
C LEU C 152 17.18 -12.31 -33.68
N LYS C 153 18.46 -12.22 -34.02
CA LYS C 153 19.10 -13.11 -35.01
C LYS C 153 19.93 -14.20 -34.31
N GLY C 154 19.69 -14.37 -33.00
CA GLY C 154 20.31 -15.45 -32.28
C GLY C 154 21.45 -15.05 -31.36
N GLY C 155 21.90 -13.81 -31.50
CA GLY C 155 22.99 -13.34 -30.68
C GLY C 155 24.17 -14.27 -30.66
N TRP C 156 24.66 -14.58 -29.46
CA TRP C 156 25.88 -15.41 -29.38
C TRP C 156 25.71 -16.86 -29.86
N ALA C 157 24.47 -17.27 -30.11
CA ALA C 157 24.21 -18.66 -30.56
C ALA C 157 24.46 -18.77 -32.06
N ASN C 158 24.52 -17.63 -32.74
CA ASN C 158 24.65 -17.58 -34.20
C ASN C 158 26.11 -17.43 -34.61
N ARG C 159 26.63 -18.38 -35.38
CA ARG C 159 28.02 -18.25 -35.87
C ARG C 159 28.35 -16.90 -36.53
N GLU C 160 27.36 -16.24 -37.14
CA GLU C 160 27.59 -14.99 -37.80
C GLU C 160 28.00 -13.87 -36.84
N ILE C 161 27.82 -14.07 -35.54
CA ILE C 161 28.26 -13.02 -34.62
C ILE C 161 29.78 -12.78 -34.72
N ALA C 162 30.55 -13.74 -35.20
CA ALA C 162 31.99 -13.52 -35.40
C ALA C 162 32.16 -12.38 -36.41
N ASP C 163 31.36 -12.38 -37.45
CA ASP C 163 31.33 -11.24 -38.35
C ASP C 163 30.83 -9.94 -37.73
N TRP C 164 29.73 -10.02 -36.98
CA TRP C 164 29.14 -8.79 -36.44
C TRP C 164 30.11 -8.16 -35.44
N PHE C 165 30.70 -9.05 -34.63
CA PHE C 165 31.67 -8.57 -33.62
C PHE C 165 32.92 -7.96 -34.27
N ALA C 166 33.35 -8.54 -35.40
CA ALA C 166 34.51 -8.01 -36.14
C ALA C 166 34.23 -6.62 -36.67
N GLU C 167 33.02 -6.42 -37.20
CA GLU C 167 32.65 -5.13 -37.75
C GLU C 167 32.64 -4.11 -36.65
N TYR C 168 31.95 -4.42 -35.55
CA TYR C 168 31.89 -3.50 -34.41
C TYR C 168 33.30 -3.17 -33.88
N SER C 169 34.12 -4.19 -33.69
CA SER C 169 35.48 -3.96 -33.17
CA SER C 169 35.46 -3.95 -33.17
C SER C 169 36.26 -3.03 -34.11
N ARG C 170 36.10 -3.23 -35.43
CA ARG C 170 36.84 -2.44 -36.40
CA ARG C 170 36.83 -2.42 -36.41
CA ARG C 170 36.80 -2.46 -36.46
C ARG C 170 36.40 -0.97 -36.34
N VAL C 171 35.10 -0.75 -36.18
CA VAL C 171 34.65 0.62 -36.00
C VAL C 171 35.36 1.24 -34.79
N LEU C 172 35.48 0.48 -33.71
CA LEU C 172 36.09 1.06 -32.53
C LEU C 172 37.58 1.32 -32.76
N PHE C 173 38.25 0.36 -33.36
CA PHE C 173 39.68 0.49 -33.63
C PHE C 173 39.98 1.70 -34.53
N GLU C 174 39.21 1.90 -35.58
CA GLU C 174 39.49 3.02 -36.49
C GLU C 174 39.20 4.37 -35.86
N ASN C 175 38.12 4.46 -35.07
CA ASN C 175 37.74 5.70 -34.40
C ASN C 175 38.51 6.05 -33.15
N PHE C 176 38.90 5.04 -32.39
CA PHE C 176 39.48 5.29 -31.11
C PHE C 176 40.92 4.81 -30.95
N GLY C 177 41.42 4.00 -31.89
CA GLY C 177 42.69 3.33 -31.76
C GLY C 177 43.91 4.22 -31.92
N ASP C 178 43.71 5.46 -32.36
CA ASP C 178 44.80 6.42 -32.43
C ASP C 178 45.21 6.86 -31.04
N ARG C 179 44.29 6.72 -30.09
CA ARG C 179 44.51 7.19 -28.74
C ARG C 179 44.45 6.07 -27.72
N VAL C 180 43.52 5.14 -27.90
CA VAL C 180 43.42 4.01 -26.99
C VAL C 180 44.35 2.88 -27.45
N LYS C 181 45.27 2.49 -26.57
CA LYS C 181 46.28 1.51 -26.97
C LYS C 181 46.18 0.19 -26.20
N ASN C 182 45.21 0.10 -25.26
CA ASN C 182 45.06 -1.12 -24.47
C ASN C 182 43.61 -1.56 -24.53
N TRP C 183 43.37 -2.70 -25.14
CA TRP C 183 42.01 -3.14 -25.50
C TRP C 183 41.73 -4.52 -24.93
N ILE C 184 40.47 -4.80 -24.61
CA ILE C 184 40.04 -6.10 -24.12
C ILE C 184 38.84 -6.51 -25.00
N THR C 185 38.85 -7.71 -25.54
CA THR C 185 37.81 -8.07 -26.50
C THR C 185 36.53 -8.38 -25.73
N LEU C 186 36.62 -9.32 -24.79
CA LEU C 186 35.45 -9.77 -24.09
C LEU C 186 35.61 -9.72 -22.58
N ASN C 187 34.60 -9.23 -21.87
CA ASN C 187 34.59 -9.44 -20.43
C ASN C 187 33.90 -10.75 -20.06
N GLU C 188 34.64 -11.68 -19.47
CA GLU C 188 34.09 -12.91 -18.84
C GLU C 188 33.17 -13.70 -19.80
N PRO C 189 33.75 -14.21 -20.88
CA PRO C 189 32.87 -14.97 -21.79
C PRO C 189 32.20 -16.19 -21.12
N TRP C 190 32.80 -16.75 -20.05
CA TRP C 190 32.14 -17.86 -19.34
C TRP C 190 30.80 -17.39 -18.81
N VAL C 191 30.78 -16.19 -18.26
CA VAL C 191 29.53 -15.69 -17.69
CA VAL C 191 29.55 -15.63 -17.70
C VAL C 191 28.55 -15.39 -18.82
N VAL C 192 29.01 -14.75 -19.90
CA VAL C 192 28.13 -14.42 -21.00
C VAL C 192 27.43 -15.71 -21.50
N ALA C 193 28.22 -16.77 -21.66
CA ALA C 193 27.68 -18.00 -22.19
C ALA C 193 26.84 -18.74 -21.15
N ILE C 194 27.43 -19.03 -19.99
CA ILE C 194 26.80 -19.94 -19.05
C ILE C 194 25.73 -19.22 -18.21
N VAL C 195 26.02 -18.01 -17.69
CA VAL C 195 25.00 -17.34 -16.86
C VAL C 195 23.90 -16.76 -17.76
N GLY C 196 24.28 -16.37 -18.97
CA GLY C 196 23.32 -15.83 -19.89
C GLY C 196 22.45 -16.86 -20.64
N HIS C 197 23.00 -18.04 -20.92
CA HIS C 197 22.31 -18.99 -21.82
C HIS C 197 22.05 -20.34 -21.20
N LEU C 198 22.62 -20.59 -20.02
CA LEU C 198 22.39 -21.88 -19.33
C LEU C 198 21.60 -21.68 -18.04
N TYR C 199 22.07 -20.78 -17.18
CA TYR C 199 21.34 -20.51 -15.93
C TYR C 199 20.19 -19.54 -16.14
N GLY C 200 20.25 -18.80 -17.24
CA GLY C 200 19.28 -17.75 -17.61
C GLY C 200 19.13 -16.59 -16.65
N VAL C 201 20.17 -16.33 -15.83
CA VAL C 201 20.14 -15.38 -14.72
C VAL C 201 20.58 -13.99 -15.26
N HIS C 202 21.33 -14.02 -16.36
CA HIS C 202 21.69 -12.81 -17.13
C HIS C 202 21.06 -12.79 -18.52
N ALA C 203 21.01 -11.59 -19.13
CA ALA C 203 20.49 -11.48 -20.48
C ALA C 203 21.37 -12.37 -21.35
N PRO C 204 20.76 -13.02 -22.36
CA PRO C 204 19.35 -12.86 -22.72
C PRO C 204 18.39 -13.83 -22.04
N GLY C 205 18.85 -14.53 -21.02
CA GLY C 205 17.97 -15.19 -20.07
C GLY C 205 17.50 -16.53 -20.55
N MET C 206 18.37 -17.23 -21.25
CA MET C 206 17.99 -18.51 -21.80
CA MET C 206 18.07 -18.51 -21.84
C MET C 206 18.52 -19.65 -20.94
N ARG C 207 17.92 -20.83 -21.12
CA ARG C 207 18.33 -22.02 -20.36
C ARG C 207 18.40 -23.23 -21.30
N ASP C 208 19.50 -23.31 -22.04
CA ASP C 208 19.73 -24.40 -22.98
C ASP C 208 21.24 -24.68 -23.07
N ILE C 209 21.63 -25.87 -22.65
CA ILE C 209 23.05 -26.17 -22.52
C ILE C 209 23.78 -26.30 -23.86
N TYR C 210 23.02 -26.65 -24.90
CA TYR C 210 23.59 -26.71 -26.23
C TYR C 210 23.81 -25.28 -26.73
N VAL C 211 22.83 -24.39 -26.56
CA VAL C 211 23.05 -22.99 -26.96
C VAL C 211 24.23 -22.39 -26.16
N ALA C 212 24.32 -22.73 -24.87
CA ALA C 212 25.39 -22.17 -24.03
C ALA C 212 26.76 -22.52 -24.53
N PHE C 213 26.96 -23.78 -24.87
CA PHE C 213 28.27 -24.14 -25.45
C PHE C 213 28.52 -23.64 -26.85
N ARG C 214 27.45 -23.42 -27.62
CA ARG C 214 27.62 -22.74 -28.89
CA ARG C 214 27.72 -22.80 -28.87
C ARG C 214 28.08 -21.33 -28.65
N ALA C 215 27.54 -20.68 -27.61
CA ALA C 215 27.97 -19.33 -27.29
C ALA C 215 29.47 -19.30 -26.85
N VAL C 216 29.89 -20.26 -26.03
CA VAL C 216 31.30 -20.33 -25.58
C VAL C 216 32.17 -20.33 -26.84
N HIS C 217 31.77 -21.14 -27.82
CA HIS C 217 32.57 -21.32 -29.06
C HIS C 217 32.56 -20.10 -29.99
N ASN C 218 31.39 -19.46 -30.16
CA ASN C 218 31.29 -18.28 -31.00
C ASN C 218 31.99 -17.09 -30.31
N LEU C 219 32.02 -17.09 -28.97
CA LEU C 219 32.75 -16.07 -28.26
C LEU C 219 34.24 -16.11 -28.59
N LEU C 220 34.81 -17.33 -28.55
CA LEU C 220 36.20 -17.50 -28.97
C LEU C 220 36.39 -17.07 -30.42
N ARG C 221 35.49 -17.51 -31.29
CA ARG C 221 35.63 -17.11 -32.72
C ARG C 221 35.59 -15.61 -32.92
N ALA C 222 34.69 -14.93 -32.20
CA ALA C 222 34.56 -13.51 -32.36
C ALA C 222 35.76 -12.77 -31.77
N HIS C 223 36.23 -13.23 -30.62
CA HIS C 223 37.40 -12.69 -30.00
C HIS C 223 38.57 -12.72 -31.02
N ALA C 224 38.78 -13.89 -31.62
CA ALA C 224 39.92 -14.04 -32.54
C ALA C 224 39.79 -13.15 -33.75
N ARG C 225 38.58 -13.01 -34.30
CA ARG C 225 38.38 -12.07 -35.45
C ARG C 225 38.70 -10.63 -35.04
N ALA C 226 38.31 -10.23 -33.83
CA ALA C 226 38.60 -8.90 -33.37
C ALA C 226 40.10 -8.67 -33.24
N VAL C 227 40.81 -9.65 -32.70
CA VAL C 227 42.26 -9.52 -32.55
C VAL C 227 42.95 -9.43 -33.94
N LYS C 228 42.45 -10.22 -34.87
CA LYS C 228 42.99 -10.19 -36.22
C LYS C 228 42.82 -8.82 -36.85
N VAL C 229 41.66 -8.16 -36.67
CA VAL C 229 41.50 -6.88 -37.33
C VAL C 229 42.24 -5.82 -36.55
N PHE C 230 42.44 -6.05 -35.25
CA PHE C 230 43.22 -5.14 -34.44
C PHE C 230 44.65 -4.99 -35.03
N ARG C 231 45.23 -6.12 -35.38
CA ARG C 231 46.61 -6.11 -35.91
C ARG C 231 46.72 -5.25 -37.17
N GLU C 232 45.61 -5.05 -37.87
CA GLU C 232 45.63 -4.30 -39.12
C GLU C 232 45.23 -2.84 -38.97
N THR C 233 44.75 -2.46 -37.79
CA THR C 233 44.13 -1.17 -37.64
C THR C 233 44.72 -0.35 -36.52
N VAL C 234 45.42 -0.97 -35.57
CA VAL C 234 45.91 -0.18 -34.45
C VAL C 234 47.41 -0.32 -34.32
N LYS C 235 48.05 0.84 -34.30
CA LYS C 235 49.48 0.95 -34.28
C LYS C 235 49.95 1.00 -32.83
N ASP C 236 50.91 0.14 -32.51
CA ASP C 236 51.55 0.12 -31.18
C ASP C 236 50.51 -0.10 -30.09
N GLY C 237 49.53 -0.96 -30.39
CA GLY C 237 48.47 -1.34 -29.44
C GLY C 237 48.68 -2.73 -28.83
N LYS C 238 48.06 -2.96 -27.68
CA LYS C 238 48.05 -4.27 -27.05
C LYS C 238 46.59 -4.71 -26.88
N ILE C 239 46.32 -5.98 -27.11
CA ILE C 239 44.94 -6.48 -26.94
C ILE C 239 44.94 -7.80 -26.15
N GLY C 240 43.92 -7.96 -25.30
CA GLY C 240 43.77 -9.20 -24.55
C GLY C 240 42.30 -9.55 -24.34
N ILE C 241 42.02 -10.37 -23.32
CA ILE C 241 40.69 -10.88 -23.07
C ILE C 241 40.66 -11.17 -21.57
N VAL C 242 39.48 -11.06 -20.97
CA VAL C 242 39.34 -11.09 -19.50
C VAL C 242 38.44 -12.25 -19.02
N PHE C 243 38.93 -13.03 -18.05
CA PHE C 243 38.19 -14.19 -17.52
C PHE C 243 37.82 -14.08 -16.05
N ASN C 244 36.63 -14.57 -15.71
CA ASN C 244 36.28 -14.73 -14.30
C ASN C 244 37.02 -15.93 -13.75
N ASN C 245 37.32 -15.93 -12.45
CA ASN C 245 38.00 -17.10 -11.86
C ASN C 245 37.61 -17.23 -10.41
N GLY C 246 37.46 -18.45 -9.94
CA GLY C 246 37.25 -18.64 -8.50
C GLY C 246 38.40 -19.54 -8.06
N TYR C 247 38.74 -19.50 -6.77
CA TYR C 247 39.77 -20.38 -6.22
C TYR C 247 39.05 -21.55 -5.58
N PHE C 248 39.11 -22.67 -6.28
CA PHE C 248 38.38 -23.86 -5.87
C PHE C 248 39.30 -24.74 -5.08
N GLU C 249 38.86 -25.17 -3.90
CA GLU C 249 39.64 -26.10 -3.06
C GLU C 249 38.80 -27.32 -2.76
N PRO C 250 39.44 -28.50 -2.57
CA PRO C 250 38.68 -29.74 -2.43
C PRO C 250 38.23 -29.96 -1.00
N ALA C 251 37.00 -30.43 -0.81
CA ALA C 251 36.46 -30.62 0.56
C ALA C 251 37.22 -31.69 1.33
N SER C 252 37.88 -32.59 0.61
CA SER C 252 38.70 -33.63 1.23
C SER C 252 39.81 -34.07 0.29
N GLU C 253 40.63 -35.02 0.76
CA GLU C 253 41.64 -35.64 -0.07
C GLU C 253 41.10 -36.77 -0.96
N LYS C 254 39.81 -37.12 -0.83
CA LYS C 254 39.24 -38.12 -1.73
C LYS C 254 39.55 -37.75 -3.18
N GLU C 255 39.98 -38.74 -3.96
CA GLU C 255 40.29 -38.54 -5.36
C GLU C 255 39.17 -37.80 -6.10
N GLU C 256 37.93 -38.21 -5.85
CA GLU C 256 36.80 -37.62 -6.55
C GLU C 256 36.63 -36.14 -6.20
N ASP C 257 37.05 -35.74 -5.00
CA ASP C 257 36.99 -34.31 -4.64
C ASP C 257 38.08 -33.47 -5.33
N ILE C 258 39.28 -34.05 -5.45
CA ILE C 258 40.37 -33.40 -6.17
C ILE C 258 40.00 -33.29 -7.64
N ARG C 259 39.35 -34.33 -8.18
CA ARG C 259 38.85 -34.30 -9.56
C ARG C 259 37.76 -33.24 -9.74
N ALA C 260 36.85 -33.11 -8.77
CA ALA C 260 35.83 -32.08 -8.87
C ALA C 260 36.51 -30.71 -8.98
N VAL C 261 37.60 -30.51 -8.25
CA VAL C 261 38.26 -29.20 -8.30
C VAL C 261 38.90 -28.96 -9.66
N ARG C 262 39.55 -29.98 -10.22
CA ARG C 262 40.13 -29.85 -11.56
C ARG C 262 39.06 -29.50 -12.61
N PHE C 263 37.94 -30.22 -12.57
CA PHE C 263 36.83 -29.89 -13.45
C PHE C 263 36.38 -28.43 -13.27
N MET C 264 36.19 -28.01 -12.03
CA MET C 264 35.75 -26.59 -11.82
C MET C 264 36.76 -25.58 -12.36
N HIS C 265 38.04 -25.83 -12.15
CA HIS C 265 39.06 -24.93 -12.65
C HIS C 265 39.04 -24.93 -14.19
N GLN C 266 38.86 -26.09 -14.80
CA GLN C 266 38.95 -26.11 -16.27
C GLN C 266 37.73 -25.50 -16.92
N PHE C 267 36.62 -25.65 -16.26
CA PHE C 267 35.36 -25.18 -16.82
C PHE C 267 35.08 -23.72 -16.47
N ASN C 268 35.22 -23.36 -15.19
CA ASN C 268 34.80 -22.04 -14.68
CA ASN C 268 34.81 -22.02 -14.73
C ASN C 268 35.89 -20.96 -14.82
N ASN C 269 37.14 -21.38 -14.83
CA ASN C 269 38.25 -20.42 -14.87
C ASN C 269 38.87 -20.30 -16.27
N TYR C 270 39.98 -19.57 -16.38
CA TYR C 270 40.53 -19.24 -17.71
C TYR C 270 40.78 -20.45 -18.67
N PRO C 271 41.02 -21.68 -18.15
CA PRO C 271 41.42 -22.72 -19.13
C PRO C 271 40.36 -22.99 -20.19
N LEU C 272 39.08 -22.79 -19.87
CA LEU C 272 38.08 -23.06 -20.92
C LEU C 272 38.40 -22.30 -22.19
N PHE C 273 39.03 -21.12 -22.07
CA PHE C 273 39.29 -20.23 -23.21
C PHE C 273 40.75 -20.21 -23.59
N LEU C 274 41.62 -20.34 -22.58
CA LEU C 274 43.05 -20.27 -22.85
C LEU C 274 43.58 -21.58 -23.43
N ASN C 275 42.95 -22.70 -23.12
CA ASN C 275 43.38 -23.94 -23.77
C ASN C 275 43.15 -23.85 -25.27
N PRO C 276 41.97 -23.32 -25.67
CA PRO C 276 41.82 -23.11 -27.12
C PRO C 276 42.82 -22.09 -27.69
N ILE C 277 42.98 -20.94 -27.03
CA ILE C 277 43.80 -19.87 -27.58
C ILE C 277 45.27 -20.34 -27.66
N TYR C 278 45.74 -21.01 -26.62
CA TYR C 278 47.17 -21.41 -26.57
C TYR C 278 47.48 -22.84 -27.07
N ARG C 279 46.50 -23.73 -27.06
CA ARG C 279 46.82 -25.12 -27.36
C ARG C 279 45.98 -25.69 -28.47
N GLY C 280 44.98 -24.95 -28.93
CA GLY C 280 44.14 -25.42 -30.02
C GLY C 280 43.00 -26.40 -29.75
N ASP C 281 42.62 -26.58 -28.46
CA ASP C 281 41.46 -27.37 -28.17
C ASP C 281 40.95 -27.01 -26.76
N TYR C 282 39.73 -27.43 -26.47
CA TYR C 282 39.17 -27.28 -25.11
C TYR C 282 39.94 -28.16 -24.13
N PRO C 283 39.87 -27.82 -22.83
CA PRO C 283 40.56 -28.66 -21.82
C PRO C 283 39.97 -30.06 -21.75
N GLU C 284 40.81 -31.02 -21.35
CA GLU C 284 40.40 -32.43 -21.36
C GLU C 284 39.04 -32.72 -20.69
N LEU C 285 38.88 -32.23 -19.47
CA LEU C 285 37.69 -32.56 -18.70
C LEU C 285 36.47 -31.82 -19.20
N VAL C 286 36.67 -30.66 -19.81
CA VAL C 286 35.55 -30.03 -20.44
C VAL C 286 35.10 -30.86 -21.63
N LEU C 287 36.04 -31.31 -22.46
CA LEU C 287 35.64 -32.12 -23.59
C LEU C 287 34.93 -33.40 -23.13
N GLU C 288 35.40 -33.96 -22.02
CA GLU C 288 34.85 -35.20 -21.49
C GLU C 288 33.35 -35.08 -21.12
N PHE C 289 32.97 -33.92 -20.57
CA PHE C 289 31.59 -33.65 -20.14
C PHE C 289 30.78 -32.90 -21.20
N ALA C 290 31.43 -32.11 -22.05
CA ALA C 290 30.66 -31.22 -22.93
C ALA C 290 30.87 -31.41 -24.42
N ARG C 291 31.62 -32.41 -24.86
CA ARG C 291 31.77 -32.54 -26.30
C ARG C 291 30.39 -32.63 -26.97
N GLU C 292 29.45 -33.31 -26.32
CA GLU C 292 28.12 -33.52 -26.88
CA GLU C 292 28.14 -33.52 -26.91
C GLU C 292 27.44 -32.19 -27.23
N TYR C 293 27.78 -31.14 -26.47
CA TYR C 293 27.12 -29.82 -26.58
C TYR C 293 27.77 -28.87 -27.56
N LEU C 294 29.04 -29.09 -27.85
CA LEU C 294 29.75 -28.28 -28.85
C LEU C 294 29.33 -28.62 -30.28
N PRO C 295 29.52 -27.68 -31.22
CA PRO C 295 29.25 -27.98 -32.63
C PRO C 295 30.09 -29.16 -33.10
N GLU C 296 29.55 -29.87 -34.08
N GLU C 296 29.56 -30.02 -33.96
CA GLU C 296 30.33 -30.83 -34.83
CA GLU C 296 30.28 -31.27 -34.26
C GLU C 296 31.40 -30.07 -35.62
C GLU C 296 31.69 -31.05 -34.81
N ASN C 297 32.61 -30.61 -35.61
N ASN C 297 31.83 -30.04 -35.67
CA ASN C 297 33.70 -29.97 -36.31
CA ASN C 297 33.09 -29.78 -36.33
C ASN C 297 34.11 -28.66 -35.68
C ASN C 297 33.79 -28.56 -35.73
N TYR C 298 33.77 -28.48 -34.41
CA TYR C 298 34.16 -27.24 -33.73
C TYR C 298 35.66 -27.05 -33.88
N LYS C 299 36.39 -28.15 -33.95
CA LYS C 299 37.86 -28.07 -34.03
C LYS C 299 38.37 -27.40 -35.33
N ASP C 300 37.57 -27.40 -36.39
CA ASP C 300 37.95 -26.67 -37.59
C ASP C 300 38.22 -25.17 -37.33
N ASP C 301 37.64 -24.63 -36.27
CA ASP C 301 37.73 -23.23 -36.00
C ASP C 301 38.94 -22.96 -35.11
N MET C 302 39.56 -24.01 -34.59
CA MET C 302 40.67 -23.78 -33.63
C MET C 302 41.90 -23.07 -34.19
N SER C 303 42.21 -23.27 -35.46
CA SER C 303 43.39 -22.62 -36.00
CA SER C 303 43.38 -22.63 -36.02
C SER C 303 43.24 -21.11 -35.91
N GLU C 304 42.07 -20.59 -36.34
CA GLU C 304 41.78 -19.15 -36.26
C GLU C 304 41.70 -18.63 -34.83
N ILE C 305 41.14 -19.45 -33.95
CA ILE C 305 41.01 -19.10 -32.51
C ILE C 305 42.39 -18.87 -31.85
N GLN C 306 43.45 -19.41 -32.43
CA GLN C 306 44.77 -19.27 -31.77
C GLN C 306 45.50 -17.94 -32.10
N GLU C 307 44.78 -17.00 -32.67
CA GLU C 307 45.29 -15.66 -32.96
C GLU C 307 46.05 -15.13 -31.73
N LYS C 308 47.29 -14.63 -31.90
CA LYS C 308 48.11 -14.26 -30.74
C LYS C 308 47.54 -13.09 -29.95
N ILE C 309 47.54 -13.20 -28.63
CA ILE C 309 47.11 -12.11 -27.80
C ILE C 309 48.29 -11.56 -27.04
N ASP C 310 48.15 -10.33 -26.57
CA ASP C 310 49.26 -9.66 -25.83
C ASP C 310 49.19 -9.83 -24.30
N PHE C 311 47.98 -9.96 -23.77
CA PHE C 311 47.87 -10.09 -22.32
C PHE C 311 46.62 -10.85 -21.91
N VAL C 312 46.65 -11.41 -20.72
CA VAL C 312 45.46 -12.01 -20.14
C VAL C 312 44.97 -11.18 -18.96
N GLY C 313 43.68 -10.82 -18.99
CA GLY C 313 43.03 -10.19 -17.83
C GLY C 313 42.34 -11.25 -16.97
N LEU C 314 42.67 -11.27 -15.68
CA LEU C 314 41.98 -12.15 -14.74
C LEU C 314 41.16 -11.32 -13.74
N ASN C 315 39.89 -11.67 -13.60
CA ASN C 315 39.05 -11.15 -12.53
C ASN C 315 39.05 -12.18 -11.40
N TYR C 316 39.04 -11.71 -10.16
CA TYR C 316 39.02 -12.62 -9.04
C TYR C 316 38.24 -11.99 -7.88
N TYR C 317 37.34 -12.75 -7.28
CA TYR C 317 36.60 -12.23 -6.11
C TYR C 317 36.52 -13.21 -4.94
N SER C 318 36.47 -14.50 -5.21
CA SER C 318 36.12 -15.42 -4.13
CA SER C 318 36.01 -15.45 -4.18
C SER C 318 36.68 -16.83 -4.25
N GLY C 319 36.64 -17.55 -3.13
CA GLY C 319 37.10 -18.94 -3.11
C GLY C 319 35.91 -19.83 -2.78
N HIS C 320 35.96 -21.07 -3.26
CA HIS C 320 34.87 -22.04 -3.06
C HIS C 320 35.42 -23.41 -2.72
N LEU C 321 34.87 -23.99 -1.65
CA LEU C 321 35.13 -25.41 -1.33
C LEU C 321 34.16 -26.30 -2.13
N VAL C 322 34.71 -27.30 -2.81
CA VAL C 322 33.99 -28.11 -3.76
CA VAL C 322 33.84 -28.13 -3.59
C VAL C 322 34.09 -29.59 -3.34
N LYS C 323 33.03 -30.37 -3.63
CA LYS C 323 33.11 -31.81 -3.47
C LYS C 323 32.40 -32.49 -4.63
N PHE C 324 32.81 -33.73 -4.91
CA PHE C 324 32.09 -34.59 -5.81
C PHE C 324 30.69 -34.78 -5.22
N ASP C 325 29.67 -34.67 -6.06
CA ASP C 325 28.31 -34.88 -5.59
C ASP C 325 27.58 -35.68 -6.65
N PRO C 326 27.25 -36.93 -6.30
CA PRO C 326 26.64 -37.82 -7.28
C PRO C 326 25.28 -37.29 -7.77
N ASP C 327 24.52 -36.64 -6.89
CA ASP C 327 23.19 -36.09 -7.23
C ASP C 327 23.20 -34.64 -7.71
N ALA C 328 24.31 -34.16 -8.27
CA ALA C 328 24.32 -32.76 -8.70
C ALA C 328 24.49 -32.59 -10.21
N PRO C 329 23.96 -31.49 -10.75
CA PRO C 329 24.28 -31.23 -12.16
C PRO C 329 25.81 -31.05 -12.27
N ALA C 330 26.43 -31.69 -13.25
CA ALA C 330 27.89 -31.70 -13.35
C ALA C 330 28.59 -32.50 -12.23
N LYS C 331 27.83 -33.04 -11.27
CA LYS C 331 28.36 -33.93 -10.24
C LYS C 331 29.38 -33.20 -9.34
N VAL C 332 29.14 -31.91 -9.12
CA VAL C 332 29.97 -31.12 -8.23
C VAL C 332 29.03 -30.28 -7.39
N SER C 333 29.28 -30.17 -6.09
CA SER C 333 28.53 -29.21 -5.28
CA SER C 333 28.53 -29.22 -5.28
C SER C 333 29.48 -28.38 -4.43
N PHE C 334 29.04 -27.17 -4.04
CA PHE C 334 29.86 -26.28 -3.20
C PHE C 334 29.54 -26.55 -1.74
N VAL C 335 30.52 -26.37 -0.87
CA VAL C 335 30.34 -26.59 0.56
C VAL C 335 30.62 -25.30 1.30
N GLU C 336 29.62 -24.84 2.05
CA GLU C 336 29.79 -23.60 2.79
C GLU C 336 30.91 -23.71 3.83
N ARG C 337 31.78 -22.70 3.89
CA ARG C 337 32.74 -22.64 4.96
C ARG C 337 32.41 -21.47 5.86
N ASP C 338 32.87 -21.57 7.10
CA ASP C 338 32.69 -20.53 8.08
C ASP C 338 33.91 -19.62 7.93
N LEU C 339 33.93 -18.87 6.83
CA LEU C 339 34.95 -17.85 6.59
C LEU C 339 34.27 -16.49 6.50
N PRO C 340 35.06 -15.40 6.63
CA PRO C 340 34.45 -14.08 6.40
C PRO C 340 33.81 -13.97 5.01
N LYS C 341 32.66 -13.29 4.93
CA LYS C 341 31.89 -13.16 3.66
CA LYS C 341 31.98 -13.14 3.62
C LYS C 341 31.61 -11.71 3.30
N THR C 342 31.45 -11.42 2.01
CA THR C 342 30.96 -10.09 1.65
C THR C 342 29.44 -10.06 1.66
N ALA C 343 28.85 -8.94 1.30
CA ALA C 343 27.38 -8.84 1.26
C ALA C 343 26.73 -9.74 0.19
N MET C 344 27.55 -10.32 -0.68
CA MET C 344 27.05 -11.24 -1.67
C MET C 344 26.99 -12.65 -1.06
N GLY C 345 27.60 -12.82 0.10
CA GLY C 345 27.74 -14.13 0.75
C GLY C 345 28.94 -14.88 0.25
N TRP C 346 29.79 -14.20 -0.52
CA TRP C 346 30.98 -14.86 -1.07
C TRP C 346 32.09 -14.89 -0.02
N GLU C 347 32.71 -16.06 0.11
CA GLU C 347 33.83 -16.19 1.02
C GLU C 347 35.05 -15.39 0.57
N ILE C 348 35.68 -14.71 1.53
CA ILE C 348 36.87 -13.90 1.27
C ILE C 348 38.11 -14.77 1.46
N VAL C 349 38.79 -15.08 0.37
CA VAL C 349 39.94 -15.96 0.41
C VAL C 349 41.06 -15.30 -0.42
N PRO C 350 41.82 -14.41 0.19
CA PRO C 350 42.73 -13.61 -0.62
C PRO C 350 43.86 -14.40 -1.25
N GLU C 351 44.24 -15.52 -0.68
CA GLU C 351 45.28 -16.30 -1.28
C GLU C 351 44.87 -16.90 -2.63
N GLY C 352 43.57 -16.87 -2.94
CA GLY C 352 43.16 -17.40 -4.23
C GLY C 352 43.59 -16.46 -5.35
N ILE C 353 43.83 -15.17 -5.07
CA ILE C 353 44.34 -14.32 -6.17
C ILE C 353 45.81 -14.68 -6.47
N TYR C 354 46.57 -15.03 -5.43
CA TYR C 354 47.94 -15.54 -5.65
C TYR C 354 47.86 -16.82 -6.46
N TRP C 355 46.96 -17.71 -6.10
CA TRP C 355 46.90 -19.02 -6.72
C TRP C 355 46.58 -18.88 -8.19
N ILE C 356 45.57 -18.07 -8.52
CA ILE C 356 45.16 -17.99 -9.93
CA ILE C 356 45.16 -17.99 -9.91
C ILE C 356 46.23 -17.31 -10.79
N LEU C 357 46.96 -16.36 -10.22
CA LEU C 357 48.05 -15.71 -10.94
C LEU C 357 49.20 -16.73 -11.21
N LYS C 358 49.56 -17.51 -10.20
CA LYS C 358 50.66 -18.49 -10.37
C LYS C 358 50.24 -19.54 -11.36
N LYS C 359 48.97 -19.95 -11.27
CA LYS C 359 48.49 -21.09 -12.06
C LYS C 359 48.41 -20.67 -13.50
N VAL C 360 48.05 -19.42 -13.75
CA VAL C 360 47.98 -19.03 -15.14
C VAL C 360 49.39 -18.96 -15.73
N LYS C 361 50.37 -18.56 -14.93
CA LYS C 361 51.74 -18.58 -15.39
C LYS C 361 52.22 -20.00 -15.68
N GLU C 362 51.94 -20.92 -14.75
CA GLU C 362 52.34 -22.31 -14.93
C GLU C 362 51.66 -23.02 -16.09
N GLU C 363 50.40 -22.68 -16.35
CA GLU C 363 49.64 -23.45 -17.33
C GLU C 363 49.80 -22.90 -18.75
N TYR C 364 49.84 -21.57 -18.88
CA TYR C 364 49.83 -20.94 -20.21
C TYR C 364 50.91 -19.88 -20.43
N ASN C 365 51.60 -19.46 -19.38
CA ASN C 365 52.70 -18.54 -19.53
C ASN C 365 52.42 -17.34 -20.46
N PRO C 366 51.32 -16.61 -20.20
CA PRO C 366 51.04 -15.42 -21.00
C PRO C 366 52.10 -14.33 -20.75
N PRO C 367 52.45 -13.58 -21.78
CA PRO C 367 53.57 -12.64 -21.64
C PRO C 367 53.28 -11.54 -20.62
N GLU C 368 52.01 -11.17 -20.47
CA GLU C 368 51.62 -10.19 -19.46
C GLU C 368 50.28 -10.57 -18.89
N VAL C 369 50.09 -10.26 -17.61
CA VAL C 369 48.80 -10.48 -16.98
C VAL C 369 48.38 -9.21 -16.24
N TYR C 370 47.08 -8.95 -16.21
CA TYR C 370 46.51 -7.89 -15.34
C TYR C 370 45.41 -8.48 -14.50
N ILE C 371 45.31 -8.01 -13.28
CA ILE C 371 44.08 -8.24 -12.52
C ILE C 371 43.13 -7.16 -13.00
N THR C 372 42.14 -7.56 -13.79
CA THR C 372 41.27 -6.60 -14.42
C THR C 372 40.04 -6.28 -13.57
N GLU C 373 39.77 -7.07 -12.53
CA GLU C 373 38.75 -6.76 -11.49
C GLU C 373 39.10 -7.47 -10.17
N ASN C 374 39.02 -6.78 -9.05
CA ASN C 374 39.02 -7.35 -7.74
C ASN C 374 38.28 -6.31 -6.87
N GLY C 375 37.43 -6.81 -5.98
CA GLY C 375 36.61 -5.88 -5.17
C GLY C 375 35.56 -6.61 -4.36
N ALA C 376 34.70 -5.84 -3.68
CA ALA C 376 33.77 -6.47 -2.76
C ALA C 376 32.55 -5.61 -2.53
N ALA C 377 31.42 -6.26 -2.35
CA ALA C 377 30.21 -5.63 -1.95
C ALA C 377 30.06 -5.65 -0.45
N PHE C 378 29.75 -4.51 0.14
CA PHE C 378 29.46 -4.44 1.58
C PHE C 378 28.31 -3.45 1.74
N ASP C 379 27.66 -3.48 2.90
CA ASP C 379 26.48 -2.66 3.17
CA ASP C 379 26.48 -2.64 3.14
C ASP C 379 26.93 -1.26 3.59
N ASP C 380 27.43 -0.47 2.67
CA ASP C 380 27.95 0.85 2.98
C ASP C 380 26.87 1.82 3.43
N VAL C 381 27.21 2.63 4.42
CA VAL C 381 26.31 3.70 4.80
C VAL C 381 27.09 5.01 4.94
N VAL C 382 26.36 6.11 4.88
CA VAL C 382 26.96 7.44 5.09
C VAL C 382 26.79 7.82 6.55
N SER C 383 27.89 8.01 7.25
CA SER C 383 27.84 8.34 8.67
C SER C 383 27.42 9.81 8.88
N GLU C 384 27.15 10.17 10.13
CA GLU C 384 26.79 11.56 10.43
C GLU C 384 27.84 12.57 9.99
N ASP C 385 29.10 12.16 10.00
CA ASP C 385 30.15 13.07 9.54
C ASP C 385 30.16 13.31 8.04
N GLY C 386 29.27 12.62 7.31
CA GLY C 386 29.16 12.79 5.87
C GLY C 386 30.12 11.89 5.09
N ARG C 387 30.83 11.00 5.79
CA ARG C 387 31.81 10.14 5.13
C ARG C 387 31.29 8.69 5.03
N VAL C 388 31.93 7.87 4.20
CA VAL C 388 31.59 6.45 4.13
C VAL C 388 32.78 5.62 4.64
N HIS C 389 32.67 5.15 5.88
CA HIS C 389 33.80 4.45 6.50
C HIS C 389 33.70 2.98 6.18
N ASP C 390 34.34 2.54 5.09
CA ASP C 390 34.14 1.16 4.65
C ASP C 390 35.40 0.34 4.90
N GLN C 391 35.75 0.20 6.17
CA GLN C 391 37.01 -0.47 6.48
C GLN C 391 36.97 -1.91 5.94
N ASN C 392 35.79 -2.54 5.92
CA ASN C 392 35.69 -3.90 5.43
CA ASN C 392 35.70 -3.90 5.42
C ASN C 392 36.28 -3.99 4.02
N ARG C 393 35.97 -2.98 3.22
CA ARG C 393 36.49 -2.97 1.86
C ARG C 393 38.00 -2.71 1.82
N ILE C 394 38.50 -1.86 2.72
CA ILE C 394 39.94 -1.63 2.76
C ILE C 394 40.63 -2.94 3.08
N ASP C 395 40.10 -3.63 4.08
CA ASP C 395 40.80 -4.83 4.55
C ASP C 395 40.76 -5.88 3.46
N TYR C 396 39.66 -5.93 2.70
CA TYR C 396 39.57 -6.89 1.59
C TYR C 396 40.61 -6.56 0.53
N LEU C 397 40.64 -5.30 0.10
CA LEU C 397 41.56 -4.92 -0.97
C LEU C 397 43.03 -5.12 -0.56
N LYS C 398 43.36 -4.73 0.67
CA LYS C 398 44.73 -4.80 1.18
C LYS C 398 45.24 -6.25 1.10
N ALA C 399 44.41 -7.18 1.55
CA ALA C 399 44.77 -8.60 1.60
C ALA C 399 45.01 -9.13 0.20
N HIS C 400 44.10 -8.81 -0.72
CA HIS C 400 44.32 -9.21 -2.14
C HIS C 400 45.50 -8.56 -2.86
N ILE C 401 45.72 -7.25 -2.64
CA ILE C 401 46.88 -6.58 -3.22
C ILE C 401 48.17 -7.22 -2.65
N GLY C 402 48.15 -7.55 -1.36
CA GLY C 402 49.34 -8.23 -0.75
C GLY C 402 49.65 -9.55 -1.43
N GLN C 403 48.61 -10.33 -1.77
CA GLN C 403 48.81 -11.62 -2.42
C GLN C 403 49.22 -11.45 -3.88
N ALA C 404 48.66 -10.43 -4.56
CA ALA C 404 49.16 -10.12 -5.90
C ALA C 404 50.69 -9.77 -5.86
N TRP C 405 51.13 -9.03 -4.82
CA TRP C 405 52.55 -8.68 -4.68
C TRP C 405 53.40 -9.97 -4.61
N LYS C 406 52.93 -10.90 -3.81
CA LYS C 406 53.63 -12.19 -3.65
C LYS C 406 53.75 -12.90 -5.01
N ALA C 407 52.68 -12.86 -5.81
CA ALA C 407 52.76 -13.51 -7.13
C ALA C 407 53.86 -12.83 -7.93
N ILE C 408 54.00 -11.52 -7.80
CA ILE C 408 55.03 -10.80 -8.60
C ILE C 408 56.42 -11.25 -8.13
N GLN C 409 56.57 -11.41 -6.82
CA GLN C 409 57.88 -11.80 -6.32
C GLN C 409 58.23 -13.21 -6.80
N GLU C 410 57.24 -14.00 -7.20
CA GLU C 410 57.48 -15.35 -7.72
C GLU C 410 57.45 -15.42 -9.26
N GLY C 411 57.55 -14.27 -9.92
CA GLY C 411 57.83 -14.27 -11.35
C GLY C 411 56.62 -14.08 -12.23
N VAL C 412 55.43 -13.95 -11.66
CA VAL C 412 54.27 -13.72 -12.55
C VAL C 412 54.36 -12.33 -13.15
N PRO C 413 54.18 -12.20 -14.48
CA PRO C 413 54.34 -10.90 -15.11
C PRO C 413 53.08 -10.05 -15.00
N LEU C 414 52.71 -9.78 -13.76
CA LEU C 414 51.55 -8.92 -13.43
C LEU C 414 51.88 -7.43 -13.66
N LYS C 415 51.19 -6.84 -14.63
CA LYS C 415 51.45 -5.47 -15.06
C LYS C 415 50.57 -4.38 -14.43
N GLY C 416 49.47 -4.77 -13.78
CA GLY C 416 48.50 -3.78 -13.30
C GLY C 416 47.38 -4.50 -12.54
N TYR C 417 46.60 -3.70 -11.86
CA TYR C 417 45.59 -4.19 -10.91
C TYR C 417 44.47 -3.15 -10.95
N PHE C 418 43.26 -3.59 -11.26
CA PHE C 418 42.09 -2.71 -11.36
C PHE C 418 41.07 -3.05 -10.29
N VAL C 419 40.70 -2.05 -9.48
CA VAL C 419 39.67 -2.28 -8.47
C VAL C 419 38.29 -2.24 -9.15
N TRP C 420 37.48 -3.24 -8.91
CA TRP C 420 36.04 -3.10 -9.23
C TRP C 420 35.36 -2.61 -7.95
N SER C 421 34.70 -1.42 -7.95
CA SER C 421 34.56 -0.51 -9.12
C SER C 421 34.86 0.90 -8.66
N LEU C 422 35.02 1.83 -9.61
CA LEU C 422 35.09 3.25 -9.25
C LEU C 422 33.84 3.67 -8.46
N LEU C 423 32.67 3.29 -9.00
CA LEU C 423 31.34 3.69 -8.47
C LEU C 423 30.49 2.50 -8.07
N ASP C 424 29.73 2.67 -6.99
CA ASP C 424 28.55 1.81 -6.78
C ASP C 424 27.71 1.94 -8.04
N ASN C 425 27.13 0.84 -8.44
CA ASN C 425 26.43 0.82 -9.71
C ASN C 425 25.38 -0.30 -9.78
N PHE C 426 24.73 -0.43 -10.94
CA PHE C 426 23.80 -1.55 -11.23
C PHE C 426 24.51 -2.91 -11.32
N GLU C 427 24.33 -3.73 -10.28
CA GLU C 427 24.99 -5.02 -10.20
C GLU C 427 24.11 -6.09 -10.84
N TRP C 428 23.85 -5.89 -12.14
CA TRP C 428 23.18 -6.90 -12.91
C TRP C 428 21.92 -7.41 -12.23
N ALA C 429 21.76 -8.72 -12.09
CA ALA C 429 20.49 -9.23 -11.56
C ALA C 429 20.23 -8.87 -10.13
N GLU C 430 21.25 -8.39 -9.45
CA GLU C 430 21.10 -7.88 -8.09
C GLU C 430 20.67 -6.41 -8.05
N GLY C 431 20.60 -5.75 -9.19
CA GLY C 431 20.27 -4.34 -9.21
C GLY C 431 21.18 -3.47 -8.36
N TYR C 432 20.60 -2.42 -7.76
CA TYR C 432 21.38 -1.44 -7.03
C TYR C 432 21.66 -1.86 -5.61
N SER C 433 21.12 -3.00 -5.21
CA SER C 433 21.33 -3.53 -3.86
C SER C 433 22.75 -3.86 -3.45
N LYS C 434 23.64 -4.05 -4.39
CA LYS C 434 25.01 -4.45 -4.04
C LYS C 434 25.94 -3.38 -4.43
N ARG C 435 26.65 -2.80 -3.47
CA ARG C 435 27.52 -1.65 -3.73
C ARG C 435 28.98 -2.07 -3.72
N PHE C 436 29.67 -1.96 -4.86
CA PHE C 436 31.08 -2.39 -5.00
C PHE C 436 32.06 -1.22 -5.12
N GLY C 437 31.55 0.02 -5.06
CA GLY C 437 32.41 1.13 -5.40
C GLY C 437 33.45 1.53 -4.37
N ILE C 438 34.49 2.22 -4.84
CA ILE C 438 35.32 2.99 -3.88
C ILE C 438 34.75 4.40 -3.74
N VAL C 439 33.71 4.65 -4.52
CA VAL C 439 32.98 5.91 -4.42
C VAL C 439 31.51 5.57 -4.24
N TYR C 440 30.90 6.12 -3.19
CA TYR C 440 29.48 5.88 -2.90
C TYR C 440 28.64 6.76 -3.83
N VAL C 441 27.57 6.18 -4.40
CA VAL C 441 26.62 6.99 -5.16
C VAL C 441 25.27 7.02 -4.42
N ASP C 442 24.81 8.20 -4.04
CA ASP C 442 23.45 8.32 -3.50
C ASP C 442 22.54 8.43 -4.69
N TYR C 443 21.72 7.43 -4.92
CA TYR C 443 20.94 7.38 -6.16
C TYR C 443 19.80 8.38 -6.15
N SER C 444 19.43 8.91 -4.99
CA SER C 444 18.35 9.89 -4.95
CA SER C 444 18.35 9.91 -4.93
C SER C 444 18.80 11.23 -5.50
N THR C 445 20.07 11.56 -5.30
CA THR C 445 20.62 12.88 -5.70
C THR C 445 21.73 12.84 -6.74
N GLN C 446 22.23 11.61 -7.00
CA GLN C 446 23.44 11.31 -7.77
C GLN C 446 24.73 11.86 -7.18
N LYS C 447 24.70 12.29 -5.93
CA LYS C 447 25.93 12.68 -5.29
C LYS C 447 26.94 11.55 -5.21
N ARG C 448 28.19 11.91 -5.48
CA ARG C 448 29.33 11.03 -5.25
C ARG C 448 30.01 11.38 -3.92
N ILE C 449 30.25 10.36 -3.11
CA ILE C 449 31.04 10.53 -1.87
C ILE C 449 32.16 9.52 -1.89
N VAL C 450 33.41 10.01 -1.95
CA VAL C 450 34.53 9.06 -2.06
C VAL C 450 34.53 8.34 -0.72
N LYS C 451 34.60 7.01 -0.78
CA LYS C 451 34.63 6.22 0.48
C LYS C 451 36.06 6.21 1.07
N ASP C 452 36.20 5.78 2.32
CA ASP C 452 37.56 5.67 2.89
C ASP C 452 38.41 4.79 2.00
N SER C 453 37.82 3.76 1.39
CA SER C 453 38.60 2.86 0.53
C SER C 453 39.21 3.59 -0.66
N GLY C 454 38.51 4.59 -1.17
CA GLY C 454 39.00 5.40 -2.27
C GLY C 454 40.23 6.20 -1.83
N TYR C 455 40.16 6.80 -0.65
CA TYR C 455 41.32 7.57 -0.12
C TYR C 455 42.49 6.63 0.17
N TRP C 456 42.19 5.44 0.69
CA TRP C 456 43.20 4.48 1.02
C TRP C 456 43.91 4.02 -0.27
N TYR C 457 43.11 3.72 -1.29
CA TYR C 457 43.70 3.22 -2.54
C TYR C 457 44.58 4.34 -3.18
N SER C 458 44.14 5.59 -3.10
CA SER C 458 44.92 6.75 -3.54
CA SER C 458 44.92 6.72 -3.57
C SER C 458 46.31 6.70 -2.91
N ASN C 459 46.35 6.39 -1.62
CA ASN C 459 47.63 6.27 -0.94
CA ASN C 459 47.63 6.23 -0.92
C ASN C 459 48.45 5.08 -1.45
N VAL C 460 47.79 3.96 -1.75
CA VAL C 460 48.48 2.82 -2.31
C VAL C 460 49.12 3.17 -3.66
N VAL C 461 48.37 3.89 -4.48
CA VAL C 461 48.92 4.27 -5.75
C VAL C 461 50.12 5.21 -5.57
N LYS C 462 49.95 6.21 -4.71
CA LYS C 462 51.01 7.19 -4.39
C LYS C 462 52.29 6.44 -3.97
N ASN C 463 52.15 5.43 -3.13
CA ASN C 463 53.31 4.72 -2.58
C ASN C 463 53.77 3.59 -3.47
N ASN C 464 53.01 3.36 -4.55
CA ASN C 464 53.22 2.19 -5.40
C ASN C 464 53.23 0.88 -4.62
N GLY C 465 52.35 0.78 -3.64
CA GLY C 465 52.22 -0.47 -2.90
C GLY C 465 51.70 -0.27 -1.49
N LEU C 466 52.01 -1.23 -0.62
CA LEU C 466 51.45 -1.30 0.72
C LEU C 466 52.48 -0.92 1.74
N GLU C 467 51.98 -0.19 2.72
CA GLU C 467 52.68 0.27 3.93
C GLU C 467 53.72 1.36 3.67
N VAL D 25 21.47 34.39 53.93
CA VAL D 25 20.68 34.70 52.71
C VAL D 25 20.85 33.67 51.57
N LYS D 26 19.95 33.73 50.60
CA LYS D 26 20.03 32.89 49.44
C LYS D 26 19.97 33.75 48.20
N LYS D 27 21.16 34.11 47.71
CA LYS D 27 21.30 35.05 46.62
C LYS D 27 21.32 34.31 45.28
N PHE D 28 20.61 34.84 44.29
CA PHE D 28 20.55 34.19 43.00
C PHE D 28 21.67 34.65 42.08
N PRO D 29 21.82 33.99 40.93
CA PRO D 29 22.89 34.44 40.03
C PRO D 29 22.70 35.87 39.50
N GLU D 30 23.81 36.51 39.16
CA GLU D 30 23.76 37.80 38.50
C GLU D 30 22.90 37.63 37.25
N GLY D 31 21.95 38.54 37.03
CA GLY D 31 21.20 38.50 35.78
C GLY D 31 19.94 37.65 35.85
N PHE D 32 19.74 36.95 36.97
CA PHE D 32 18.52 36.18 37.17
C PHE D 32 17.28 37.04 36.94
N LEU D 33 16.30 36.49 36.21
CA LEU D 33 15.17 37.27 35.79
C LEU D 33 13.96 36.95 36.68
N TRP D 34 13.49 37.93 37.43
CA TRP D 34 12.33 37.77 38.28
C TRP D 34 11.14 38.38 37.55
N GLY D 35 10.10 37.57 37.35
CA GLY D 35 8.93 38.04 36.59
C GLY D 35 7.59 37.82 37.32
N VAL D 36 6.52 38.26 36.65
CA VAL D 36 5.14 37.97 37.04
C VAL D 36 4.43 37.61 35.74
N ALA D 37 3.42 36.76 35.85
CA ALA D 37 2.76 36.19 34.67
C ALA D 37 1.24 36.43 34.67
N THR D 38 0.69 36.60 33.47
CA THR D 38 -0.77 36.61 33.24
C THR D 38 -1.10 35.91 31.93
N ALA D 39 -2.39 35.89 31.58
CA ALA D 39 -2.80 35.33 30.28
C ALA D 39 -3.97 36.18 29.78
N SER D 40 -4.08 36.31 28.47
CA SER D 40 -5.01 37.26 27.87
C SER D 40 -6.46 37.07 28.31
N TYR D 41 -7.01 35.88 28.16
CA TYR D 41 -8.42 35.70 28.47
C TYR D 41 -8.69 35.93 29.98
N GLN D 42 -7.68 35.69 30.82
CA GLN D 42 -7.90 35.71 32.25
C GLN D 42 -7.97 37.11 32.78
N ILE D 43 -7.37 38.05 32.06
CA ILE D 43 -7.33 39.42 32.59
C ILE D 43 -7.96 40.50 31.72
N GLU D 44 -8.04 40.30 30.39
CA GLU D 44 -8.29 41.47 29.51
C GLU D 44 -9.72 41.99 29.53
N GLY D 45 -10.66 41.07 29.42
CA GLY D 45 -12.05 41.41 29.14
C GLY D 45 -12.17 41.95 27.73
N SER D 46 -13.34 42.49 27.40
CA SER D 46 -13.57 43.07 26.09
C SER D 46 -13.21 42.12 24.95
N PRO D 47 -13.75 40.88 24.99
CA PRO D 47 -13.37 39.84 24.05
C PRO D 47 -13.72 40.14 22.61
N LEU D 48 -14.69 41.02 22.39
CA LEU D 48 -15.16 41.30 21.05
C LEU D 48 -14.86 42.73 20.62
N ALA D 49 -14.03 43.43 21.40
CA ALA D 49 -13.70 44.82 21.06
C ALA D 49 -12.85 44.94 19.80
N ASP D 50 -13.09 46.02 19.04
CA ASP D 50 -12.11 46.48 18.06
C ASP D 50 -11.80 45.41 17.01
N GLY D 51 -12.85 44.69 16.63
CA GLY D 51 -12.80 43.74 15.54
C GLY D 51 -12.31 42.35 15.90
N ALA D 52 -12.10 42.09 17.19
CA ALA D 52 -11.68 40.75 17.62
C ALA D 52 -12.72 39.66 17.28
N GLY D 53 -12.24 38.47 16.92
CA GLY D 53 -13.11 37.30 16.73
C GLY D 53 -13.41 36.58 18.04
N MET D 54 -14.45 35.78 18.09
CA MET D 54 -14.72 34.98 19.28
C MET D 54 -13.58 34.00 19.47
N SER D 55 -13.24 33.75 20.72
CA SER D 55 -12.43 32.60 21.09
C SER D 55 -13.27 31.42 21.60
N ILE D 56 -12.64 30.25 21.67
CA ILE D 56 -13.32 29.11 22.25
C ILE D 56 -13.60 29.30 23.75
N TRP D 57 -12.86 30.21 24.43
CA TRP D 57 -13.19 30.49 25.85
C TRP D 57 -14.38 31.43 26.03
N HIS D 58 -14.59 32.33 25.08
CA HIS D 58 -15.83 33.09 25.05
C HIS D 58 -17.04 32.13 24.92
N THR D 59 -17.00 31.27 23.92
CA THR D 59 -18.16 30.39 23.67
C THR D 59 -18.35 29.34 24.77
N PHE D 60 -17.23 28.79 25.28
CA PHE D 60 -17.29 27.79 26.35
C PHE D 60 -17.85 28.44 27.63
N SER D 61 -17.35 29.63 28.00
CA SER D 61 -17.82 30.27 29.23
C SER D 61 -19.23 30.82 29.16
N HIS D 62 -19.70 31.14 27.95
CA HIS D 62 -21.10 31.55 27.75
C HIS D 62 -22.05 30.36 27.55
N THR D 63 -21.55 29.16 27.74
CA THR D 63 -22.38 27.95 27.81
C THR D 63 -22.69 27.62 29.27
N PRO D 64 -23.99 27.61 29.63
CA PRO D 64 -24.38 27.27 31.00
C PRO D 64 -23.77 25.99 31.46
N GLY D 65 -23.27 26.05 32.70
CA GLY D 65 -22.79 24.92 33.43
C GLY D 65 -21.32 24.67 33.29
N ASN D 66 -20.63 25.42 32.44
CA ASN D 66 -19.23 25.10 32.22
C ASN D 66 -18.30 25.77 33.21
N VAL D 67 -18.73 26.92 33.75
CA VAL D 67 -17.85 27.70 34.65
C VAL D 67 -18.59 28.01 35.95
N LYS D 68 -17.88 27.88 37.09
CA LYS D 68 -18.44 28.15 38.42
C LYS D 68 -19.13 29.50 38.43
N ASN D 69 -20.32 29.57 39.04
CA ASN D 69 -21.13 30.82 39.12
C ASN D 69 -21.51 31.47 37.81
N GLY D 70 -21.33 30.75 36.70
CA GLY D 70 -21.60 31.31 35.39
C GLY D 70 -20.68 32.48 35.07
N ASP D 71 -19.52 32.53 35.71
CA ASP D 71 -18.53 33.55 35.38
C ASP D 71 -18.04 33.45 33.94
N THR D 72 -17.68 34.59 33.38
CA THR D 72 -17.09 34.61 32.03
C THR D 72 -15.92 35.56 32.02
N GLY D 73 -15.17 35.57 30.91
CA GLY D 73 -14.11 36.56 30.75
C GLY D 73 -14.54 37.87 30.12
N ASP D 74 -15.85 38.16 30.11
CA ASP D 74 -16.29 39.37 29.38
C ASP D 74 -15.67 40.67 29.96
N VAL D 75 -15.50 40.72 31.29
CA VAL D 75 -14.89 41.87 31.94
C VAL D 75 -13.53 41.55 32.57
N ALA D 76 -13.48 40.47 33.37
CA ALA D 76 -12.23 40.03 34.03
C ALA D 76 -11.63 41.20 34.80
N CYS D 77 -10.35 41.48 34.60
CA CYS D 77 -9.68 42.63 35.23
C CYS D 77 -9.75 43.92 34.44
N ASP D 78 -10.51 43.92 33.34
CA ASP D 78 -10.53 45.05 32.45
C ASP D 78 -9.14 45.56 32.06
N HIS D 79 -8.17 44.64 31.90
CA HIS D 79 -6.85 45.00 31.48
C HIS D 79 -6.81 45.54 30.04
N TYR D 80 -7.79 45.16 29.21
CA TYR D 80 -7.90 45.79 27.87
C TYR D 80 -7.91 47.32 27.99
N ASN D 81 -8.51 47.82 29.07
CA ASN D 81 -8.55 49.26 29.30
C ASN D 81 -7.54 49.80 30.31
N ARG D 82 -7.15 48.97 31.26
CA ARG D 82 -6.41 49.41 32.45
C ARG D 82 -4.95 48.92 32.36
N TRP D 83 -4.54 48.43 31.19
CA TRP D 83 -3.16 47.88 30.99
C TRP D 83 -2.07 48.86 31.45
N LYS D 84 -2.21 50.17 31.21
CA LYS D 84 -1.16 51.09 31.64
C LYS D 84 -0.98 51.05 33.15
N GLU D 85 -2.09 51.11 33.89
CA GLU D 85 -2.01 51.04 35.35
C GLU D 85 -1.33 49.76 35.81
N ASP D 86 -1.73 48.62 35.24
CA ASP D 86 -1.09 47.36 35.61
C ASP D 86 0.44 47.33 35.35
N ILE D 87 0.88 47.83 34.20
CA ILE D 87 2.33 47.87 33.94
C ILE D 87 3.00 48.80 34.97
N GLU D 88 2.31 49.87 35.34
CA GLU D 88 2.87 50.78 36.34
C GLU D 88 3.05 50.12 37.69
N ILE D 89 2.22 49.11 37.98
CA ILE D 89 2.37 48.35 39.22
C ILE D 89 3.62 47.49 39.08
N ILE D 90 3.80 46.86 37.93
CA ILE D 90 4.99 46.05 37.72
C ILE D 90 6.23 46.93 37.95
N GLU D 91 6.22 48.10 37.31
CA GLU D 91 7.30 49.05 37.47
C GLU D 91 7.53 49.44 38.94
N LYS D 92 6.45 49.76 39.64
CA LYS D 92 6.55 50.24 41.01
C LYS D 92 7.17 49.15 41.91
N LEU D 93 6.86 47.88 41.63
CA LEU D 93 7.38 46.78 42.42
C LEU D 93 8.80 46.41 42.01
N GLY D 94 9.26 46.97 40.90
CA GLY D 94 10.60 46.72 40.44
C GLY D 94 10.79 45.39 39.76
N VAL D 95 9.69 44.75 39.33
CA VAL D 95 9.76 43.42 38.75
C VAL D 95 10.34 43.54 37.36
N LYS D 96 11.24 42.62 37.03
CA LYS D 96 12.06 42.81 35.84
C LYS D 96 11.53 42.20 34.54
N ALA D 97 10.54 41.31 34.63
CA ALA D 97 9.99 40.69 33.43
C ALA D 97 8.48 40.44 33.58
N TYR D 98 7.78 40.49 32.46
CA TYR D 98 6.33 40.31 32.46
C TYR D 98 6.04 39.25 31.41
N ARG D 99 5.60 38.06 31.85
CA ARG D 99 5.09 37.02 30.96
C ARG D 99 3.59 37.24 30.72
N PHE D 100 3.24 37.49 29.47
CA PHE D 100 1.83 37.68 29.11
C PHE D 100 1.54 36.93 27.83
N SER D 101 0.26 36.81 27.50
CA SER D 101 -0.11 36.07 26.31
C SER D 101 -0.87 36.97 25.33
N ILE D 102 -0.85 36.56 24.08
CA ILE D 102 -1.55 37.29 23.05
C ILE D 102 -2.80 36.51 22.58
N SER D 103 -3.94 37.19 22.46
CA SER D 103 -5.19 36.57 22.02
C SER D 103 -5.12 36.41 20.49
N TRP D 104 -5.05 35.17 20.03
CA TRP D 104 -4.99 34.86 18.60
C TRP D 104 -6.17 35.53 17.88
N PRO D 105 -7.42 35.39 18.39
CA PRO D 105 -8.50 36.02 17.60
C PRO D 105 -8.57 37.57 17.62
N ARG D 106 -7.82 38.22 18.52
CA ARG D 106 -7.60 39.65 18.38
C ARG D 106 -6.76 39.98 17.15
N ILE D 107 -5.85 39.05 16.82
CA ILE D 107 -4.89 39.28 15.74
C ILE D 107 -5.40 38.78 14.38
N LEU D 108 -5.90 37.56 14.37
CA LEU D 108 -6.57 37.01 13.19
C LEU D 108 -7.97 36.57 13.63
N PRO D 109 -8.97 37.45 13.46
CA PRO D 109 -10.33 37.16 13.92
C PRO D 109 -10.88 35.87 13.34
N GLU D 110 -10.47 35.47 12.14
CA GLU D 110 -10.95 34.21 11.60
CA GLU D 110 -10.94 34.23 11.55
C GLU D 110 -9.89 33.11 11.69
N GLY D 111 -8.83 33.38 12.43
CA GLY D 111 -7.85 32.32 12.66
C GLY D 111 -6.70 32.33 11.66
N THR D 112 -7.06 32.46 10.39
CA THR D 112 -6.10 32.73 9.35
C THR D 112 -6.60 33.93 8.56
N GLY D 113 -5.74 34.44 7.69
CA GLY D 113 -6.18 35.46 6.74
C GLY D 113 -5.97 36.88 7.19
N ARG D 114 -7.03 37.69 7.15
CA ARG D 114 -6.87 39.10 7.45
C ARG D 114 -6.42 39.35 8.88
N VAL D 115 -5.43 40.24 9.00
CA VAL D 115 -4.90 40.67 10.29
C VAL D 115 -5.66 41.90 10.79
N ASN D 116 -6.04 41.87 12.06
CA ASN D 116 -6.72 42.97 12.68
C ASN D 116 -5.73 44.00 13.23
N GLN D 117 -5.61 45.15 12.55
CA GLN D 117 -4.62 46.14 12.94
C GLN D 117 -4.81 46.60 14.41
N LYS D 118 -6.06 46.78 14.84
CA LYS D 118 -6.32 47.26 16.17
C LYS D 118 -5.84 46.27 17.22
N GLY D 119 -5.87 44.99 16.87
CA GLY D 119 -5.28 43.93 17.70
C GLY D 119 -3.78 44.09 17.86
N LEU D 120 -3.08 44.29 16.75
CA LEU D 120 -1.65 44.60 16.78
C LEU D 120 -1.39 45.85 17.62
N ASP D 121 -2.19 46.89 17.41
CA ASP D 121 -1.97 48.14 18.15
C ASP D 121 -2.01 47.90 19.64
N PHE D 122 -2.93 47.04 20.09
CA PHE D 122 -3.17 46.87 21.54
C PHE D 122 -1.92 46.29 22.16
N TYR D 123 -1.41 45.23 21.56
CA TYR D 123 -0.18 44.63 22.09
C TYR D 123 1.09 45.44 21.82
N ASN D 124 1.14 46.19 20.71
CA ASN D 124 2.29 47.06 20.48
C ASN D 124 2.48 48.07 21.59
N ARG D 125 1.37 48.62 22.06
CA ARG D 125 1.41 49.60 23.15
CA ARG D 125 1.44 49.62 23.14
C ARG D 125 1.94 48.98 24.43
N ILE D 126 1.47 47.77 24.73
CA ILE D 126 1.94 47.09 25.92
C ILE D 126 3.44 46.86 25.80
N ILE D 127 3.86 46.34 24.65
CA ILE D 127 5.27 46.04 24.44
C ILE D 127 6.15 47.29 24.58
N ASP D 128 5.76 48.35 23.93
CA ASP D 128 6.55 49.58 23.95
C ASP D 128 6.63 50.14 25.35
N THR D 129 5.49 50.08 26.06
CA THR D 129 5.44 50.56 27.44
C THR D 129 6.33 49.73 28.40
N LEU D 130 6.22 48.42 28.33
CA LEU D 130 7.13 47.57 29.11
C LEU D 130 8.58 48.02 28.88
N LEU D 131 8.93 48.20 27.62
CA LEU D 131 10.33 48.49 27.25
C LEU D 131 10.73 49.86 27.78
N GLU D 132 9.82 50.82 27.70
CA GLU D 132 10.12 52.18 28.16
CA GLU D 132 10.09 52.19 28.17
C GLU D 132 10.40 52.12 29.65
N LYS D 133 9.75 51.19 30.35
CA LYS D 133 9.89 51.02 31.82
C LYS D 133 10.92 49.98 32.31
N GLY D 134 11.70 49.43 31.40
CA GLY D 134 12.77 48.53 31.78
C GLY D 134 12.34 47.11 32.07
N ILE D 135 11.16 46.75 31.58
CA ILE D 135 10.61 45.43 31.86
C ILE D 135 10.73 44.52 30.64
N THR D 136 11.23 43.32 30.86
CA THR D 136 11.47 42.43 29.72
C THR D 136 10.20 41.66 29.39
N PRO D 137 9.66 41.82 28.16
CA PRO D 137 8.46 41.02 27.84
C PRO D 137 8.76 39.55 27.55
N PHE D 138 7.99 38.62 28.11
CA PHE D 138 8.06 37.23 27.69
C PHE D 138 6.69 36.93 27.11
N VAL D 139 6.60 36.71 25.82
CA VAL D 139 5.29 36.54 25.18
C VAL D 139 4.91 35.08 24.99
N THR D 140 3.78 34.68 25.56
CA THR D 140 3.17 33.39 25.28
C THR D 140 2.26 33.55 24.10
N ILE D 141 2.59 32.84 23.01
CA ILE D 141 1.80 32.91 21.78
C ILE D 141 0.41 32.31 21.93
N TYR D 142 0.35 31.17 22.63
CA TYR D 142 -0.95 30.51 22.83
C TYR D 142 -1.20 30.09 24.25
N HIS D 143 -2.12 30.78 24.93
CA HIS D 143 -2.51 30.40 26.25
C HIS D 143 -4.04 30.18 26.26
N TRP D 144 -4.50 29.37 25.28
CA TRP D 144 -5.76 28.60 25.35
C TRP D 144 -6.95 29.23 24.65
N ASP D 145 -6.79 30.48 24.25
CA ASP D 145 -7.91 31.17 23.59
C ASP D 145 -7.89 31.04 22.05
N LEU D 146 -8.10 29.81 21.58
CA LEU D 146 -8.16 29.50 20.15
C LEU D 146 -9.28 30.28 19.48
N PRO D 147 -9.05 30.76 18.25
CA PRO D 147 -10.15 31.37 17.52
C PRO D 147 -11.29 30.38 17.37
N PHE D 148 -12.50 30.80 17.71
CA PHE D 148 -13.66 29.96 17.54
C PHE D 148 -13.77 29.52 16.05
N ALA D 149 -13.39 30.37 15.11
CA ALA D 149 -13.47 30.02 13.70
C ALA D 149 -12.70 28.75 13.37
N LEU D 150 -11.59 28.58 14.06
CA LEU D 150 -10.79 27.36 13.81
C LEU D 150 -11.35 26.13 14.53
N GLN D 151 -12.02 26.32 15.67
CA GLN D 151 -12.70 25.23 16.32
C GLN D 151 -13.78 24.67 15.41
N LEU D 152 -14.46 25.53 14.65
CA LEU D 152 -15.49 25.02 13.74
C LEU D 152 -14.90 24.06 12.69
N LYS D 153 -13.59 24.13 12.46
CA LYS D 153 -12.85 23.26 11.51
C LYS D 153 -12.06 22.15 12.23
N GLY D 154 -12.37 21.95 13.51
CA GLY D 154 -11.78 20.86 14.30
C GLY D 154 -10.75 21.26 15.32
N GLY D 155 -10.30 22.52 15.24
CA GLY D 155 -9.30 23.04 16.15
C GLY D 155 -8.07 22.15 16.26
N TRP D 156 -7.66 21.84 17.49
CA TRP D 156 -6.44 21.05 17.72
C TRP D 156 -6.51 19.61 17.23
N ALA D 157 -7.71 19.17 16.84
CA ALA D 157 -7.90 17.81 16.34
C ALA D 157 -7.52 17.74 14.85
N ASN D 158 -7.47 18.88 14.18
CA ASN D 158 -7.24 18.96 12.72
C ASN D 158 -5.75 19.13 12.37
N ARG D 159 -5.18 18.18 11.63
CA ARG D 159 -3.77 18.26 11.25
C ARG D 159 -3.36 19.65 10.75
N GLU D 160 -4.27 20.31 10.04
CA GLU D 160 -4.02 21.63 9.48
C GLU D 160 -3.61 22.69 10.49
N ILE D 161 -3.98 22.51 11.78
CA ILE D 161 -3.64 23.52 12.76
C ILE D 161 -2.13 23.84 12.87
N ALA D 162 -1.26 22.90 12.48
CA ALA D 162 0.20 23.19 12.41
C ALA D 162 0.46 24.40 11.53
N ASP D 163 -0.22 24.45 10.38
CA ASP D 163 -0.07 25.58 9.48
C ASP D 163 -0.76 26.83 10.02
N TRP D 164 -1.97 26.67 10.58
CA TRP D 164 -2.68 27.85 11.12
C TRP D 164 -1.82 28.47 12.19
N PHE D 165 -1.27 27.63 13.08
CA PHE D 165 -0.47 28.11 14.16
C PHE D 165 0.83 28.82 13.72
N ALA D 166 1.50 28.21 12.75
CA ALA D 166 2.73 28.74 12.23
C ALA D 166 2.49 30.10 11.56
N GLU D 167 1.35 30.26 10.86
CA GLU D 167 1.16 31.53 10.21
CA GLU D 167 0.99 31.51 10.19
CA GLU D 167 1.05 31.52 10.19
C GLU D 167 0.72 32.61 11.22
N TYR D 168 0.02 32.21 12.27
CA TYR D 168 -0.29 33.14 13.38
C TYR D 168 1.01 33.56 14.05
N SER D 169 1.85 32.59 14.42
CA SER D 169 3.16 32.90 14.97
CA SER D 169 3.11 32.97 15.01
C SER D 169 3.95 33.83 14.03
N ARG D 170 3.92 33.54 12.74
CA ARG D 170 4.65 34.43 11.82
C ARG D 170 4.24 35.89 11.94
N VAL D 171 2.93 36.12 11.99
CA VAL D 171 2.44 37.50 12.19
C VAL D 171 3.00 38.12 13.46
N LEU D 172 2.96 37.35 14.55
CA LEU D 172 3.49 37.93 15.76
C LEU D 172 4.98 38.25 15.63
N PHE D 173 5.74 37.32 15.09
CA PHE D 173 7.19 37.53 15.00
C PHE D 173 7.51 38.71 14.09
N GLU D 174 6.81 38.82 12.96
CA GLU D 174 7.10 39.93 12.03
C GLU D 174 6.75 41.28 12.65
N ASN D 175 5.67 41.32 13.43
CA ASN D 175 5.21 42.58 14.03
C ASN D 175 5.89 42.97 15.33
N PHE D 176 6.25 41.97 16.14
CA PHE D 176 6.72 42.26 17.48
C PHE D 176 8.13 41.80 17.73
N GLY D 177 8.71 41.04 16.80
CA GLY D 177 10.03 40.44 17.06
C GLY D 177 11.20 41.41 17.10
N ASP D 178 11.02 42.62 16.54
CA ASP D 178 12.05 43.66 16.70
C ASP D 178 12.27 44.05 18.15
N ARG D 179 11.26 43.86 18.98
CA ARG D 179 11.35 44.29 20.37
C ARG D 179 11.22 43.17 21.40
N VAL D 180 10.40 42.17 21.08
CA VAL D 180 10.23 41.01 21.96
C VAL D 180 11.22 39.92 21.56
N LYS D 181 12.10 39.53 22.47
CA LYS D 181 13.13 38.57 22.10
C LYS D 181 12.99 37.27 22.91
N ASN D 182 11.95 37.17 23.74
CA ASN D 182 11.74 35.97 24.52
C ASN D 182 10.32 35.47 24.32
N TRP D 183 10.19 34.30 23.72
CA TRP D 183 8.91 33.79 23.21
C TRP D 183 8.64 32.40 23.68
N ILE D 184 7.34 32.10 23.86
CA ILE D 184 6.88 30.80 24.29
C ILE D 184 5.79 30.37 23.35
N THR D 185 5.92 29.20 22.74
CA THR D 185 4.93 28.78 21.73
C THR D 185 3.64 28.39 22.43
N LEU D 186 3.72 27.40 23.32
CA LEU D 186 2.50 26.91 23.95
C LEU D 186 2.51 26.97 25.48
N ASN D 187 1.41 27.37 26.08
CA ASN D 187 1.26 27.20 27.53
C ASN D 187 0.59 25.86 27.80
N GLU D 188 1.31 24.94 28.43
CA GLU D 188 0.70 23.69 28.95
C GLU D 188 -0.12 22.91 27.94
N PRO D 189 0.55 22.40 26.91
CA PRO D 189 -0.16 21.59 25.93
C PRO D 189 -0.84 20.36 26.52
N TRP D 190 -0.36 19.81 27.64
CA TRP D 190 -1.03 18.66 28.23
C TRP D 190 -2.44 19.09 28.63
N VAL D 191 -2.54 20.27 29.19
CA VAL D 191 -3.84 20.76 29.65
C VAL D 191 -4.75 21.05 28.47
N VAL D 192 -4.23 21.78 27.49
CA VAL D 192 -4.99 22.04 26.28
CA VAL D 192 -5.00 22.05 26.29
C VAL D 192 -5.59 20.77 25.70
N ALA D 193 -4.79 19.71 25.59
CA ALA D 193 -5.29 18.49 25.01
C ALA D 193 -6.17 17.68 25.89
N ILE D 194 -5.66 17.38 27.09
CA ILE D 194 -6.29 16.43 27.95
C ILE D 194 -7.43 17.06 28.73
N VAL D 195 -7.22 18.25 29.31
CA VAL D 195 -8.30 18.89 30.06
C VAL D 195 -9.36 19.44 29.11
N GLY D 196 -8.91 19.89 27.93
CA GLY D 196 -9.83 20.43 26.93
C GLY D 196 -10.55 19.39 26.09
N HIS D 197 -9.94 18.22 25.90
CA HIS D 197 -10.50 17.26 24.96
C HIS D 197 -10.75 15.86 25.48
N LEU D 198 -10.25 15.55 26.66
CA LEU D 198 -10.57 14.26 27.26
C LEU D 198 -11.50 14.46 28.48
N TYR D 199 -11.11 15.31 29.41
CA TYR D 199 -11.95 15.60 30.60
C TYR D 199 -13.12 16.53 30.31
N GLY D 200 -13.00 17.33 29.25
CA GLY D 200 -14.05 18.30 28.88
C GLY D 200 -14.26 19.45 29.85
N VAL D 201 -13.31 19.64 30.76
CA VAL D 201 -13.38 20.65 31.81
C VAL D 201 -13.00 22.06 31.32
N HIS D 202 -12.17 22.13 30.27
CA HIS D 202 -11.80 23.39 29.61
C HIS D 202 -12.30 23.35 28.17
N ALA D 203 -12.36 24.53 27.55
CA ALA D 203 -12.70 24.68 26.14
C ALA D 203 -11.76 23.80 25.32
N PRO D 204 -12.29 23.14 24.30
CA PRO D 204 -13.66 23.29 23.83
C PRO D 204 -14.67 22.33 24.46
N GLY D 205 -14.31 21.71 25.57
CA GLY D 205 -15.23 20.94 26.36
C GLY D 205 -15.56 19.58 25.78
N MET D 206 -14.60 18.89 25.19
CA MET D 206 -14.83 17.60 24.56
CA MET D 206 -14.98 17.58 24.67
C MET D 206 -14.40 16.43 25.45
N ARG D 207 -15.00 15.25 25.24
CA ARG D 207 -14.55 14.05 25.93
C ARG D 207 -14.32 12.90 24.95
N ASP D 208 -13.17 12.90 24.27
CA ASP D 208 -12.87 11.83 23.32
C ASP D 208 -11.36 11.57 23.36
N ILE D 209 -10.97 10.35 23.69
CA ILE D 209 -9.56 10.08 23.96
C ILE D 209 -8.76 10.05 22.67
N TYR D 210 -9.43 9.69 21.58
CA TYR D 210 -8.80 9.70 20.28
C TYR D 210 -8.54 11.12 19.82
N VAL D 211 -9.47 12.04 20.11
CA VAL D 211 -9.28 13.44 19.77
CA VAL D 211 -9.24 13.42 19.73
C VAL D 211 -8.17 14.00 20.64
N ALA D 212 -8.21 13.65 21.94
CA ALA D 212 -7.25 14.24 22.86
C ALA D 212 -5.80 13.92 22.45
N PHE D 213 -5.56 12.71 22.01
CA PHE D 213 -4.20 12.39 21.63
C PHE D 213 -3.80 12.93 20.25
N ARG D 214 -4.79 13.10 19.39
CA ARG D 214 -4.50 13.85 18.18
C ARG D 214 -4.13 15.29 18.48
N ALA D 215 -4.77 15.88 19.50
CA ALA D 215 -4.45 17.21 19.95
C ALA D 215 -3.03 17.25 20.50
N VAL D 216 -2.62 16.23 21.24
CA VAL D 216 -1.29 16.23 21.83
C VAL D 216 -0.26 16.30 20.68
N HIS D 217 -0.52 15.49 19.67
CA HIS D 217 0.41 15.35 18.54
C HIS D 217 0.42 16.63 17.65
N ASN D 218 -0.75 17.19 17.36
CA ASN D 218 -0.85 18.45 16.60
C ASN D 218 -0.24 19.64 17.35
N LEU D 219 -0.40 19.67 18.67
CA LEU D 219 0.28 20.68 19.47
CA LEU D 219 0.29 20.67 19.49
C LEU D 219 1.80 20.65 19.27
N LEU D 220 2.39 19.46 19.35
CA LEU D 220 3.84 19.31 19.09
C LEU D 220 4.22 19.76 17.67
N ARG D 221 3.41 19.34 16.71
CA ARG D 221 3.66 19.70 15.29
C ARG D 221 3.58 21.21 15.09
N ALA D 222 2.56 21.83 15.70
CA ALA D 222 2.42 23.26 15.61
C ALA D 222 3.57 24.03 16.31
N HIS D 223 3.86 23.67 17.56
CA HIS D 223 4.97 24.25 18.28
C HIS D 223 6.27 24.16 17.43
N ALA D 224 6.54 22.99 16.86
CA ALA D 224 7.76 22.86 16.06
C ALA D 224 7.79 23.70 14.78
N ARG D 225 6.65 23.83 14.10
CA ARG D 225 6.58 24.66 12.92
C ARG D 225 6.80 26.12 13.28
N ALA D 226 6.23 26.54 14.39
CA ALA D 226 6.41 27.88 14.85
C ALA D 226 7.88 28.20 15.16
N VAL D 227 8.60 27.23 15.77
CA VAL D 227 10.02 27.42 16.03
C VAL D 227 10.79 27.58 14.69
N LYS D 228 10.44 26.75 13.73
CA LYS D 228 11.05 26.88 12.39
C LYS D 228 10.91 28.28 11.81
N VAL D 229 9.69 28.81 11.90
CA VAL D 229 9.38 30.14 11.40
C VAL D 229 10.10 31.22 12.20
N PHE D 230 10.21 31.00 13.52
CA PHE D 230 10.95 31.91 14.36
C PHE D 230 12.39 32.05 13.82
N ARG D 231 13.01 30.92 13.46
CA ARG D 231 14.44 30.98 13.12
C ARG D 231 14.61 31.79 11.84
N GLU D 232 13.56 31.91 11.02
CA GLU D 232 13.57 32.66 9.73
C GLU D 232 13.24 34.13 9.94
N THR D 233 12.76 34.48 11.13
CA THR D 233 12.06 35.75 11.24
CA THR D 233 12.01 35.68 11.26
C THR D 233 12.52 36.63 12.39
N VAL D 234 13.14 36.06 13.42
CA VAL D 234 13.57 36.89 14.56
C VAL D 234 15.06 36.73 14.76
N LYS D 235 15.78 37.85 14.87
CA LYS D 235 17.20 37.78 15.17
C LYS D 235 17.42 38.10 16.64
N ASP D 236 18.41 37.44 17.22
CA ASP D 236 18.82 37.71 18.59
C ASP D 236 17.71 37.30 19.56
N GLY D 237 16.88 36.33 19.16
CA GLY D 237 15.74 35.93 20.00
C GLY D 237 15.84 34.52 20.54
N LYS D 238 15.05 34.21 21.56
CA LYS D 238 15.01 32.86 22.15
C LYS D 238 13.58 32.37 22.21
N ILE D 239 13.37 31.08 21.95
CA ILE D 239 12.01 30.54 21.96
C ILE D 239 11.98 29.23 22.70
N GLY D 240 10.87 29.03 23.41
CA GLY D 240 10.72 27.89 24.28
C GLY D 240 9.27 27.42 24.30
N ILE D 241 8.95 26.58 25.28
CA ILE D 241 7.62 26.04 25.42
C ILE D 241 7.42 25.77 26.91
N VAL D 242 6.17 25.87 27.38
CA VAL D 242 5.82 25.73 28.81
C VAL D 242 4.98 24.49 29.12
N PHE D 243 5.36 23.78 30.20
CA PHE D 243 4.66 22.57 30.61
C PHE D 243 4.20 22.63 32.07
N ASN D 244 3.03 22.07 32.30
CA ASN D 244 2.55 21.88 33.65
C ASN D 244 3.29 20.68 34.26
N ASN D 245 3.48 20.68 35.57
CA ASN D 245 4.14 19.53 36.22
C ASN D 245 3.61 19.35 37.62
N GLY D 246 3.41 18.11 38.05
CA GLY D 246 3.12 17.85 39.46
C GLY D 246 4.26 17.05 40.06
N TYR D 247 4.44 17.13 41.37
CA TYR D 247 5.44 16.27 42.02
C TYR D 247 4.74 15.00 42.51
N PHE D 248 4.88 13.90 41.78
CA PHE D 248 4.18 12.67 42.14
C PHE D 248 5.05 11.81 42.99
N GLU D 249 4.46 11.34 44.09
CA GLU D 249 5.16 10.43 44.98
C GLU D 249 4.33 9.19 45.20
N PRO D 250 4.99 8.06 45.41
CA PRO D 250 4.26 6.80 45.57
C PRO D 250 3.68 6.59 46.97
N ALA D 251 2.48 6.01 47.01
CA ALA D 251 1.78 5.68 48.24
C ALA D 251 2.54 4.63 49.06
N SER D 252 3.30 3.77 48.39
CA SER D 252 4.15 2.78 49.07
C SER D 252 5.33 2.41 48.20
N GLU D 253 6.24 1.58 48.71
CA GLU D 253 7.38 1.10 47.92
C GLU D 253 7.02 -0.08 47.01
N LYS D 254 5.74 -0.44 46.97
CA LYS D 254 5.27 -1.55 46.12
C LYS D 254 5.46 -1.27 44.62
N GLU D 255 5.98 -2.25 43.90
CA GLU D 255 6.30 -2.11 42.49
C GLU D 255 5.24 -1.27 41.79
N GLU D 256 3.99 -1.74 41.85
CA GLU D 256 2.89 -1.13 41.12
C GLU D 256 2.57 0.34 41.49
N ASP D 257 2.99 0.78 42.67
CA ASP D 257 2.88 2.20 43.05
C ASP D 257 4.04 3.03 42.47
N ILE D 258 5.23 2.47 42.46
CA ILE D 258 6.37 3.12 41.85
C ILE D 258 6.08 3.34 40.37
N ARG D 259 5.53 2.30 39.77
CA ARG D 259 5.22 2.33 38.37
C ARG D 259 4.16 3.38 38.07
N ALA D 260 3.16 3.45 38.94
CA ALA D 260 2.10 4.44 38.82
C ALA D 260 2.72 5.84 38.81
N VAL D 261 3.72 6.05 39.66
CA VAL D 261 4.38 7.34 39.69
C VAL D 261 5.11 7.61 38.37
N ARG D 262 5.80 6.62 37.84
CA ARG D 262 6.54 6.84 36.60
C ARG D 262 5.57 7.17 35.48
N PHE D 263 4.42 6.50 35.47
CA PHE D 263 3.43 6.79 34.46
C PHE D 263 2.94 8.24 34.56
N MET D 264 2.56 8.66 35.77
CA MET D 264 2.03 10.03 35.93
C MET D 264 3.10 11.07 35.52
N HIS D 265 4.37 10.82 35.85
CA HIS D 265 5.43 11.75 35.47
C HIS D 265 5.56 11.80 33.95
N GLN D 266 5.51 10.63 33.34
CA GLN D 266 5.71 10.60 31.89
C GLN D 266 4.53 11.13 31.10
N PHE D 267 3.32 10.98 31.65
CA PHE D 267 2.13 11.42 30.94
C PHE D 267 1.76 12.85 31.28
N ASN D 268 1.82 13.22 32.56
CA ASN D 268 1.33 14.53 32.95
CA ASN D 268 1.31 14.53 33.02
C ASN D 268 2.37 15.64 33.03
N ASN D 269 3.66 15.29 33.08
CA ASN D 269 4.74 16.31 33.20
C ASN D 269 5.48 16.49 31.86
N TYR D 270 6.53 17.29 31.87
CA TYR D 270 7.24 17.64 30.62
C TYR D 270 7.61 16.43 29.70
N PRO D 271 7.81 15.23 30.26
CA PRO D 271 8.32 14.19 29.32
C PRO D 271 7.42 13.84 28.14
N LEU D 272 6.10 13.99 28.30
CA LEU D 272 5.20 13.70 27.20
C LEU D 272 5.57 14.46 25.93
N PHE D 273 6.08 15.66 26.14
CA PHE D 273 6.43 16.57 25.05
C PHE D 273 7.93 16.65 24.83
N LEU D 274 8.69 16.58 25.91
CA LEU D 274 10.14 16.64 25.77
C LEU D 274 10.76 15.33 25.24
N ASN D 275 10.09 14.19 25.43
CA ASN D 275 10.65 12.98 24.86
C ASN D 275 10.59 13.07 23.34
N PRO D 276 9.45 13.52 22.78
CA PRO D 276 9.44 13.77 21.34
C PRO D 276 10.47 14.82 20.91
N ILE D 277 10.51 15.98 21.58
CA ILE D 277 11.40 17.05 21.12
C ILE D 277 12.89 16.65 21.20
N TYR D 278 13.29 16.04 22.30
CA TYR D 278 14.71 15.70 22.51
C TYR D 278 15.15 14.31 22.06
N ARG D 279 14.22 13.37 22.01
CA ARG D 279 14.55 11.98 21.68
C ARG D 279 13.78 11.45 20.46
N GLY D 280 12.83 12.21 19.94
CA GLY D 280 12.12 11.76 18.75
C GLY D 280 11.04 10.68 18.88
N ASP D 281 10.53 10.44 20.09
CA ASP D 281 9.33 9.61 20.26
C ASP D 281 8.68 9.96 21.61
N TYR D 282 7.42 9.54 21.79
CA TYR D 282 6.73 9.64 23.09
C TYR D 282 7.40 8.74 24.13
N PRO D 283 7.23 9.05 25.43
CA PRO D 283 7.83 8.22 26.48
C PRO D 283 7.25 6.81 26.46
N GLU D 284 8.07 5.84 26.90
CA GLU D 284 7.72 4.42 26.80
C GLU D 284 6.37 4.05 27.39
N LEU D 285 6.08 4.47 28.61
CA LEU D 285 4.81 4.14 29.26
C LEU D 285 3.62 4.84 28.62
N VAL D 286 3.86 6.01 28.06
CA VAL D 286 2.80 6.64 27.35
C VAL D 286 2.44 5.81 26.10
N LEU D 287 3.42 5.31 25.37
CA LEU D 287 3.12 4.52 24.17
CA LEU D 287 3.11 4.52 24.17
C LEU D 287 2.40 3.24 24.54
N GLU D 288 2.86 2.60 25.61
CA GLU D 288 2.22 1.38 26.09
C GLU D 288 0.72 1.57 26.34
N PHE D 289 0.33 2.72 26.89
CA PHE D 289 -1.09 2.98 27.21
C PHE D 289 -1.86 3.66 26.05
N ALA D 290 -1.17 4.49 25.27
CA ALA D 290 -1.88 5.37 24.35
C ALA D 290 -1.55 5.23 22.88
N ARG D 291 -0.70 4.26 22.52
CA ARG D 291 -0.33 4.10 21.10
C ARG D 291 -1.57 3.98 20.23
N GLU D 292 -2.59 3.29 20.75
CA GLU D 292 -3.83 3.06 20.00
C GLU D 292 -4.59 4.38 19.67
N TYR D 293 -4.33 5.44 20.43
CA TYR D 293 -5.06 6.73 20.27
C TYR D 293 -4.33 7.72 19.38
N LEU D 294 -3.04 7.49 19.20
CA LEU D 294 -2.24 8.36 18.34
C LEU D 294 -2.57 8.13 16.87
N PRO D 295 -2.32 9.14 16.00
CA PRO D 295 -2.52 8.92 14.58
C PRO D 295 -1.62 7.80 14.09
N GLU D 296 -2.10 7.06 13.10
CA GLU D 296 -1.38 5.86 12.67
C GLU D 296 0.16 6.05 12.43
N ASN D 297 0.51 6.98 11.57
CA ASN D 297 1.92 7.16 11.22
C ASN D 297 2.51 8.38 11.93
N TYR D 298 2.09 8.55 13.19
CA TYR D 298 2.49 9.71 13.96
C TYR D 298 4.02 9.82 13.96
N LYS D 299 4.72 8.69 13.90
CA LYS D 299 6.16 8.77 14.11
C LYS D 299 6.83 9.48 12.93
N ASP D 300 6.19 9.43 11.76
CA ASP D 300 6.68 10.18 10.61
C ASP D 300 6.95 11.65 10.90
N ASP D 301 6.24 12.20 11.89
CA ASP D 301 6.30 13.64 12.19
C ASP D 301 7.39 13.99 13.18
N MET D 302 8.00 12.99 13.78
CA MET D 302 8.94 13.20 14.87
C MET D 302 10.20 13.94 14.47
N SER D 303 10.69 13.74 13.24
CA SER D 303 11.90 14.45 12.83
CA SER D 303 11.89 14.45 12.83
C SER D 303 11.65 15.96 12.88
N GLU D 304 10.48 16.40 12.40
CA GLU D 304 10.19 17.84 12.37
C GLU D 304 9.94 18.33 13.79
N ILE D 305 9.33 17.48 14.60
CA ILE D 305 9.07 17.83 16.03
C ILE D 305 10.37 18.10 16.81
N GLN D 306 11.49 17.57 16.32
CA GLN D 306 12.74 17.73 17.05
C GLN D 306 13.42 19.10 16.84
N GLU D 307 12.77 20.00 16.11
CA GLU D 307 13.27 21.35 15.96
C GLU D 307 13.89 21.86 17.25
N LYS D 308 15.10 22.42 17.19
CA LYS D 308 15.82 22.83 18.41
C LYS D 308 15.10 23.96 19.17
N ILE D 309 14.93 23.83 20.50
CA ILE D 309 14.38 24.94 21.28
C ILE D 309 15.48 25.57 22.14
N ASP D 310 15.25 26.77 22.66
CA ASP D 310 16.27 27.48 23.44
C ASP D 310 16.11 27.34 24.97
N PHE D 311 14.88 27.15 25.41
CA PHE D 311 14.63 26.96 26.83
C PHE D 311 13.38 26.16 27.08
N VAL D 312 13.28 25.61 28.28
CA VAL D 312 12.05 24.94 28.73
C VAL D 312 11.45 25.75 29.87
N GLY D 313 10.15 26.04 29.77
CA GLY D 313 9.42 26.67 30.86
C GLY D 313 8.68 25.59 31.63
N LEU D 314 8.88 25.55 32.94
CA LEU D 314 8.12 24.63 33.77
C LEU D 314 7.21 25.43 34.73
N ASN D 315 5.96 25.03 34.75
CA ASN D 315 5.01 25.56 35.71
C ASN D 315 4.92 24.53 36.82
N TYR D 316 4.83 24.99 38.06
CA TYR D 316 4.74 24.08 39.16
C TYR D 316 3.89 24.66 40.29
N TYR D 317 2.94 23.86 40.78
CA TYR D 317 2.07 24.26 41.87
C TYR D 317 1.91 23.28 43.03
N SER D 318 1.87 21.99 42.74
CA SER D 318 1.48 21.05 43.77
CA SER D 318 1.38 21.01 43.70
C SER D 318 2.10 19.67 43.63
N GLY D 319 2.01 18.90 44.72
CA GLY D 319 2.48 17.53 44.77
C GLY D 319 1.32 16.60 45.06
N HIS D 320 1.47 15.35 44.61
CA HIS D 320 0.39 14.37 44.65
C HIS D 320 0.87 12.98 45.05
N LEU D 321 0.18 12.37 46.01
CA LEU D 321 0.48 11.00 46.40
C LEU D 321 -0.36 10.10 45.49
N VAL D 322 0.31 9.15 44.84
CA VAL D 322 -0.27 8.34 43.77
CA VAL D 322 -0.39 8.31 43.88
C VAL D 322 -0.18 6.84 44.12
N LYS D 323 -1.23 6.09 43.82
CA LYS D 323 -1.17 4.64 44.00
C LYS D 323 -1.74 3.93 42.80
N PHE D 324 -1.24 2.72 42.56
CA PHE D 324 -1.86 1.84 41.60
C PHE D 324 -3.27 1.51 42.07
N ASP D 325 -4.23 1.63 41.18
CA ASP D 325 -5.63 1.39 41.52
C ASP D 325 -6.33 0.65 40.38
N PRO D 326 -6.75 -0.60 40.65
CA PRO D 326 -7.33 -1.46 39.62
C PRO D 326 -8.60 -0.87 38.99
N ASP D 327 -9.37 -0.12 39.78
CA ASP D 327 -10.65 0.41 39.32
C ASP D 327 -10.60 1.83 38.76
N ALA D 328 -9.44 2.48 38.87
CA ALA D 328 -9.27 3.84 38.37
C ALA D 328 -9.08 3.87 36.86
N PRO D 329 -9.57 4.94 36.23
CA PRO D 329 -9.69 5.03 34.78
C PRO D 329 -8.37 4.84 34.02
N ALA D 330 -7.24 5.19 34.63
CA ALA D 330 -5.94 4.85 34.02
C ALA D 330 -5.14 3.91 34.92
N LYS D 331 -5.82 3.34 35.91
CA LYS D 331 -5.21 2.42 36.87
C LYS D 331 -4.35 3.17 37.89
N VAL D 332 -4.61 4.46 38.04
CA VAL D 332 -3.93 5.30 39.00
C VAL D 332 -4.96 6.11 39.78
N SER D 333 -4.79 6.19 41.08
CA SER D 333 -5.62 7.12 41.84
C SER D 333 -4.75 7.93 42.78
N PHE D 334 -5.19 9.15 43.08
CA PHE D 334 -4.49 9.98 44.02
C PHE D 334 -4.89 9.60 45.44
N VAL D 335 -4.04 9.88 46.40
CA VAL D 335 -4.35 9.66 47.79
C VAL D 335 -4.11 10.94 48.57
N GLU D 336 -5.17 11.48 49.17
CA GLU D 336 -5.05 12.69 49.99
C GLU D 336 -4.09 12.52 51.16
N ARG D 337 -3.35 13.58 51.44
CA ARG D 337 -2.44 13.60 52.56
C ARG D 337 -2.83 14.73 53.50
N ASP D 338 -2.43 14.58 54.75
CA ASP D 338 -2.64 15.61 55.72
C ASP D 338 -1.51 16.64 55.62
N LEU D 339 -1.48 17.37 54.51
CA LEU D 339 -0.51 18.44 54.31
C LEU D 339 -1.22 19.78 54.14
N PRO D 340 -0.51 20.89 54.39
CA PRO D 340 -1.02 22.21 54.11
C PRO D 340 -1.54 22.29 52.68
N LYS D 341 -2.72 22.90 52.50
CA LYS D 341 -3.33 22.96 51.17
C LYS D 341 -3.69 24.38 50.84
N THR D 342 -3.78 24.70 49.56
CA THR D 342 -4.20 26.06 49.20
C THR D 342 -5.72 26.03 49.08
N ALA D 343 -6.29 27.14 48.66
CA ALA D 343 -7.76 27.26 48.56
C ALA D 343 -8.33 26.37 47.46
N MET D 344 -7.44 25.81 46.64
CA MET D 344 -7.82 24.87 45.58
C MET D 344 -7.92 23.48 46.17
N GLY D 345 -7.38 23.31 47.37
CA GLY D 345 -7.31 21.99 47.98
C GLY D 345 -6.02 21.27 47.57
N TRP D 346 -5.11 21.97 46.88
CA TRP D 346 -3.90 21.29 46.42
C TRP D 346 -2.85 21.31 47.51
N GLU D 347 -2.17 20.20 47.67
CA GLU D 347 -1.13 20.13 48.68
C GLU D 347 0.10 20.97 48.37
N ILE D 348 0.65 21.62 49.40
CA ILE D 348 1.80 22.48 49.22
C ILE D 348 3.02 21.65 49.53
N VAL D 349 3.79 21.38 48.49
CA VAL D 349 4.96 20.52 48.59
C VAL D 349 6.10 21.22 47.88
N PRO D 350 6.80 22.14 48.58
CA PRO D 350 7.75 23.00 47.93
C PRO D 350 8.93 22.22 47.39
N GLU D 351 9.25 21.08 47.99
CA GLU D 351 10.40 20.33 47.48
C GLU D 351 10.14 19.80 46.09
N GLY D 352 8.87 19.76 45.68
CA GLY D 352 8.56 19.33 44.32
C GLY D 352 9.12 20.24 43.24
N ILE D 353 9.33 21.52 43.57
CA ILE D 353 9.87 22.43 42.53
C ILE D 353 11.34 22.12 42.34
N TYR D 354 12.01 21.75 43.42
CA TYR D 354 13.40 21.33 43.35
C TYR D 354 13.45 20.01 42.57
N TRP D 355 12.58 19.07 42.94
CA TRP D 355 12.56 17.79 42.23
C TRP D 355 12.34 18.01 40.72
N ILE D 356 11.32 18.77 40.33
CA ILE D 356 11.07 18.90 38.87
C ILE D 356 12.22 19.56 38.08
N LEU D 357 12.85 20.56 38.70
CA LEU D 357 14.01 21.25 38.11
C LEU D 357 15.19 20.27 37.97
N LYS D 358 15.49 19.55 39.05
CA LYS D 358 16.57 18.56 39.01
C LYS D 358 16.28 17.51 37.96
N LYS D 359 15.04 17.04 37.94
CA LYS D 359 14.59 15.99 37.08
C LYS D 359 14.66 16.40 35.61
N VAL D 360 14.30 17.64 35.26
CA VAL D 360 14.39 17.97 33.83
C VAL D 360 15.87 18.08 33.40
N LYS D 361 16.73 18.58 34.30
CA LYS D 361 18.17 18.66 34.01
C LYS D 361 18.64 17.26 33.74
N GLU D 362 18.25 16.35 34.63
CA GLU D 362 18.72 14.99 34.54
C GLU D 362 18.22 14.27 33.32
N GLU D 363 16.97 14.49 32.92
CA GLU D 363 16.41 13.68 31.84
C GLU D 363 16.66 14.25 30.46
N TYR D 364 16.68 15.58 30.33
CA TYR D 364 16.76 16.19 28.98
C TYR D 364 17.87 17.23 28.84
N ASN D 365 18.43 17.64 29.98
CA ASN D 365 19.47 18.67 30.06
C ASN D 365 19.24 19.84 29.09
N PRO D 366 18.06 20.52 29.20
CA PRO D 366 17.92 21.70 28.36
C PRO D 366 18.95 22.80 28.71
N PRO D 367 19.30 23.67 27.74
CA PRO D 367 20.35 24.64 28.00
C PRO D 367 19.93 25.68 29.01
N GLU D 368 18.62 25.97 29.04
CA GLU D 368 18.06 27.01 29.93
C GLU D 368 16.71 26.53 30.41
N VAL D 369 16.41 26.88 31.66
CA VAL D 369 15.13 26.54 32.20
C VAL D 369 14.57 27.78 32.87
N TYR D 370 13.26 27.98 32.75
CA TYR D 370 12.60 29.01 33.58
C TYR D 370 11.48 28.37 34.36
N ILE D 371 11.20 28.86 35.57
CA ILE D 371 9.93 28.55 36.18
C ILE D 371 8.98 29.63 35.66
N THR D 372 8.05 29.22 34.80
CA THR D 372 7.22 30.19 34.09
C THR D 372 5.90 30.49 34.83
N GLU D 373 5.61 29.68 35.87
CA GLU D 373 4.44 29.92 36.79
C GLU D 373 4.73 29.20 38.08
N ASN D 374 4.50 29.89 39.20
CA ASN D 374 4.43 29.24 40.52
C ASN D 374 3.62 30.18 41.37
N GLY D 375 2.66 29.66 42.13
CA GLY D 375 1.80 30.61 42.87
C GLY D 375 0.73 29.85 43.62
N ALA D 376 -0.19 30.54 44.29
CA ALA D 376 -1.17 29.86 45.09
C ALA D 376 -2.47 30.68 45.18
N ALA D 377 -3.59 29.98 45.21
CA ALA D 377 -4.87 30.61 45.57
C ALA D 377 -5.10 30.49 47.05
N PHE D 378 -5.46 31.62 47.66
CA PHE D 378 -5.89 31.64 49.06
C PHE D 378 -7.09 32.57 49.12
N ASP D 379 -7.85 32.48 50.20
CA ASP D 379 -9.04 33.30 50.23
CA ASP D 379 -9.07 33.25 50.41
C ASP D 379 -8.71 34.63 50.91
N ASP D 380 -8.19 35.50 50.06
CA ASP D 380 -7.68 36.80 50.43
C ASP D 380 -8.85 37.69 50.75
N VAL D 381 -8.69 38.47 51.81
CA VAL D 381 -9.64 39.52 52.21
C VAL D 381 -8.90 40.85 52.45
N VAL D 382 -9.54 41.94 52.09
CA VAL D 382 -9.02 43.25 52.45
C VAL D 382 -9.39 43.47 53.91
N SER D 383 -8.39 43.62 54.76
CA SER D 383 -8.71 43.86 56.16
C SER D 383 -9.08 45.33 56.41
N GLU D 384 -9.51 45.61 57.64
CA GLU D 384 -9.93 46.96 58.01
C GLU D 384 -8.86 48.03 57.82
N ASP D 385 -7.57 47.66 57.86
CA ASP D 385 -6.50 48.64 57.63
C ASP D 385 -6.27 48.94 56.15
N GLY D 386 -7.07 48.31 55.29
CA GLY D 386 -7.02 48.58 53.85
C GLY D 386 -5.98 47.77 53.13
N ARG D 387 -5.32 46.90 53.88
CA ARG D 387 -4.30 46.03 53.29
C ARG D 387 -4.75 44.56 53.09
N VAL D 388 -3.97 43.77 52.33
CA VAL D 388 -4.25 42.33 52.21
C VAL D 388 -3.07 41.57 52.77
N HIS D 389 -3.25 41.03 53.97
CA HIS D 389 -2.13 40.39 54.67
C HIS D 389 -2.05 38.91 54.34
N ASP D 390 -1.54 38.60 53.15
CA ASP D 390 -1.62 37.24 52.65
C ASP D 390 -0.33 36.51 52.97
N GLN D 391 -0.04 36.36 54.26
CA GLN D 391 1.19 35.70 54.61
C GLN D 391 1.23 34.26 54.08
N ASN D 392 0.08 33.61 53.94
CA ASN D 392 0.12 32.25 53.42
C ASN D 392 0.75 32.24 52.02
N ARG D 393 0.45 33.25 51.21
CA ARG D 393 1.09 33.36 49.90
C ARG D 393 2.58 33.66 50.01
N ILE D 394 2.97 34.52 50.96
CA ILE D 394 4.39 34.83 51.06
C ILE D 394 5.10 33.54 51.43
N ASP D 395 4.54 32.80 52.36
CA ASP D 395 5.24 31.61 52.79
C ASP D 395 5.31 30.55 51.71
N TYR D 396 4.25 30.44 50.92
CA TYR D 396 4.26 29.57 49.74
C TYR D 396 5.38 29.95 48.77
N LEU D 397 5.45 31.22 48.41
CA LEU D 397 6.42 31.71 47.43
C LEU D 397 7.85 31.56 47.95
N LYS D 398 8.05 31.98 49.20
CA LYS D 398 9.39 31.90 49.83
C LYS D 398 9.91 30.46 49.83
N ALA D 399 9.06 29.50 50.16
CA ALA D 399 9.50 28.11 50.23
C ALA D 399 9.90 27.60 48.87
N HIS D 400 9.08 27.91 47.86
CA HIS D 400 9.38 27.44 46.50
C HIS D 400 10.59 28.15 45.93
N ILE D 401 10.71 29.45 46.18
CA ILE D 401 11.88 30.20 45.72
C ILE D 401 13.15 29.62 46.35
N GLY D 402 13.11 29.34 47.65
CA GLY D 402 14.27 28.68 48.26
C GLY D 402 14.63 27.32 47.69
N GLN D 403 13.62 26.52 47.33
CA GLN D 403 13.88 25.24 46.67
C GLN D 403 14.43 25.41 45.27
N ALA D 404 13.96 26.41 44.54
CA ALA D 404 14.54 26.70 43.23
C ALA D 404 16.03 27.12 43.37
N TRP D 405 16.35 27.87 44.43
CA TRP D 405 17.74 28.29 44.69
C TRP D 405 18.61 27.06 44.89
N LYS D 406 18.08 26.13 45.66
CA LYS D 406 18.82 24.88 45.95
C LYS D 406 19.14 24.19 44.63
N ALA D 407 18.16 24.16 43.75
CA ALA D 407 18.38 23.58 42.43
C ALA D 407 19.50 24.27 41.67
N ILE D 408 19.57 25.59 41.73
CA ILE D 408 20.62 26.30 41.06
C ILE D 408 22.00 25.94 41.64
N GLN D 409 22.06 25.88 42.96
CA GLN D 409 23.33 25.54 43.64
C GLN D 409 23.83 24.17 43.18
N GLU D 410 22.94 23.32 42.69
CA GLU D 410 23.29 21.98 42.23
C GLU D 410 23.40 21.86 40.72
N GLY D 411 23.38 22.97 40.00
CA GLY D 411 23.77 22.93 38.61
C GLY D 411 22.66 23.08 37.61
N VAL D 412 21.41 23.18 38.09
CA VAL D 412 20.28 23.39 37.16
C VAL D 412 20.37 24.80 36.60
N PRO D 413 20.31 24.95 35.26
CA PRO D 413 20.48 26.26 34.64
C PRO D 413 19.18 27.06 34.63
N LEU D 414 18.70 27.32 35.82
CA LEU D 414 17.47 28.10 36.02
C LEU D 414 17.78 29.58 35.83
N LYS D 415 17.15 30.20 34.84
CA LYS D 415 17.50 31.56 34.46
C LYS D 415 16.50 32.59 34.98
N GLY D 416 15.36 32.13 35.47
CA GLY D 416 14.28 33.07 35.82
C GLY D 416 13.12 32.37 36.50
N TYR D 417 12.31 33.19 37.16
CA TYR D 417 11.21 32.69 37.97
C TYR D 417 10.09 33.71 37.82
N PHE D 418 8.92 33.22 37.40
CA PHE D 418 7.71 34.05 37.27
C PHE D 418 6.63 33.68 38.27
N VAL D 419 6.17 34.65 39.05
CA VAL D 419 5.00 34.41 39.93
C VAL D 419 3.71 34.40 39.11
N TRP D 420 2.92 33.34 39.25
CA TRP D 420 1.52 33.41 38.80
C TRP D 420 0.68 33.84 40.03
N SER D 421 -0.03 34.98 39.99
CA SER D 421 -0.16 35.90 38.84
C SER D 421 0.09 37.32 39.36
N LEU D 422 0.33 38.27 38.47
CA LEU D 422 0.34 39.69 38.89
C LEU D 422 -1.01 40.05 39.52
N LEU D 423 -2.11 39.53 38.92
CA LEU D 423 -3.47 39.99 39.28
C LEU D 423 -4.33 38.82 39.63
N ASP D 424 -5.24 39.01 40.60
CA ASP D 424 -6.34 38.08 40.73
C ASP D 424 -7.07 38.15 39.40
N ASN D 425 -7.58 37.03 38.92
CA ASN D 425 -8.19 36.99 37.60
C ASN D 425 -9.20 35.84 37.42
N PHE D 426 -9.70 35.69 36.18
CA PHE D 426 -10.60 34.61 35.78
C PHE D 426 -9.86 33.26 35.73
N GLU D 427 -10.07 32.45 36.77
CA GLU D 427 -9.39 31.14 36.92
C GLU D 427 -10.15 30.04 36.17
N TRP D 428 -10.29 30.25 34.86
CA TRP D 428 -10.86 29.22 33.99
C TRP D 428 -12.16 28.63 34.57
N ALA D 429 -12.27 27.31 34.71
CA ALA D 429 -13.58 26.75 35.10
C ALA D 429 -13.98 27.14 36.54
N GLU D 430 -13.02 27.64 37.32
CA GLU D 430 -13.31 28.15 38.66
C GLU D 430 -13.81 29.57 38.68
N GLY D 431 -13.75 30.26 37.53
CA GLY D 431 -14.18 31.65 37.54
C GLY D 431 -13.40 32.53 38.47
N TYR D 432 -14.05 33.57 38.99
CA TYR D 432 -13.32 34.55 39.78
C TYR D 432 -13.11 34.12 41.20
N SER D 433 -13.56 32.91 41.55
CA SER D 433 -13.61 32.48 42.95
C SER D 433 -12.22 32.12 43.50
N LYS D 434 -11.23 32.01 42.62
CA LYS D 434 -9.89 31.63 43.10
C LYS D 434 -8.93 32.74 42.76
N ARG D 435 -8.28 33.28 43.79
CA ARG D 435 -7.45 34.47 43.64
C ARG D 435 -5.98 34.04 43.74
N PHE D 436 -5.21 34.25 42.65
CA PHE D 436 -3.79 33.90 42.60
C PHE D 436 -2.87 35.12 42.55
N GLY D 437 -3.44 36.32 42.57
CA GLY D 437 -2.64 37.50 42.41
C GLY D 437 -1.67 37.86 43.52
N ILE D 438 -0.68 38.66 43.17
CA ILE D 438 0.09 39.35 44.23
C ILE D 438 -0.53 40.74 44.37
N VAL D 439 -1.45 41.06 43.47
CA VAL D 439 -2.25 42.28 43.49
C VAL D 439 -3.73 41.89 43.53
N TYR D 440 -4.43 42.40 44.55
CA TYR D 440 -5.83 42.09 44.72
C TYR D 440 -6.64 42.97 43.79
N VAL D 441 -7.64 42.37 43.16
CA VAL D 441 -8.57 43.14 42.34
C VAL D 441 -9.97 43.07 42.93
N ASP D 442 -10.51 44.23 43.28
CA ASP D 442 -11.91 44.30 43.71
C ASP D 442 -12.71 44.45 42.43
N TYR D 443 -13.46 43.41 42.07
CA TYR D 443 -14.12 43.37 40.78
C TYR D 443 -15.29 44.33 40.72
N SER D 444 -15.77 44.78 41.87
CA SER D 444 -16.87 45.73 41.79
C SER D 444 -16.42 47.10 41.28
N THR D 445 -15.17 47.49 41.57
CA THR D 445 -14.63 48.83 41.24
C THR D 445 -13.44 48.77 40.27
N GLN D 446 -12.92 47.57 40.05
CA GLN D 446 -11.63 47.35 39.38
C GLN D 446 -10.40 47.92 40.09
N LYS D 447 -10.54 48.30 41.36
CA LYS D 447 -9.40 48.80 42.10
C LYS D 447 -8.38 47.70 42.30
N ARG D 448 -7.11 48.07 42.13
CA ARG D 448 -6.00 47.18 42.42
C ARG D 448 -5.47 47.50 43.81
N ILE D 449 -5.34 46.49 44.66
CA ILE D 449 -4.68 46.68 45.96
C ILE D 449 -3.47 45.72 46.07
N VAL D 450 -2.27 46.28 46.16
CA VAL D 450 -1.07 45.45 46.22
C VAL D 450 -1.14 44.66 47.52
N LYS D 451 -1.04 43.33 47.40
CA LYS D 451 -1.05 42.47 48.59
C LYS D 451 0.32 42.51 49.29
N ASP D 452 0.36 42.13 50.56
CA ASP D 452 1.65 42.06 51.24
C ASP D 452 2.62 41.20 50.41
N SER D 453 2.13 40.14 49.77
CA SER D 453 3.02 39.25 48.97
C SER D 453 3.67 40.00 47.83
N GLY D 454 2.98 41.01 47.30
CA GLY D 454 3.53 41.84 46.22
C GLY D 454 4.64 42.76 46.76
N TYR D 455 4.49 43.26 47.98
CA TYR D 455 5.58 44.09 48.53
C TYR D 455 6.75 43.21 48.94
N TRP D 456 6.43 42.02 49.43
CA TRP D 456 7.45 41.07 49.82
C TRP D 456 8.25 40.67 48.58
N TYR D 457 7.55 40.39 47.49
CA TYR D 457 8.23 39.94 46.25
C TYR D 457 9.14 41.03 45.66
N SER D 458 8.65 42.26 45.67
CA SER D 458 9.47 43.41 45.35
C SER D 458 10.81 43.41 46.09
N ASN D 459 10.77 43.06 47.36
CA ASN D 459 12.03 42.98 48.11
C ASN D 459 12.93 41.85 47.63
N VAL D 460 12.33 40.71 47.27
CA VAL D 460 13.08 39.58 46.75
C VAL D 460 13.78 40.03 45.47
N VAL D 461 13.06 40.76 44.63
CA VAL D 461 13.63 41.19 43.36
C VAL D 461 14.77 42.18 43.64
N LYS D 462 14.52 43.14 44.52
CA LYS D 462 15.50 44.18 44.81
C LYS D 462 16.80 43.59 45.41
N ASN D 463 16.67 42.49 46.16
CA ASN D 463 17.77 41.82 46.86
C ASN D 463 18.33 40.66 46.01
N ASN D 464 17.69 40.41 44.87
CA ASN D 464 18.01 39.23 44.06
C ASN D 464 18.03 37.94 44.87
N GLY D 465 17.07 37.81 45.77
CA GLY D 465 16.86 36.54 46.43
C GLY D 465 16.30 36.72 47.82
N LEU D 466 16.51 35.71 48.66
CA LEU D 466 15.89 35.65 49.99
C LEU D 466 16.84 36.04 51.11
N GLU D 467 16.33 36.73 52.13
CA GLU D 467 17.09 37.04 53.36
C GLU D 467 16.76 38.42 53.92
#